data_6HG5
#
_entry.id   6HG5
#
_cell.length_a   106.209
_cell.length_b   75.181
_cell.length_c   106.386
_cell.angle_alpha   90.00
_cell.angle_beta   90.52
_cell.angle_gamma   90.00
#
_symmetry.space_group_name_H-M   'P 1 21 1'
#
loop_
_entity.id
_entity.type
_entity.pdbx_description
1 polymer Neuraminidase
2 branched 2-acetamido-2-deoxy-beta-D-glucopyranose-(1-4)-2-acetamido-2-deoxy-beta-D-glucopyranose
3 branched alpha-D-mannopyranose-(1-3)-[alpha-D-mannopyranose-(1-6)]alpha-D-mannopyranose-(1-6)-[alpha-D-mannopyranose-(1-3)]beta-D-mannopyranose-(1-4)-2-acetamido-2-deoxy-beta-D-glucopyranose-(1-4)-2-acetamido-2-deoxy-beta-D-glucopyranose
4 branched alpha-D-mannopyranose-(1-3)-[alpha-D-mannopyranose-(1-6)]alpha-D-mannopyranose-(1-6)-beta-D-mannopyranose-(1-4)-2-acetamido-2-deoxy-beta-D-glucopyranose-(1-4)-2-acetamido-2-deoxy-beta-D-glucopyranose
5 non-polymer 2-acetamido-2-deoxy-beta-D-glucopyranose
6 non-polymer '(3R,4R,5S)-4-(acetylamino)-5-amino-3-(pentan-3-yloxy)cyclohex-1-ene-1-carboxylic acid'
7 non-polymer GLYCEROL
8 non-polymer 'CALCIUM ION'
9 non-polymer 'CARBON DIOXIDE'
10 water water
#
_entity_poly.entity_id   1
_entity_poly.type   'polypeptide(L)'
_entity_poly.pdbx_seq_one_letter_code
;RTFLNLTKPLCEVNSWHILSKDNAIRIGEDAHILVTREPYLSCDPQGCRMFALSQGTTLRGRHANGTIHDRSPFRALISW
EMGQAPSPYNTRVECIGWSSTSCHDGMSRMSICMSGPNNNASAVVWYGGRPITEIPSWAGNILRTQESECVCHKGVCPVV
MTDGPANNRAATKIIYFKEGKIQKIEELAGNAQHIEECSCYGAGGVIKCICRDNWKGANRPVITIDPEMMTHTSKYLCSK
VLTDTSRPNDPTNGNCDAPITGGSPDPGVKGFAFLDGENSWLGRTISKDSRSGYEMLKVPNAETDIQSGPISNQVIVNNQ
NWSGYSGAFIDYWANKECFNPCFYVELIRGRPKESSVLWTSNSIVALCGSKKRLGSWSWHDGAEIIYFE
;
_entity_poly.pdbx_strand_id   A,B,C,D
#
# COMPACT_ATOMS: atom_id res chain seq x y z
N ARG A 1 -1.90 5.13 27.22
N ARG A 1 -2.05 3.84 26.51
CA ARG A 1 -3.30 4.84 26.79
CA ARG A 1 -3.45 4.29 26.36
C ARG A 1 -4.19 4.52 27.99
C ARG A 1 -4.23 4.08 27.67
N THR A 2 -5.44 4.94 27.89
N THR A 2 -5.36 4.79 27.76
CA THR A 2 -6.40 4.73 28.95
CA THR A 2 -6.34 4.80 28.90
C THR A 2 -7.77 4.59 28.30
C THR A 2 -7.76 4.65 28.31
N PHE A 3 -8.73 4.05 29.05
CA PHE A 3 -10.09 4.09 28.61
C PHE A 3 -10.56 5.57 28.52
N LEU A 4 -11.24 5.90 27.43
CA LEU A 4 -11.88 7.20 27.24
C LEU A 4 -12.98 7.35 28.28
N ASN A 5 -13.11 8.56 28.85
CA ASN A 5 -14.32 8.91 29.56
C ASN A 5 -14.94 10.12 28.88
N LEU A 6 -16.24 10.30 29.08
CA LEU A 6 -17.00 11.30 28.35
C LEU A 6 -17.26 12.53 29.22
N THR A 7 -16.37 12.88 30.13
CA THR A 7 -16.67 13.97 31.08
C THR A 7 -16.73 15.36 30.42
N LYS A 8 -16.12 15.57 29.26
CA LYS A 8 -16.04 16.93 28.66
C LYS A 8 -17.40 17.38 28.13
N PRO A 9 -17.66 18.69 28.14
CA PRO A 9 -18.84 19.19 27.45
C PRO A 9 -18.67 19.28 25.92
N LEU A 10 -19.78 19.44 25.19
CA LEU A 10 -19.71 19.69 23.79
C LEU A 10 -19.16 21.09 23.55
N CYS A 11 -18.36 21.26 22.49
CA CYS A 11 -17.91 22.58 22.08
C CYS A 11 -19.09 23.38 21.53
N GLU A 12 -18.97 24.68 21.71
CA GLU A 12 -19.85 25.64 21.04
C GLU A 12 -19.67 25.50 19.54
N VAL A 13 -20.78 25.46 18.80
CA VAL A 13 -20.72 25.32 17.37
C VAL A 13 -21.59 26.41 16.74
N ASN A 14 -20.96 27.24 15.89
CA ASN A 14 -21.63 28.29 15.16
C ASN A 14 -21.64 28.05 13.65
N SER A 15 -20.75 27.18 13.11
CA SER A 15 -20.79 26.83 11.71
C SER A 15 -19.99 25.53 11.60
N TRP A 16 -19.83 25.02 10.41
CA TRP A 16 -19.22 23.71 10.18
C TRP A 16 -18.08 23.83 9.16
N HIS A 17 -16.90 23.28 9.53
CA HIS A 17 -15.73 23.32 8.65
C HIS A 17 -15.59 21.92 8.02
N ILE A 18 -15.03 21.93 6.81
CA ILE A 18 -14.73 20.66 6.11
C ILE A 18 -13.64 19.87 6.81
N LEU A 19 -13.91 18.59 7.04
CA LEU A 19 -12.93 17.66 7.66
C LEU A 19 -12.38 16.73 6.60
N SER A 20 -13.25 16.10 5.82
CA SER A 20 -12.75 15.11 4.81
C SER A 20 -13.80 14.96 3.73
N LYS A 21 -13.35 14.52 2.56
CA LYS A 21 -14.20 14.15 1.47
C LYS A 21 -13.39 13.14 0.66
N ASP A 22 -14.03 12.04 0.24
CA ASP A 22 -13.24 11.02 -0.47
C ASP A 22 -13.47 11.00 -1.98
N ASN A 23 -14.51 11.66 -2.53
CA ASN A 23 -14.64 11.72 -3.94
C ASN A 23 -14.60 10.32 -4.60
N ALA A 24 -15.22 9.35 -3.95
CA ALA A 24 -15.01 7.96 -4.29
C ALA A 24 -15.62 7.63 -5.64
N ILE A 25 -16.75 8.25 -6.00
CA ILE A 25 -17.44 7.83 -7.26
C ILE A 25 -16.67 8.45 -8.45
N ARG A 26 -16.23 9.71 -8.32
CA ARG A 26 -15.38 10.33 -9.30
C ARG A 26 -14.11 9.48 -9.55
N ILE A 27 -13.41 9.14 -8.46
CA ILE A 27 -12.21 8.34 -8.61
C ILE A 27 -12.52 6.94 -9.13
N GLY A 28 -13.59 6.34 -8.66
CA GLY A 28 -13.97 5.00 -8.99
C GLY A 28 -14.50 4.82 -10.40
N GLU A 29 -14.69 5.90 -11.12
CA GLU A 29 -15.05 5.81 -12.51
C GLU A 29 -13.95 5.11 -13.31
N ASP A 30 -12.71 5.19 -12.81
CA ASP A 30 -11.50 4.68 -13.54
C ASP A 30 -10.64 3.81 -12.61
N ALA A 31 -10.56 4.06 -11.33
CA ALA A 31 -9.67 3.37 -10.48
C ALA A 31 -10.50 2.27 -9.83
N HIS A 32 -9.83 1.39 -9.14
CA HIS A 32 -10.53 0.20 -8.60
C HIS A 32 -11.07 0.56 -7.22
N ILE A 33 -12.28 1.05 -7.13
CA ILE A 33 -12.87 1.51 -5.90
C ILE A 33 -14.03 0.58 -5.58
N LEU A 34 -14.11 0.17 -4.34
CA LEU A 34 -15.20 -0.77 -3.94
C LEU A 34 -16.55 -0.07 -3.91
N VAL A 35 -17.60 -0.79 -4.29
CA VAL A 35 -18.96 -0.35 -4.10
C VAL A 35 -19.30 -0.46 -2.61
N THR A 36 -19.87 0.64 -2.06
CA THR A 36 -20.22 0.69 -0.61
C THR A 36 -21.63 1.27 -0.44
N ARG A 37 -22.07 1.27 0.81
CA ARG A 37 -23.16 2.13 1.29
C ARG A 37 -23.00 2.07 2.80
N GLU A 38 -23.77 2.89 3.52
CA GLU A 38 -23.81 2.89 4.96
C GLU A 38 -22.48 3.27 5.51
N PRO A 39 -21.87 4.38 5.04
CA PRO A 39 -20.57 4.79 5.54
C PRO A 39 -20.68 5.53 6.86
N TYR A 40 -19.55 5.67 7.52
CA TYR A 40 -19.47 6.52 8.69
C TYR A 40 -17.99 6.85 8.96
N LEU A 41 -17.69 7.60 10.01
CA LEU A 41 -16.33 7.81 10.48
C LEU A 41 -16.29 7.44 11.95
N SER A 42 -15.09 7.09 12.40
CA SER A 42 -14.88 6.83 13.81
C SER A 42 -13.42 7.11 14.07
N CYS A 43 -13.14 7.64 15.25
CA CYS A 43 -11.79 8.08 15.60
C CYS A 43 -11.21 7.22 16.73
N ASP A 44 -9.94 7.41 17.04
CA ASP A 44 -9.20 6.73 18.09
C ASP A 44 -8.02 7.63 18.48
N PRO A 45 -7.15 7.25 19.41
CA PRO A 45 -6.09 8.13 19.81
C PRO A 45 -5.21 8.66 18.68
N GLN A 46 -5.06 7.91 17.59
CA GLN A 46 -4.15 8.26 16.50
C GLN A 46 -4.83 9.15 15.46
N GLY A 47 -6.15 9.14 15.38
CA GLY A 47 -6.76 9.88 14.29
C GLY A 47 -8.18 9.43 14.00
N CYS A 48 -8.67 9.68 12.78
N CYS A 48 -8.56 9.57 12.72
CA CYS A 48 -9.99 9.21 12.42
CA CYS A 48 -9.87 9.27 12.27
C CYS A 48 -9.87 8.39 11.13
C CYS A 48 -9.80 8.33 11.07
N ARG A 49 -10.77 7.42 11.00
CA ARG A 49 -10.91 6.55 9.81
C ARG A 49 -12.32 6.56 9.27
N MET A 50 -12.38 6.26 7.98
CA MET A 50 -13.64 6.06 7.27
C MET A 50 -14.00 4.58 7.32
N PHE A 51 -15.31 4.32 7.40
CA PHE A 51 -15.92 3.02 7.50
C PHE A 51 -17.08 2.91 6.55
N ALA A 52 -17.37 1.72 6.04
CA ALA A 52 -18.58 1.52 5.22
C ALA A 52 -18.79 0.01 5.02
N LEU A 53 -19.96 -0.32 4.53
CA LEU A 53 -20.26 -1.69 4.11
C LEU A 53 -19.96 -1.85 2.65
N SER A 54 -18.90 -2.63 2.34
CA SER A 54 -18.56 -3.01 1.00
C SER A 54 -19.67 -3.93 0.46
N GLN A 55 -19.81 -3.94 -0.84
CA GLN A 55 -20.59 -4.92 -1.56
C GLN A 55 -19.73 -6.00 -2.19
N GLY A 56 -18.39 -6.03 -1.93
CA GLY A 56 -17.61 -7.12 -2.43
C GLY A 56 -17.54 -7.09 -3.96
N THR A 57 -17.33 -5.89 -4.51
CA THR A 57 -17.13 -5.66 -6.00
C THR A 57 -16.56 -4.28 -6.12
N THR A 58 -15.87 -4.03 -7.21
CA THR A 58 -15.62 -2.64 -7.58
C THR A 58 -16.78 -1.99 -8.32
N LEU A 59 -16.73 -0.65 -8.37
CA LEU A 59 -17.75 0.17 -9.00
C LEU A 59 -17.86 -0.04 -10.50
N ARG A 60 -16.74 -0.17 -11.21
CA ARG A 60 -16.78 -0.43 -12.61
C ARG A 60 -16.91 -1.92 -12.94
N GLY A 61 -16.81 -2.78 -11.93
CA GLY A 61 -16.93 -4.20 -12.15
C GLY A 61 -18.35 -4.62 -12.57
N ARG A 62 -18.39 -5.75 -13.27
CA ARG A 62 -19.71 -6.29 -13.67
C ARG A 62 -20.53 -6.60 -12.42
N HIS A 63 -19.88 -6.99 -11.32
CA HIS A 63 -20.65 -7.38 -10.15
C HIS A 63 -21.25 -6.16 -9.44
N ALA A 64 -21.03 -4.92 -9.93
CA ALA A 64 -21.73 -3.74 -9.36
C ALA A 64 -23.21 -3.81 -9.72
N ASN A 65 -23.52 -4.54 -10.79
CA ASN A 65 -24.94 -4.72 -11.22
C ASN A 65 -25.71 -5.38 -10.08
N GLY A 66 -26.74 -4.70 -9.56
CA GLY A 66 -27.58 -5.28 -8.58
C GLY A 66 -27.27 -4.83 -7.17
N THR A 67 -26.33 -3.88 -6.96
CA THR A 67 -25.91 -3.47 -5.64
C THR A 67 -26.89 -2.54 -4.90
N ILE A 68 -28.08 -2.26 -5.44
CA ILE A 68 -29.15 -1.70 -4.60
C ILE A 68 -29.51 -2.69 -3.48
N HIS A 69 -29.29 -4.00 -3.68
CA HIS A 69 -29.67 -5.01 -2.71
C HIS A 69 -28.90 -4.82 -1.42
N ASP A 70 -29.59 -4.98 -0.29
CA ASP A 70 -29.03 -4.64 0.97
C ASP A 70 -28.14 -5.74 1.57
N ARG A 71 -28.62 -6.98 1.54
CA ARG A 71 -28.01 -8.02 2.42
C ARG A 71 -27.55 -9.20 1.56
N SER A 72 -26.25 -9.44 1.53
CA SER A 72 -25.72 -10.54 0.80
C SER A 72 -24.58 -11.11 1.61
N PRO A 73 -24.12 -12.32 1.24
CA PRO A 73 -22.93 -12.87 1.89
C PRO A 73 -21.60 -12.25 1.43
N PHE A 74 -21.67 -11.25 0.54
CA PHE A 74 -20.46 -10.64 -0.05
C PHE A 74 -20.15 -9.30 0.58
N ARG A 75 -20.91 -8.87 1.58
CA ARG A 75 -20.70 -7.61 2.21
C ARG A 75 -19.82 -7.77 3.42
N ALA A 76 -19.15 -6.66 3.72
CA ALA A 76 -18.27 -6.60 4.91
C ALA A 76 -18.11 -5.15 5.35
N LEU A 77 -17.87 -4.96 6.64
CA LEU A 77 -17.47 -3.68 7.18
C LEU A 77 -15.99 -3.52 6.85
N ILE A 78 -15.69 -2.43 6.15
CA ILE A 78 -14.33 -2.06 5.83
C ILE A 78 -14.01 -0.71 6.44
N SER A 79 -12.72 -0.54 6.74
CA SER A 79 -12.24 0.77 7.24
C SER A 79 -11.00 1.16 6.41
N TRP A 80 -10.77 2.46 6.34
CA TRP A 80 -9.61 2.98 5.59
C TRP A 80 -9.23 4.34 6.11
N GLU A 81 -8.03 4.77 5.74
CA GLU A 81 -7.51 6.10 6.16
C GLU A 81 -8.38 7.23 5.63
N MET A 82 -8.70 8.15 6.55
CA MET A 82 -9.66 9.18 6.28
C MET A 82 -9.22 9.96 5.04
N GLY A 83 -10.14 10.09 4.11
CA GLY A 83 -9.95 10.91 2.90
C GLY A 83 -9.61 10.15 1.65
N GLN A 84 -8.96 9.01 1.81
CA GLN A 84 -8.78 8.13 0.63
C GLN A 84 -10.13 7.59 0.21
N ALA A 85 -10.21 7.11 -1.04
CA ALA A 85 -11.37 6.35 -1.44
C ALA A 85 -11.09 4.88 -1.12
N PRO A 86 -12.17 4.08 -0.89
CA PRO A 86 -12.00 2.67 -0.55
C PRO A 86 -11.74 1.79 -1.77
N SER A 87 -10.53 1.25 -1.85
CA SER A 87 -10.15 0.33 -2.86
C SER A 87 -9.93 -1.04 -2.22
N PRO A 88 -9.72 -2.10 -3.04
CA PRO A 88 -9.32 -3.40 -2.54
C PRO A 88 -7.94 -3.39 -1.94
N TYR A 89 -7.17 -2.30 -2.13
CA TYR A 89 -5.79 -2.30 -1.76
C TYR A 89 -5.54 -1.51 -0.47
N ASN A 90 -6.48 -0.68 -0.03
CA ASN A 90 -6.17 0.19 1.11
C ASN A 90 -7.19 0.02 2.26
N THR A 91 -8.02 -1.03 2.21
CA THR A 91 -9.14 -1.22 3.12
C THR A 91 -8.90 -2.42 4.03
N ARG A 92 -9.23 -2.23 5.30
CA ARG A 92 -9.19 -3.27 6.33
C ARG A 92 -10.58 -3.84 6.52
N VAL A 93 -10.70 -5.17 6.48
CA VAL A 93 -11.96 -5.83 6.79
C VAL A 93 -12.08 -5.96 8.30
N GLU A 94 -13.04 -5.23 8.86
CA GLU A 94 -13.33 -5.17 10.29
C GLU A 94 -14.16 -6.40 10.71
N CYS A 95 -15.09 -6.79 9.88
N CYS A 95 -15.17 -6.74 9.90
CA CYS A 95 -15.96 -7.92 10.19
CA CYS A 95 -16.16 -7.77 10.26
C CYS A 95 -16.79 -8.17 8.93
C CYS A 95 -17.06 -8.04 9.04
N ILE A 96 -17.51 -9.30 8.90
CA ILE A 96 -18.31 -9.68 7.75
C ILE A 96 -19.79 -9.50 8.03
N GLY A 97 -20.50 -8.88 7.08
CA GLY A 97 -21.92 -8.73 7.23
C GLY A 97 -22.43 -7.50 6.55
N TRP A 98 -23.68 -7.16 6.89
CA TRP A 98 -24.49 -6.23 6.17
C TRP A 98 -25.16 -5.18 7.06
N SER A 99 -24.73 -5.10 8.33
CA SER A 99 -25.09 -4.01 9.27
C SER A 99 -23.98 -3.92 10.30
N SER A 100 -23.56 -2.71 10.70
CA SER A 100 -22.38 -2.59 11.53
C SER A 100 -22.45 -1.41 12.47
N THR A 101 -21.55 -1.49 13.44
CA THR A 101 -21.12 -0.34 14.20
C THR A 101 -19.68 -0.58 14.62
N SER A 102 -19.02 0.48 15.04
CA SER A 102 -17.64 0.38 15.52
C SER A 102 -17.40 1.55 16.47
N CYS A 103 -16.52 1.35 17.44
CA CYS A 103 -16.03 2.45 18.27
C CYS A 103 -14.81 2.03 19.07
N HIS A 104 -14.01 3.03 19.41
CA HIS A 104 -12.78 2.82 20.07
C HIS A 104 -13.00 3.24 21.52
N ASP A 105 -12.52 2.43 22.45
CA ASP A 105 -12.71 2.72 23.86
C ASP A 105 -11.53 3.41 24.50
N GLY A 106 -10.53 3.81 23.70
CA GLY A 106 -9.31 4.40 24.21
C GLY A 106 -8.17 3.42 24.19
N MET A 107 -8.51 2.12 24.37
CA MET A 107 -7.50 1.03 24.33
C MET A 107 -7.51 0.32 22.97
N SER A 108 -8.67 -0.18 22.57
CA SER A 108 -8.84 -0.90 21.34
C SER A 108 -10.20 -0.61 20.69
N ARG A 109 -10.31 -0.98 19.41
CA ARG A 109 -11.52 -0.82 18.67
C ARG A 109 -12.43 -2.09 18.79
N MET A 110 -13.71 -1.81 19.08
CA MET A 110 -14.79 -2.79 18.96
C MET A 110 -15.50 -2.58 17.62
N SER A 111 -15.67 -3.66 16.83
CA SER A 111 -16.46 -3.59 15.63
C SER A 111 -17.51 -4.72 15.64
N ILE A 112 -18.70 -4.44 15.20
CA ILE A 112 -19.78 -5.40 15.26
C ILE A 112 -20.42 -5.44 13.85
N CYS A 113 -20.55 -6.65 13.31
N CYS A 113 -20.59 -6.65 13.33
CA CYS A 113 -21.30 -6.87 12.08
CA CYS A 113 -21.30 -6.82 12.06
C CYS A 113 -22.40 -7.89 12.30
C CYS A 113 -22.33 -7.95 12.18
N MET A 114 -23.51 -7.71 11.59
CA MET A 114 -24.55 -8.73 11.55
C MET A 114 -24.50 -9.37 10.16
N SER A 115 -24.69 -10.69 10.10
CA SER A 115 -24.83 -11.36 8.85
C SER A 115 -25.86 -12.48 8.96
N GLY A 116 -26.11 -13.16 7.85
CA GLY A 116 -27.05 -14.27 7.84
C GLY A 116 -28.34 -13.95 7.11
N PRO A 117 -29.24 -14.93 7.10
CA PRO A 117 -30.53 -14.79 6.47
C PRO A 117 -31.42 -13.92 7.37
N ASN A 118 -32.51 -13.43 6.77
CA ASN A 118 -33.37 -12.53 7.49
C ASN A 118 -33.91 -13.17 8.79
N ASN A 119 -34.22 -14.46 8.74
CA ASN A 119 -34.86 -15.08 9.84
C ASN A 119 -33.88 -15.67 10.86
N ASN A 120 -32.57 -15.43 10.73
CA ASN A 120 -31.63 -16.19 11.52
C ASN A 120 -30.25 -15.49 11.48
N ALA A 121 -30.28 -14.17 11.57
CA ALA A 121 -29.08 -13.36 11.51
C ALA A 121 -28.36 -13.45 12.87
N SER A 122 -27.07 -13.11 12.88
N SER A 122 -27.06 -13.15 12.86
CA SER A 122 -26.28 -13.10 14.09
CA SER A 122 -26.19 -13.19 14.04
C SER A 122 -25.26 -11.99 14.00
C SER A 122 -25.24 -12.00 14.00
N ALA A 123 -24.89 -11.45 15.17
CA ALA A 123 -23.82 -10.49 15.23
C ALA A 123 -22.56 -11.20 15.68
N VAL A 124 -21.42 -10.70 15.20
CA VAL A 124 -20.15 -11.09 15.74
C VAL A 124 -19.51 -9.78 16.21
N VAL A 125 -19.05 -9.80 17.48
CA VAL A 125 -18.44 -8.67 18.15
C VAL A 125 -16.93 -8.89 18.25
N TRP A 126 -16.17 -7.97 17.61
CA TRP A 126 -14.75 -8.01 17.53
C TRP A 126 -14.18 -6.93 18.47
N TYR A 127 -13.04 -7.23 19.01
CA TYR A 127 -12.32 -6.27 19.84
C TYR A 127 -10.83 -6.44 19.62
N GLY A 128 -10.15 -5.33 19.28
CA GLY A 128 -8.75 -5.39 18.98
C GLY A 128 -8.40 -6.28 17.80
N GLY A 129 -9.36 -6.45 16.88
CA GLY A 129 -9.13 -7.23 15.68
C GLY A 129 -9.39 -8.70 15.83
N ARG A 130 -9.91 -9.13 16.98
CA ARG A 130 -10.21 -10.57 17.22
C ARG A 130 -11.68 -10.73 17.57
N PRO A 131 -12.34 -11.81 17.16
CA PRO A 131 -13.75 -12.03 17.48
C PRO A 131 -13.90 -12.46 18.95
N ILE A 132 -14.82 -11.81 19.68
CA ILE A 132 -15.02 -12.04 21.10
C ILE A 132 -16.33 -12.73 21.45
N THR A 133 -17.45 -12.24 20.89
CA THR A 133 -18.81 -12.61 21.30
C THR A 133 -19.64 -12.80 20.05
N GLU A 134 -20.64 -13.66 20.13
CA GLU A 134 -21.61 -13.78 19.09
C GLU A 134 -22.99 -13.63 19.70
N ILE A 135 -23.92 -13.05 18.95
CA ILE A 135 -25.27 -12.75 19.45
C ILE A 135 -26.28 -13.20 18.39
N PRO A 136 -27.08 -14.23 18.69
CA PRO A 136 -28.09 -14.67 17.73
C PRO A 136 -29.34 -13.79 17.77
N SER A 137 -29.99 -13.71 16.63
CA SER A 137 -31.25 -13.00 16.47
C SER A 137 -32.19 -13.39 17.61
N TRP A 138 -32.88 -12.39 18.17
CA TRP A 138 -33.85 -12.70 19.18
C TRP A 138 -35.28 -12.63 18.63
N ALA A 139 -35.49 -12.05 17.50
CA ALA A 139 -36.85 -11.85 16.98
C ALA A 139 -37.00 -12.44 15.58
N GLY A 140 -35.94 -13.03 15.00
CA GLY A 140 -36.07 -13.67 13.72
C GLY A 140 -36.41 -12.71 12.56
N ASN A 141 -35.91 -11.46 12.59
CA ASN A 141 -36.21 -10.56 11.49
C ASN A 141 -35.17 -9.45 11.39
N ILE A 142 -34.07 -9.82 10.72
CA ILE A 142 -33.01 -8.89 10.34
C ILE A 142 -32.44 -8.18 11.56
N LEU A 143 -31.80 -8.94 12.48
CA LEU A 143 -31.03 -8.36 13.59
C LEU A 143 -30.04 -7.35 12.99
N ARG A 144 -30.00 -6.13 13.54
CA ARG A 144 -29.27 -5.03 12.85
C ARG A 144 -28.91 -3.95 13.84
N THR A 145 -28.06 -3.00 13.38
CA THR A 145 -27.54 -1.99 14.30
C THR A 145 -27.31 -0.63 13.61
N GLN A 146 -26.44 0.16 14.23
CA GLN A 146 -26.52 1.67 14.09
C GLN A 146 -26.19 2.17 12.68
N GLU A 147 -25.21 1.54 12.03
CA GLU A 147 -24.55 2.04 10.81
C GLU A 147 -23.80 3.35 11.03
N SER A 148 -23.41 3.66 12.29
CA SER A 148 -22.45 4.71 12.58
C SER A 148 -21.81 4.36 13.91
N GLU A 149 -20.90 5.18 14.40
CA GLU A 149 -20.09 4.75 15.53
C GLU A 149 -20.89 4.65 16.82
N CYS A 150 -20.46 3.72 17.66
CA CYS A 150 -20.87 3.64 19.07
C CYS A 150 -19.96 4.59 19.84
N VAL A 151 -20.17 4.70 21.15
CA VAL A 151 -19.46 5.59 22.04
C VAL A 151 -19.11 4.81 23.29
N CYS A 152 -17.97 5.07 23.91
CA CYS A 152 -17.52 4.31 25.05
C CYS A 152 -17.20 5.24 26.22
N HIS A 153 -17.44 4.74 27.42
CA HIS A 153 -17.11 5.50 28.65
C HIS A 153 -16.57 4.57 29.72
N LYS A 154 -15.33 4.79 30.12
CA LYS A 154 -14.68 4.00 31.18
C LYS A 154 -14.80 2.51 30.87
N GLY A 155 -14.64 2.19 29.61
CA GLY A 155 -14.55 0.81 29.12
C GLY A 155 -15.88 0.29 28.60
N VAL A 156 -16.99 1.00 28.90
CA VAL A 156 -18.30 0.50 28.56
C VAL A 156 -18.81 1.16 27.31
N CYS A 157 -19.13 0.36 26.32
CA CYS A 157 -19.59 0.87 25.03
C CYS A 157 -21.00 0.35 24.77
N PRO A 158 -22.03 1.18 24.94
CA PRO A 158 -23.39 0.80 24.60
C PRO A 158 -23.62 0.80 23.11
N VAL A 159 -24.45 -0.16 22.64
CA VAL A 159 -24.81 -0.29 21.27
C VAL A 159 -26.29 -0.55 21.16
N VAL A 160 -26.96 0.16 20.27
CA VAL A 160 -28.38 -0.05 20.11
C VAL A 160 -28.62 -0.96 18.91
N MET A 161 -29.41 -2.02 19.09
CA MET A 161 -29.70 -2.97 18.08
C MET A 161 -31.22 -3.16 17.99
N THR A 162 -31.71 -3.55 16.83
CA THR A 162 -33.12 -3.84 16.61
C THR A 162 -33.25 -5.18 15.90
N ASP A 163 -34.34 -5.90 16.17
CA ASP A 163 -34.66 -7.15 15.53
C ASP A 163 -36.18 -7.17 15.46
N GLY A 164 -36.73 -7.31 14.26
CA GLY A 164 -38.15 -7.25 14.12
C GLY A 164 -38.51 -6.45 12.90
N PRO A 165 -39.81 -6.22 12.70
CA PRO A 165 -40.24 -5.52 11.49
C PRO A 165 -39.66 -4.10 11.36
N ALA A 166 -39.48 -3.67 10.13
CA ALA A 166 -39.05 -2.31 9.87
C ALA A 166 -40.25 -1.35 9.77
N ASN A 167 -41.46 -1.90 9.75
CA ASN A 167 -42.71 -1.14 9.48
C ASN A 167 -43.75 -1.38 10.58
N ASN A 168 -43.33 -1.78 11.78
CA ASN A 168 -44.26 -2.10 12.87
C ASN A 168 -43.40 -2.19 14.12
N ARG A 169 -44.02 -2.43 15.28
CA ARG A 169 -43.26 -2.52 16.53
C ARG A 169 -42.21 -3.63 16.37
N ALA A 170 -41.00 -3.37 16.89
CA ALA A 170 -39.86 -4.24 16.82
C ALA A 170 -39.26 -4.37 18.21
N ALA A 171 -38.26 -5.24 18.36
CA ALA A 171 -37.60 -5.55 19.61
C ALA A 171 -36.20 -4.95 19.59
N THR A 172 -36.11 -3.75 20.15
CA THR A 172 -34.88 -3.03 20.27
C THR A 172 -34.27 -3.33 21.62
N LYS A 173 -32.93 -3.51 21.63
N LYS A 173 -32.93 -3.51 21.62
CA LYS A 173 -32.19 -3.71 22.85
CA LYS A 173 -32.18 -3.66 22.83
C LYS A 173 -30.96 -2.81 22.85
C LYS A 173 -30.98 -2.72 22.83
N ILE A 174 -30.56 -2.40 24.06
CA ILE A 174 -29.28 -1.76 24.28
C ILE A 174 -28.37 -2.76 24.97
N ILE A 175 -27.22 -3.01 24.35
CA ILE A 175 -26.28 -3.98 24.81
C ILE A 175 -25.03 -3.21 25.18
N TYR A 176 -24.59 -3.44 26.42
CA TYR A 176 -23.48 -2.75 26.97
C TYR A 176 -22.27 -3.69 26.95
N PHE A 177 -21.22 -3.30 26.22
CA PHE A 177 -20.02 -4.12 25.99
C PHE A 177 -18.84 -3.54 26.77
N LYS A 178 -17.92 -4.40 27.20
CA LYS A 178 -16.62 -3.99 27.70
C LYS A 178 -15.62 -5.03 27.15
N GLU A 179 -14.62 -4.54 26.42
CA GLU A 179 -13.63 -5.43 25.75
C GLU A 179 -14.37 -6.51 24.92
N GLY A 180 -15.48 -6.12 24.29
CA GLY A 180 -16.27 -6.97 23.38
C GLY A 180 -17.18 -8.00 24.09
N LYS A 181 -17.21 -7.99 25.42
N LYS A 181 -17.19 -8.00 25.43
CA LYS A 181 -18.01 -8.92 26.22
CA LYS A 181 -17.99 -8.89 26.27
C LYS A 181 -19.25 -8.21 26.77
C LYS A 181 -19.27 -8.17 26.69
N ILE A 182 -20.39 -8.90 26.76
CA ILE A 182 -21.66 -8.33 27.21
C ILE A 182 -21.60 -8.15 28.71
N GLN A 183 -21.84 -6.91 29.16
CA GLN A 183 -21.99 -6.58 30.54
C GLN A 183 -23.46 -6.55 30.98
N LYS A 184 -24.34 -6.18 30.05
CA LYS A 184 -25.75 -6.03 30.37
C LYS A 184 -26.51 -5.89 29.04
N ILE A 185 -27.73 -6.43 29.01
CA ILE A 185 -28.70 -6.30 27.92
C ILE A 185 -29.94 -5.69 28.52
N GLU A 186 -30.50 -4.66 27.89
CA GLU A 186 -31.74 -3.94 28.27
C GLU A 186 -32.66 -4.00 27.06
N GLU A 187 -33.95 -4.30 27.27
CA GLU A 187 -34.97 -3.94 26.27
C GLU A 187 -35.17 -2.40 26.25
N LEU A 188 -35.53 -1.92 25.07
CA LEU A 188 -35.86 -0.48 24.89
C LEU A 188 -36.98 -0.10 25.84
N ALA A 189 -36.75 0.99 26.57
CA ALA A 189 -37.70 1.61 27.48
C ALA A 189 -38.10 2.99 26.97
N GLY A 190 -39.15 3.58 27.59
CA GLY A 190 -39.60 4.95 27.22
C GLY A 190 -40.53 5.05 26.02
N ASN A 191 -40.69 6.30 25.53
CA ASN A 191 -41.72 6.70 24.66
C ASN A 191 -41.37 6.62 23.17
N ALA A 192 -40.11 6.30 22.80
CA ALA A 192 -39.84 6.05 21.36
C ALA A 192 -40.58 4.78 20.94
N GLN A 193 -41.32 4.82 19.84
CA GLN A 193 -42.16 3.68 19.45
C GLN A 193 -41.43 2.75 18.48
N HIS A 194 -40.37 3.23 17.82
CA HIS A 194 -39.66 2.42 16.85
C HIS A 194 -38.27 3.00 16.73
N ILE A 195 -37.27 2.12 16.64
CA ILE A 195 -35.87 2.59 16.67
C ILE A 195 -35.09 1.88 15.55
N GLU A 196 -34.47 2.67 14.70
CA GLU A 196 -33.52 2.17 13.75
C GLU A 196 -32.28 3.06 13.71
N GLU A 197 -31.13 2.43 13.44
CA GLU A 197 -29.94 3.17 12.88
C GLU A 197 -29.54 4.37 13.74
N CYS A 198 -29.36 4.18 15.03
CA CYS A 198 -29.03 5.29 15.94
C CYS A 198 -27.68 5.93 15.60
N SER A 199 -27.69 7.28 15.68
CA SER A 199 -26.50 8.08 15.60
C SER A 199 -26.16 8.62 16.98
N CYS A 200 -25.01 8.28 17.52
CA CYS A 200 -24.78 8.47 18.94
C CYS A 200 -23.53 9.31 19.17
N TYR A 201 -23.55 10.14 20.25
CA TYR A 201 -22.38 10.87 20.66
C TYR A 201 -22.44 11.07 22.19
N GLY A 202 -21.27 11.28 22.81
CA GLY A 202 -21.12 11.44 24.23
C GLY A 202 -20.69 12.85 24.59
N ALA A 203 -21.16 13.31 25.74
CA ALA A 203 -20.72 14.60 26.32
C ALA A 203 -21.30 14.67 27.73
N GLY A 204 -20.52 15.20 28.66
CA GLY A 204 -21.04 15.37 30.00
C GLY A 204 -21.47 14.06 30.65
N GLY A 205 -20.81 12.95 30.31
CA GLY A 205 -21.06 11.64 30.93
C GLY A 205 -22.31 10.96 30.36
N VAL A 206 -22.95 11.55 29.34
CA VAL A 206 -24.23 11.11 28.79
C VAL A 206 -24.05 10.75 27.33
N ILE A 207 -24.61 9.63 26.91
CA ILE A 207 -24.64 9.28 25.48
C ILE A 207 -26.04 9.53 24.93
N LYS A 208 -26.13 10.30 23.84
CA LYS A 208 -27.42 10.57 23.23
C LYS A 208 -27.37 9.95 21.85
N CYS A 209 -28.42 9.19 21.50
CA CYS A 209 -28.55 8.47 20.22
C CYS A 209 -29.81 9.05 19.57
N ILE A 210 -29.63 9.59 18.36
CA ILE A 210 -30.72 10.20 17.63
C ILE A 210 -30.98 9.23 16.47
N CYS A 211 -32.21 8.73 16.38
CA CYS A 211 -32.45 7.52 15.58
C CYS A 211 -33.46 7.80 14.47
N ARG A 212 -33.95 6.74 13.86
CA ARG A 212 -34.85 6.76 12.76
C ARG A 212 -36.07 5.93 13.21
N ASP A 213 -37.23 6.56 13.32
CA ASP A 213 -38.50 5.81 13.54
C ASP A 213 -38.98 5.49 12.12
N ASN A 214 -38.86 4.24 11.69
CA ASN A 214 -39.26 3.84 10.35
C ASN A 214 -40.71 3.41 10.27
N TRP A 215 -41.43 3.44 11.40
CA TRP A 215 -42.82 3.00 11.45
C TRP A 215 -43.77 4.17 11.20
N LYS A 216 -43.82 5.10 12.15
CA LYS A 216 -44.82 6.19 12.05
C LYS A 216 -44.16 7.58 12.02
N GLY A 217 -43.06 7.79 12.71
CA GLY A 217 -42.65 9.16 13.07
C GLY A 217 -41.71 9.83 12.06
N ALA A 218 -41.98 11.09 11.73
CA ALA A 218 -41.14 11.96 10.93
C ALA A 218 -40.27 12.83 11.84
N ASN A 219 -40.59 12.86 13.14
CA ASN A 219 -39.71 13.31 14.16
C ASN A 219 -38.78 12.15 14.54
N ARG A 220 -37.59 12.46 15.01
CA ARG A 220 -36.59 11.45 15.35
C ARG A 220 -36.62 11.07 16.81
N PRO A 221 -36.60 9.76 17.11
CA PRO A 221 -36.43 9.30 18.47
C PRO A 221 -35.10 9.74 19.02
N VAL A 222 -35.04 9.93 20.31
CA VAL A 222 -33.85 10.19 21.06
C VAL A 222 -33.79 9.19 22.23
N ILE A 223 -32.71 8.40 22.27
CA ILE A 223 -32.40 7.56 23.41
C ILE A 223 -31.28 8.22 24.21
N THR A 224 -31.42 8.34 25.52
CA THR A 224 -30.38 8.92 26.35
C THR A 224 -29.85 7.82 27.27
N ILE A 225 -28.53 7.57 27.20
CA ILE A 225 -27.92 6.40 27.88
C ILE A 225 -26.92 6.89 28.92
N ASP A 226 -27.01 6.36 30.13
CA ASP A 226 -26.03 6.61 31.11
C ASP A 226 -25.11 5.39 31.13
N PRO A 227 -23.87 5.52 30.65
CA PRO A 227 -22.97 4.36 30.56
C PRO A 227 -22.31 3.89 31.85
N GLU A 228 -22.40 4.71 32.91
CA GLU A 228 -21.96 4.28 34.24
C GLU A 228 -23.05 3.40 34.88
N MET A 229 -24.31 3.85 34.83
N MET A 229 -24.31 3.83 34.80
CA MET A 229 -25.43 3.12 35.50
CA MET A 229 -25.42 3.09 35.47
C MET A 229 -26.01 1.99 34.65
C MET A 229 -25.90 1.90 34.67
N MET A 230 -25.55 1.97 33.35
CA MET A 230 -26.00 1.12 32.26
C MET A 230 -27.52 1.11 32.22
N THR A 231 -28.10 2.31 32.12
CA THR A 231 -29.53 2.45 31.93
C THR A 231 -29.84 3.51 30.87
N HIS A 232 -31.11 3.56 30.45
CA HIS A 232 -31.49 4.52 29.42
C HIS A 232 -32.93 4.97 29.59
N THR A 233 -33.26 6.03 28.82
CA THR A 233 -34.60 6.50 28.63
C THR A 233 -34.77 6.79 27.14
N SER A 234 -36.00 6.97 26.69
CA SER A 234 -36.26 7.33 25.33
C SER A 234 -37.51 8.17 25.17
N LYS A 235 -37.50 8.98 24.13
CA LYS A 235 -38.58 9.86 23.72
C LYS A 235 -38.33 10.28 22.28
N TYR A 236 -38.94 11.40 21.85
CA TYR A 236 -38.69 12.00 20.53
C TYR A 236 -38.09 13.40 20.70
N LEU A 237 -37.38 13.85 19.65
CA LEU A 237 -36.99 15.25 19.55
C LEU A 237 -38.25 16.09 19.69
N CYS A 238 -38.18 17.13 20.49
N CYS A 238 -38.16 17.15 20.49
CA CYS A 238 -39.38 17.96 20.76
CA CYS A 238 -39.31 17.98 20.79
C CYS A 238 -39.64 18.91 19.58
C CYS A 238 -39.62 18.91 19.61
N SER A 239 -38.58 19.37 18.90
CA SER A 239 -38.75 20.46 17.96
C SER A 239 -39.81 20.16 16.90
N LYS A 240 -40.47 21.26 16.49
CA LYS A 240 -41.29 21.29 15.29
C LYS A 240 -40.51 21.13 14.00
N VAL A 241 -39.18 21.26 14.04
CA VAL A 241 -38.38 21.10 12.90
C VAL A 241 -38.19 19.57 12.73
N LEU A 242 -38.90 18.98 11.80
CA LEU A 242 -38.87 17.56 11.63
C LEU A 242 -37.67 17.16 10.80
N THR A 243 -37.01 16.05 11.14
CA THR A 243 -35.71 15.76 10.55
C THR A 243 -35.58 14.39 9.91
N ASP A 244 -36.63 13.58 9.85
CA ASP A 244 -36.55 12.34 9.07
C ASP A 244 -36.93 12.64 7.63
N THR A 245 -36.76 11.67 6.73
CA THR A 245 -37.24 11.76 5.37
C THR A 245 -37.88 10.41 5.01
N SER A 246 -39.11 10.37 4.49
CA SER A 246 -39.94 11.54 4.17
C SER A 246 -40.57 12.13 5.42
N ARG A 247 -41.02 13.37 5.30
CA ARG A 247 -41.67 14.08 6.36
C ARG A 247 -42.69 15.03 5.77
N PRO A 248 -43.70 15.42 6.59
CA PRO A 248 -44.62 16.47 6.17
C PRO A 248 -43.91 17.81 6.35
N ASN A 249 -44.58 18.88 5.93
CA ASN A 249 -44.12 20.22 6.27
C ASN A 249 -44.00 20.29 7.80
N ASP A 250 -43.07 21.10 8.28
CA ASP A 250 -42.94 21.28 9.71
C ASP A 250 -44.22 21.88 10.30
N PRO A 251 -44.74 21.26 11.39
CA PRO A 251 -45.97 21.73 12.03
C PRO A 251 -45.67 22.94 12.95
N THR A 252 -46.73 23.46 13.55
CA THR A 252 -46.62 24.61 14.47
C THR A 252 -45.88 24.23 15.75
N ASN A 253 -46.06 22.95 16.14
CA ASN A 253 -45.51 22.41 17.35
C ASN A 253 -45.04 20.97 17.06
N GLY A 254 -43.91 20.64 17.65
CA GLY A 254 -43.41 19.27 17.63
C GLY A 254 -44.13 18.45 18.72
N ASN A 255 -43.59 17.26 18.94
CA ASN A 255 -44.15 16.31 19.95
C ASN A 255 -42.99 15.49 20.56
N CYS A 256 -42.74 15.69 21.86
N CYS A 256 -42.70 15.65 21.83
CA CYS A 256 -41.64 15.07 22.61
CA CYS A 256 -41.53 14.98 22.37
C CYS A 256 -41.91 13.56 22.86
C CYS A 256 -41.92 13.67 23.05
N ASP A 257 -43.16 13.18 22.85
CA ASP A 257 -43.52 11.90 23.41
C ASP A 257 -44.44 11.06 22.52
N ALA A 258 -44.56 11.42 21.23
CA ALA A 258 -45.22 10.58 20.27
C ALA A 258 -44.70 10.85 18.85
N PRO A 259 -44.78 9.89 17.94
CA PRO A 259 -44.42 10.11 16.54
C PRO A 259 -45.41 11.06 15.88
N ILE A 260 -44.86 11.94 15.07
CA ILE A 260 -45.62 12.79 14.19
C ILE A 260 -45.66 12.14 12.84
N THR A 261 -46.88 11.84 12.38
CA THR A 261 -47.05 11.01 11.17
C THR A 261 -47.11 11.89 9.94
N GLY A 262 -46.96 11.25 8.78
CA GLY A 262 -47.05 11.97 7.54
C GLY A 262 -45.78 11.86 6.72
N GLY A 263 -45.84 12.47 5.56
CA GLY A 263 -44.70 12.41 4.65
C GLY A 263 -44.89 11.30 3.65
N SER A 264 -44.29 11.46 2.48
CA SER A 264 -44.39 10.50 1.38
C SER A 264 -43.17 10.66 0.50
N PRO A 265 -42.59 9.61 -0.08
CA PRO A 265 -43.08 8.22 -0.03
C PRO A 265 -42.24 7.32 0.88
N ASP A 266 -41.31 7.84 1.66
N ASP A 266 -41.13 7.84 1.45
CA ASP A 266 -40.40 6.93 2.21
CA ASP A 266 -39.98 7.15 2.19
C ASP A 266 -40.48 6.98 3.71
C ASP A 266 -40.45 6.99 3.65
N PRO A 267 -40.31 5.82 4.34
CA PRO A 267 -40.51 5.73 5.78
C PRO A 267 -39.43 6.31 6.72
N GLY A 268 -38.23 6.57 6.21
CA GLY A 268 -37.19 7.04 7.04
C GLY A 268 -35.84 7.04 6.36
N VAL A 269 -34.88 7.69 7.03
CA VAL A 269 -33.49 7.73 6.65
C VAL A 269 -32.72 7.86 7.96
N LYS A 270 -31.54 7.28 8.03
CA LYS A 270 -30.66 7.52 9.16
C LYS A 270 -30.23 8.96 9.18
N GLY A 271 -30.26 9.55 10.38
CA GLY A 271 -29.85 10.92 10.59
C GLY A 271 -29.29 11.10 11.94
N PHE A 272 -29.18 12.37 12.35
CA PHE A 272 -28.46 12.68 13.61
C PHE A 272 -28.83 14.09 14.08
N ALA A 273 -28.45 14.39 15.34
CA ALA A 273 -28.50 15.70 15.84
C ALA A 273 -27.55 15.78 17.02
N PHE A 274 -27.11 17.02 17.31
CA PHE A 274 -26.41 17.36 18.53
C PHE A 274 -27.28 18.23 19.40
N LEU A 275 -27.51 17.78 20.63
CA LEU A 275 -28.53 18.35 21.49
C LEU A 275 -27.82 18.86 22.73
N ASP A 276 -27.75 20.18 22.85
CA ASP A 276 -26.99 20.75 23.96
C ASP A 276 -27.58 22.12 24.31
N GLY A 277 -28.88 22.15 24.61
CA GLY A 277 -29.58 23.41 24.95
C GLY A 277 -29.55 24.40 23.80
N GLU A 278 -29.03 25.59 24.05
CA GLU A 278 -28.98 26.58 23.00
C GLU A 278 -28.06 26.12 21.87
N ASN A 279 -27.04 25.31 22.21
CA ASN A 279 -26.04 24.82 21.32
C ASN A 279 -26.53 23.53 20.66
N SER A 280 -27.69 23.55 20.01
CA SER A 280 -28.26 22.38 19.37
C SER A 280 -28.33 22.52 17.84
N TRP A 281 -27.93 21.46 17.14
CA TRP A 281 -27.93 21.45 15.67
C TRP A 281 -28.62 20.18 15.18
N LEU A 282 -29.55 20.38 14.24
CA LEU A 282 -30.26 19.30 13.61
C LEU A 282 -29.82 19.20 12.16
N GLY A 283 -29.46 18.02 11.70
CA GLY A 283 -29.30 17.80 10.24
C GLY A 283 -30.56 17.28 9.63
N ARG A 284 -30.74 17.54 8.33
CA ARG A 284 -31.77 16.84 7.60
C ARG A 284 -31.53 17.01 6.11
N THR A 285 -32.19 16.18 5.31
CA THR A 285 -32.23 16.41 3.86
C THR A 285 -32.99 17.69 3.64
N ILE A 286 -32.62 18.35 2.55
CA ILE A 286 -33.35 19.56 2.19
C ILE A 286 -34.74 19.24 1.70
N SER A 287 -34.85 18.29 0.77
CA SER A 287 -36.13 17.74 0.36
C SER A 287 -36.81 17.07 1.56
N LYS A 288 -38.12 17.34 1.66
CA LYS A 288 -38.92 16.65 2.70
C LYS A 288 -39.37 15.27 2.17
N ASP A 289 -39.28 15.08 0.86
CA ASP A 289 -39.75 13.83 0.23
C ASP A 289 -38.60 12.83 0.03
N SER A 290 -37.47 13.33 -0.44
CA SER A 290 -36.40 12.47 -1.07
C SER A 290 -35.07 12.74 -0.37
N ARG A 291 -34.13 11.84 -0.60
CA ARG A 291 -32.79 11.98 -0.09
C ARG A 291 -31.94 12.88 -1.00
N SER A 292 -32.36 14.14 -1.11
N SER A 292 -32.31 14.15 -0.95
CA SER A 292 -31.62 15.14 -1.87
CA SER A 292 -31.78 15.20 -1.79
C SER A 292 -31.39 16.35 -0.97
C SER A 292 -31.37 16.35 -0.87
N GLY A 293 -30.20 16.92 -1.13
CA GLY A 293 -29.70 18.01 -0.33
C GLY A 293 -29.36 17.62 1.08
N TYR A 294 -28.70 18.55 1.80
CA TYR A 294 -28.45 18.31 3.22
C TYR A 294 -28.18 19.64 3.83
N GLU A 295 -28.84 19.90 4.99
CA GLU A 295 -28.71 21.19 5.66
C GLU A 295 -28.51 20.93 7.14
N MET A 296 -27.75 21.82 7.77
CA MET A 296 -27.60 21.89 9.20
C MET A 296 -28.41 23.11 9.67
N LEU A 297 -29.20 22.89 10.73
CA LEU A 297 -30.06 23.93 11.30
C LEU A 297 -29.69 24.05 12.75
N LYS A 298 -29.43 25.29 13.21
CA LYS A 298 -29.21 25.47 14.61
C LYS A 298 -30.58 25.78 15.22
N VAL A 299 -31.01 24.89 16.12
CA VAL A 299 -32.36 24.90 16.68
C VAL A 299 -32.22 24.85 18.20
N PRO A 300 -32.08 26.05 18.81
CA PRO A 300 -31.92 26.13 20.26
C PRO A 300 -33.05 25.35 20.95
N ASN A 301 -32.66 24.53 21.92
CA ASN A 301 -33.60 23.76 22.77
C ASN A 301 -34.47 22.80 21.97
N ALA A 302 -33.97 22.32 20.84
CA ALA A 302 -34.68 21.30 20.02
C ALA A 302 -35.10 20.09 20.90
N GLU A 303 -34.29 19.77 21.91
CA GLU A 303 -34.53 18.58 22.74
C GLU A 303 -35.73 18.76 23.65
N THR A 304 -36.13 20.00 23.95
CA THR A 304 -37.04 20.27 25.07
C THR A 304 -38.23 21.16 24.71
N ASP A 305 -38.20 21.85 23.57
CA ASP A 305 -39.21 22.87 23.30
C ASP A 305 -39.89 22.59 21.96
N ILE A 306 -41.22 22.32 22.05
CA ILE A 306 -41.93 21.93 20.91
C ILE A 306 -42.02 23.05 19.90
N GLN A 307 -41.78 24.28 20.31
CA GLN A 307 -41.94 25.42 19.44
C GLN A 307 -40.60 25.86 18.88
N SER A 308 -39.51 25.16 19.22
CA SER A 308 -38.13 25.55 18.78
C SER A 308 -38.00 25.50 17.25
N GLY A 309 -37.45 26.60 16.70
CA GLY A 309 -37.17 26.69 15.29
C GLY A 309 -35.74 27.19 15.03
N PRO A 310 -35.35 27.20 13.76
CA PRO A 310 -33.96 27.48 13.40
C PRO A 310 -33.58 28.95 13.62
N ILE A 311 -32.35 29.16 14.09
CA ILE A 311 -31.77 30.48 14.14
C ILE A 311 -30.60 30.60 13.15
N SER A 312 -30.12 29.48 12.59
N SER A 312 -30.17 29.44 12.57
N SER A 312 -30.14 29.40 12.64
CA SER A 312 -29.11 29.65 11.54
CA SER A 312 -28.99 29.43 11.66
CA SER A 312 -29.04 29.28 11.59
C SER A 312 -29.11 28.37 10.72
C SER A 312 -28.80 28.12 10.82
C SER A 312 -29.07 27.92 10.81
N ASN A 313 -28.36 28.42 9.65
N ASN A 313 -28.53 28.38 9.52
CA ASN A 313 -28.31 27.30 8.86
CA ASN A 313 -28.59 27.38 8.47
C ASN A 313 -27.02 27.27 8.07
C ASN A 313 -27.23 27.30 7.77
N GLN A 314 -26.76 26.08 7.55
CA GLN A 314 -25.65 25.88 6.65
C GLN A 314 -26.01 24.77 5.70
N VAL A 315 -26.06 25.11 4.40
CA VAL A 315 -26.25 24.07 3.39
C VAL A 315 -24.95 23.27 3.28
N ILE A 316 -25.05 21.97 3.42
CA ILE A 316 -23.92 21.03 3.28
C ILE A 316 -23.90 20.48 1.85
N VAL A 317 -25.06 20.12 1.33
CA VAL A 317 -25.20 19.58 -0.03
C VAL A 317 -26.41 20.26 -0.64
N ASN A 318 -26.22 20.88 -1.82
CA ASN A 318 -27.36 21.58 -2.39
C ASN A 318 -28.48 20.60 -2.77
N ASN A 319 -29.69 21.17 -2.95
CA ASN A 319 -30.85 20.33 -3.21
C ASN A 319 -30.92 19.91 -4.69
N GLN A 320 -29.89 20.19 -5.49
CA GLN A 320 -29.80 19.63 -6.84
C GLN A 320 -28.96 18.36 -6.81
N ASN A 321 -28.50 17.94 -5.63
CA ASN A 321 -27.61 16.80 -5.49
C ASN A 321 -28.15 15.80 -4.46
N TRP A 322 -27.79 14.52 -4.67
CA TRP A 322 -28.25 13.46 -3.87
C TRP A 322 -27.47 13.42 -2.56
N SER A 323 -28.18 13.11 -1.48
CA SER A 323 -27.56 12.91 -0.19
C SER A 323 -27.79 11.43 0.17
N GLY A 324 -28.20 11.14 1.40
CA GLY A 324 -28.29 9.74 1.90
C GLY A 324 -28.30 9.76 3.40
N TYR A 325 -27.68 8.78 4.05
CA TYR A 325 -27.56 8.68 5.46
C TYR A 325 -26.72 9.82 5.98
N SER A 326 -26.87 10.13 7.26
CA SER A 326 -25.95 11.01 7.95
C SER A 326 -25.84 10.50 9.37
N GLY A 327 -24.73 10.80 10.00
CA GLY A 327 -24.47 10.33 11.32
C GLY A 327 -23.48 11.19 12.05
N ALA A 328 -23.40 10.95 13.36
CA ALA A 328 -22.54 11.66 14.27
C ALA A 328 -21.24 10.87 14.52
N PHE A 329 -20.17 11.64 14.74
CA PHE A 329 -18.98 11.09 15.37
C PHE A 329 -18.25 12.26 16.01
N ILE A 330 -17.37 11.93 16.94
CA ILE A 330 -16.51 12.95 17.55
C ILE A 330 -15.09 12.39 17.64
N ASP A 331 -14.09 13.26 17.46
CA ASP A 331 -12.76 12.90 17.79
C ASP A 331 -12.58 13.18 19.29
N TYR A 332 -12.93 12.15 20.09
CA TYR A 332 -12.86 12.30 21.52
C TYR A 332 -11.45 12.44 22.04
N TRP A 333 -10.44 12.24 21.18
CA TRP A 333 -9.06 12.32 21.59
C TRP A 333 -8.36 13.59 21.11
N ALA A 334 -9.14 14.57 20.64
CA ALA A 334 -8.56 15.83 20.24
C ALA A 334 -7.97 16.54 21.46
N ASN A 335 -7.06 17.47 21.17
CA ASN A 335 -6.43 18.29 22.21
C ASN A 335 -7.28 19.57 22.49
N LYS A 336 -8.34 19.38 23.24
N LYS A 336 -8.53 19.37 22.90
CA LYS A 336 -9.40 20.38 23.39
CA LYS A 336 -9.41 20.49 23.31
C LYS A 336 -10.10 20.10 24.72
C LYS A 336 -10.03 20.15 24.67
N GLU A 337 -10.61 21.16 25.33
CA GLU A 337 -11.23 20.98 26.64
C GLU A 337 -12.69 20.58 26.46
N CYS A 338 -13.20 20.57 25.22
N CYS A 338 -13.15 20.52 25.21
CA CYS A 338 -14.51 20.17 24.88
CA CYS A 338 -14.50 20.18 24.86
C CYS A 338 -14.45 19.16 23.74
C CYS A 338 -14.47 19.17 23.72
N PHE A 339 -15.56 18.41 23.57
CA PHE A 339 -15.73 17.50 22.48
C PHE A 339 -16.43 18.23 21.32
N ASN A 340 -15.79 18.27 20.15
CA ASN A 340 -16.29 18.99 19.05
C ASN A 340 -17.16 18.11 18.16
N PRO A 341 -18.47 18.43 18.01
CA PRO A 341 -19.33 17.70 17.07
C PRO A 341 -18.78 17.55 15.65
N CYS A 342 -18.87 16.34 15.09
CA CYS A 342 -18.63 16.13 13.68
C CYS A 342 -19.80 15.30 13.12
N PHE A 343 -19.96 15.31 11.82
CA PHE A 343 -20.92 14.50 11.19
C PHE A 343 -20.45 14.17 9.79
N TYR A 344 -21.06 13.15 9.21
CA TYR A 344 -20.88 12.84 7.79
C TYR A 344 -22.22 12.81 7.10
N VAL A 345 -22.14 12.94 5.77
CA VAL A 345 -23.24 12.66 4.88
C VAL A 345 -22.76 11.63 3.85
N GLU A 346 -23.54 10.59 3.67
CA GLU A 346 -23.46 9.61 2.61
C GLU A 346 -24.06 10.22 1.34
N LEU A 347 -23.27 10.33 0.28
CA LEU A 347 -23.72 10.88 -0.97
C LEU A 347 -24.02 9.72 -1.91
N ILE A 348 -25.28 9.30 -1.96
CA ILE A 348 -25.66 8.09 -2.71
C ILE A 348 -25.77 8.38 -4.18
N ARG A 349 -25.12 7.56 -5.01
CA ARG A 349 -25.23 7.66 -6.44
C ARG A 349 -25.75 6.34 -6.99
N GLY A 350 -26.42 6.41 -8.14
CA GLY A 350 -26.96 5.23 -8.75
C GLY A 350 -28.38 4.97 -8.27
N ARG A 351 -28.73 3.69 -8.17
N ARG A 351 -28.76 3.69 -8.22
CA ARG A 351 -30.15 3.34 -7.98
CA ARG A 351 -30.18 3.35 -8.05
C ARG A 351 -30.59 3.62 -6.56
C ARG A 351 -30.61 3.61 -6.61
N PRO A 352 -31.91 3.89 -6.36
CA PRO A 352 -32.90 3.98 -7.43
C PRO A 352 -33.10 5.32 -8.12
N LYS A 353 -32.47 6.36 -7.58
CA LYS A 353 -32.74 7.68 -8.11
C LYS A 353 -32.09 7.91 -9.48
N GLU A 354 -30.99 7.24 -9.77
CA GLU A 354 -30.27 7.35 -11.01
C GLU A 354 -30.27 5.98 -11.66
N SER A 355 -31.30 5.68 -12.44
CA SER A 355 -31.48 4.30 -12.89
C SER A 355 -30.84 4.05 -14.26
N SER A 356 -30.05 5.02 -14.78
CA SER A 356 -29.33 4.82 -16.00
C SER A 356 -28.08 3.95 -15.74
N VAL A 357 -27.73 3.69 -14.46
CA VAL A 357 -26.72 2.71 -14.13
C VAL A 357 -27.37 1.52 -13.38
N LEU A 358 -26.63 0.40 -13.26
CA LEU A 358 -27.11 -0.80 -12.65
C LEU A 358 -26.77 -0.94 -11.16
N TRP A 359 -25.95 0.00 -10.66
CA TRP A 359 -25.36 -0.07 -9.35
C TRP A 359 -25.91 0.99 -8.41
N THR A 360 -25.60 0.81 -7.12
CA THR A 360 -25.82 1.78 -6.12
C THR A 360 -24.54 1.89 -5.32
N SER A 361 -24.05 3.11 -5.09
CA SER A 361 -22.88 3.27 -4.25
C SER A 361 -22.93 4.63 -3.62
N ASN A 362 -21.83 5.09 -3.04
CA ASN A 362 -21.88 6.36 -2.38
C ASN A 362 -20.45 6.94 -2.35
N SER A 363 -20.40 8.21 -2.03
CA SER A 363 -19.14 8.81 -1.53
C SER A 363 -19.42 9.42 -0.18
N ILE A 364 -18.38 10.03 0.43
CA ILE A 364 -18.46 10.57 1.77
C ILE A 364 -18.03 12.02 1.83
N VAL A 365 -18.74 12.81 2.64
CA VAL A 365 -18.22 14.09 3.11
C VAL A 365 -18.39 14.14 4.61
N ALA A 366 -17.49 14.77 5.30
CA ALA A 366 -17.54 14.90 6.76
C ALA A 366 -17.10 16.30 7.14
N LEU A 367 -17.78 16.86 8.16
CA LEU A 367 -17.53 18.22 8.66
C LEU A 367 -17.54 18.22 10.18
N CYS A 368 -16.88 19.20 10.75
CA CYS A 368 -16.88 19.33 12.20
C CYS A 368 -17.25 20.76 12.60
N GLY A 369 -17.54 20.95 13.87
CA GLY A 369 -17.93 22.29 14.34
C GLY A 369 -16.80 23.30 14.31
N SER A 370 -17.18 24.57 14.19
CA SER A 370 -16.37 25.70 14.41
C SER A 370 -17.15 26.73 15.23
N LYS A 371 -16.45 27.41 16.11
N LYS A 371 -16.44 27.44 16.09
CA LYS A 371 -17.01 28.55 16.80
CA LYS A 371 -16.99 28.56 16.83
C LYS A 371 -17.06 29.80 15.93
C LYS A 371 -17.03 29.82 15.97
N LYS A 372 -16.26 29.81 14.87
CA LYS A 372 -16.22 30.94 13.96
C LYS A 372 -17.43 30.85 13.02
N ARG A 373 -17.60 31.95 12.27
CA ARG A 373 -18.62 32.10 11.30
C ARG A 373 -18.01 31.84 9.93
N LEU A 374 -17.98 30.57 9.53
CA LEU A 374 -17.35 30.22 8.27
C LEU A 374 -18.36 30.22 7.12
N GLY A 375 -17.88 30.67 5.95
CA GLY A 375 -18.62 30.48 4.74
C GLY A 375 -18.77 29.03 4.39
N SER A 376 -19.67 28.79 3.44
CA SER A 376 -19.96 27.46 3.11
C SER A 376 -20.19 27.30 1.62
N TRP A 377 -19.86 26.14 1.05
N TRP A 377 -20.24 26.01 1.29
CA TRP A 377 -20.48 25.75 -0.23
CA TRP A 377 -20.18 25.46 -0.02
C TRP A 377 -20.82 24.24 -0.19
C TRP A 377 -20.91 24.11 -0.10
N SER A 378 -21.56 23.85 -1.24
CA SER A 378 -22.09 22.52 -1.39
C SER A 378 -20.93 21.53 -1.63
N TRP A 379 -20.94 20.42 -0.89
CA TRP A 379 -19.97 19.34 -0.98
C TRP A 379 -20.66 18.10 -1.52
N HIS A 380 -21.21 18.24 -2.71
CA HIS A 380 -21.87 17.17 -3.36
C HIS A 380 -20.84 16.16 -3.91
N ASP A 381 -21.37 15.06 -4.38
CA ASP A 381 -20.51 13.94 -4.78
C ASP A 381 -19.54 14.35 -5.89
N GLY A 382 -20.07 14.91 -6.96
CA GLY A 382 -19.29 15.48 -8.04
C GLY A 382 -19.01 14.56 -9.22
N ALA A 383 -19.56 13.36 -9.22
CA ALA A 383 -19.44 12.49 -10.37
C ALA A 383 -20.53 12.83 -11.40
N GLU A 384 -20.21 12.67 -12.68
N GLU A 384 -20.23 12.58 -12.67
CA GLU A 384 -21.13 12.82 -13.80
CA GLU A 384 -21.13 12.79 -13.76
C GLU A 384 -21.65 11.43 -14.13
C GLU A 384 -21.68 11.44 -14.20
N ILE A 385 -22.95 11.19 -13.89
CA ILE A 385 -23.52 9.88 -14.17
C ILE A 385 -23.39 9.51 -15.65
N ILE A 386 -23.37 10.48 -16.55
N ILE A 386 -23.34 10.49 -16.54
CA ILE A 386 -23.25 10.16 -17.98
CA ILE A 386 -23.29 10.18 -17.97
C ILE A 386 -21.99 9.34 -18.28
C ILE A 386 -21.99 9.47 -18.36
N TYR A 387 -20.92 9.64 -17.57
CA TYR A 387 -19.70 8.94 -17.77
C TYR A 387 -19.77 7.44 -17.46
N PHE A 388 -20.76 7.02 -16.66
CA PHE A 388 -20.98 5.63 -16.27
C PHE A 388 -22.02 4.94 -17.17
N GLU A 389 -22.53 5.68 -18.13
CA GLU A 389 -23.52 5.14 -19.10
C GLU A 389 -22.79 4.55 -20.28
N ARG B 1 13.97 14.16 19.47
CA ARG B 1 12.82 14.88 18.71
C ARG B 1 12.47 16.27 19.29
N THR B 2 12.65 17.37 18.54
CA THR B 2 12.64 18.74 19.13
C THR B 2 12.14 19.69 18.06
N PHE B 3 11.75 20.90 18.47
CA PHE B 3 11.39 21.88 17.47
C PHE B 3 12.66 22.23 16.66
N LEU B 4 12.48 22.35 15.36
CA LEU B 4 13.51 22.83 14.42
C LEU B 4 13.88 24.27 14.78
N ASN B 5 15.19 24.54 14.82
CA ASN B 5 15.74 25.90 14.93
C ASN B 5 16.49 26.19 13.64
N LEU B 6 16.31 27.39 13.07
CA LEU B 6 16.94 27.71 11.78
C LEU B 6 18.33 28.30 12.03
N THR B 7 19.17 27.60 12.79
CA THR B 7 20.44 28.13 13.23
C THR B 7 21.44 28.19 12.06
N LYS B 8 21.36 27.22 11.14
CA LYS B 8 22.42 26.97 10.17
C LYS B 8 22.37 27.96 9.04
N PRO B 9 23.53 28.25 8.44
CA PRO B 9 23.57 29.11 7.27
C PRO B 9 23.19 28.30 6.03
N LEU B 10 22.95 28.98 4.91
CA LEU B 10 22.74 28.22 3.66
C LEU B 10 24.06 27.64 3.17
N CYS B 11 24.01 26.43 2.57
N CYS B 11 23.97 26.47 2.52
CA CYS B 11 25.17 25.86 1.87
CA CYS B 11 25.08 25.85 1.84
C CYS B 11 25.50 26.65 0.61
C CYS B 11 25.48 26.63 0.57
N GLU B 12 26.82 26.72 0.35
CA GLU B 12 27.32 27.24 -0.94
C GLU B 12 26.70 26.40 -2.05
N VAL B 13 26.26 27.03 -3.15
CA VAL B 13 25.74 26.30 -4.27
C VAL B 13 26.44 26.78 -5.56
N ASN B 14 27.03 25.83 -6.30
CA ASN B 14 27.67 26.10 -7.59
C ASN B 14 26.91 25.43 -8.76
N SER B 15 26.08 24.42 -8.50
CA SER B 15 25.28 23.76 -9.49
C SER B 15 24.21 22.98 -8.76
N TRP B 16 23.35 22.31 -9.52
CA TRP B 16 22.19 21.66 -8.94
C TRP B 16 22.18 20.19 -9.33
N HIS B 17 21.92 19.33 -8.36
CA HIS B 17 21.90 17.85 -8.60
C HIS B 17 20.44 17.39 -8.55
N ILE B 18 20.14 16.33 -9.26
CA ILE B 18 18.79 15.75 -9.24
C ILE B 18 18.50 15.13 -7.90
N LEU B 19 17.33 15.45 -7.37
CA LEU B 19 16.82 14.86 -6.12
C LEU B 19 15.69 13.86 -6.42
N SER B 20 14.69 14.26 -7.14
CA SER B 20 13.57 13.40 -7.38
C SER B 20 12.86 13.79 -8.65
N LYS B 21 12.14 12.84 -9.21
CA LYS B 21 11.32 13.08 -10.40
C LYS B 21 10.26 12.01 -10.37
N ASP B 22 8.99 12.38 -10.49
CA ASP B 22 7.95 11.35 -10.36
C ASP B 22 7.39 10.82 -11.70
N ASN B 23 7.67 11.48 -12.84
CA ASN B 23 7.21 10.92 -14.10
C ASN B 23 5.72 10.58 -14.07
N ALA B 24 4.94 11.45 -13.46
CA ALA B 24 3.51 11.12 -13.12
C ALA B 24 2.66 10.97 -14.39
N ILE B 25 2.88 11.85 -15.38
CA ILE B 25 2.04 11.85 -16.57
C ILE B 25 2.36 10.64 -17.46
N ARG B 26 3.65 10.33 -17.58
CA ARG B 26 4.05 9.10 -18.25
C ARG B 26 3.40 7.86 -17.60
N ILE B 27 3.54 7.78 -16.28
CA ILE B 27 2.99 6.61 -15.62
C ILE B 27 1.48 6.59 -15.73
N GLY B 28 0.89 7.76 -15.48
CA GLY B 28 -0.55 7.92 -15.40
C GLY B 28 -1.24 7.75 -16.73
N GLU B 29 -0.48 7.60 -17.81
CA GLU B 29 -1.07 7.24 -19.08
C GLU B 29 -1.79 5.89 -19.01
N ASP B 30 -1.37 5.00 -18.08
CA ASP B 30 -1.95 3.66 -17.96
C ASP B 30 -2.31 3.32 -16.50
N ALA B 31 -1.60 3.84 -15.58
CA ALA B 31 -1.79 3.45 -14.18
C ALA B 31 -2.75 4.45 -13.58
N HIS B 32 -3.17 4.22 -12.38
CA HIS B 32 -4.25 5.07 -11.83
C HIS B 32 -3.63 6.22 -11.04
N ILE B 33 -3.35 7.30 -11.72
CA ILE B 33 -2.63 8.39 -11.17
C ILE B 33 -3.58 9.57 -11.07
N LEU B 34 -3.57 10.24 -9.94
CA LEU B 34 -4.50 11.37 -9.73
C LEU B 34 -4.04 12.57 -10.56
N VAL B 35 -5.05 13.32 -11.09
CA VAL B 35 -4.83 14.62 -11.65
C VAL B 35 -4.49 15.62 -10.52
N THR B 36 -3.41 16.39 -10.71
CA THR B 36 -2.97 17.38 -9.73
C THR B 36 -2.61 18.69 -10.44
N ARG B 37 -2.29 19.65 -9.63
CA ARG B 37 -1.49 20.82 -9.99
C ARG B 37 -1.01 21.41 -8.66
N GLU B 38 -0.23 22.48 -8.74
CA GLU B 38 0.28 23.18 -7.54
C GLU B 38 1.06 22.23 -6.59
N PRO B 39 2.04 21.46 -7.12
CA PRO B 39 2.82 20.53 -6.31
C PRO B 39 3.88 21.26 -5.47
N TYR B 40 4.48 20.55 -4.53
CA TYR B 40 5.62 21.02 -3.81
C TYR B 40 6.25 19.82 -3.09
N LEU B 41 7.35 20.06 -2.38
CA LEU B 41 7.95 19.07 -1.52
C LEU B 41 8.13 19.69 -0.14
N SER B 42 8.08 18.82 0.83
CA SER B 42 8.33 19.28 2.22
C SER B 42 8.95 18.12 2.99
N CYS B 43 9.90 18.41 3.87
CA CYS B 43 10.62 17.36 4.57
C CYS B 43 10.25 17.38 6.05
N ASP B 44 10.73 16.36 6.74
CA ASP B 44 10.59 16.20 8.16
C ASP B 44 11.75 15.37 8.64
N PRO B 45 11.85 15.07 9.94
CA PRO B 45 13.01 14.35 10.41
C PRO B 45 13.29 13.01 9.72
N GLN B 46 12.26 12.39 9.13
CA GLN B 46 12.40 11.05 8.55
C GLN B 46 12.72 11.12 7.07
N GLY B 47 12.41 12.20 6.41
CA GLY B 47 12.65 12.21 4.96
C GLY B 47 11.89 13.33 4.31
N CYS B 48 11.72 13.28 2.99
N CYS B 48 11.51 13.11 3.06
CA CYS B 48 10.92 14.31 2.27
CA CYS B 48 10.86 14.14 2.33
C CYS B 48 9.72 13.62 1.62
C CYS B 48 9.66 13.53 1.63
N ARG B 49 8.66 14.41 1.36
CA ARG B 49 7.44 13.98 0.75
C ARG B 49 7.04 14.95 -0.35
N MET B 50 6.34 14.46 -1.37
CA MET B 50 5.75 15.27 -2.38
C MET B 50 4.34 15.60 -1.92
N PHE B 51 3.86 16.77 -2.34
CA PHE B 51 2.56 17.32 -2.00
C PHE B 51 1.98 17.93 -3.28
N ALA B 52 0.67 17.90 -3.41
CA ALA B 52 0.03 18.62 -4.49
C ALA B 52 -1.48 18.72 -4.19
N LEU B 53 -2.18 19.54 -4.98
CA LEU B 53 -3.64 19.59 -4.97
C LEU B 53 -4.20 18.62 -5.99
N SER B 54 -4.80 17.54 -5.49
CA SER B 54 -5.57 16.63 -6.32
C SER B 54 -6.78 17.32 -6.91
N GLN B 55 -7.24 16.84 -8.05
CA GLN B 55 -8.53 17.23 -8.62
C GLN B 55 -9.62 16.20 -8.34
N GLY B 56 -9.28 15.14 -7.58
CA GLY B 56 -10.30 14.16 -7.19
C GLY B 56 -10.79 13.36 -8.41
N THR B 57 -9.81 12.92 -9.21
CA THR B 57 -10.01 12.09 -10.37
C THR B 57 -8.67 11.57 -10.79
N THR B 58 -8.67 10.47 -11.53
CA THR B 58 -7.47 10.06 -12.14
C THR B 58 -7.32 10.72 -13.53
N LEU B 59 -6.09 10.62 -14.04
CA LEU B 59 -5.71 11.29 -15.29
C LEU B 59 -6.39 10.71 -16.51
N ARG B 60 -6.53 9.37 -16.54
CA ARG B 60 -7.25 8.68 -17.64
C ARG B 60 -8.77 8.63 -17.40
N GLY B 61 -9.23 9.04 -16.20
CA GLY B 61 -10.62 9.00 -15.94
C GLY B 61 -11.42 10.03 -16.74
N ARG B 62 -12.70 9.75 -16.95
N ARG B 62 -12.69 9.75 -16.95
CA ARG B 62 -13.57 10.69 -17.70
CA ARG B 62 -13.50 10.75 -17.70
C ARG B 62 -13.74 12.01 -16.91
C ARG B 62 -13.56 12.08 -16.92
N HIS B 63 -13.48 12.01 -15.60
CA HIS B 63 -13.54 13.25 -14.77
C HIS B 63 -12.30 14.14 -14.89
N ALA B 64 -11.26 13.69 -15.56
CA ALA B 64 -10.15 14.57 -15.87
C ALA B 64 -10.60 15.72 -16.78
N ASN B 65 -11.64 15.47 -17.56
CA ASN B 65 -12.23 16.55 -18.41
C ASN B 65 -12.58 17.74 -17.57
N GLY B 66 -12.01 18.91 -17.87
CA GLY B 66 -12.42 20.15 -17.21
C GLY B 66 -11.46 20.53 -16.06
N THR B 67 -10.37 19.77 -15.85
CA THR B 67 -9.44 20.00 -14.79
C THR B 67 -8.54 21.23 -14.93
N ILE B 68 -8.67 22.02 -16.00
N ILE B 68 -8.68 21.98 -16.03
CA ILE B 68 -8.05 23.35 -15.97
CA ILE B 68 -8.16 23.33 -16.08
C ILE B 68 -8.67 24.20 -14.84
C ILE B 68 -8.63 24.08 -14.82
N HIS B 69 -9.91 23.89 -14.44
CA HIS B 69 -10.59 24.69 -13.46
C HIS B 69 -9.82 24.63 -12.11
N ASP B 70 -9.71 25.78 -11.45
CA ASP B 70 -8.91 25.89 -10.31
C ASP B 70 -9.59 25.41 -9.03
N ARG B 71 -10.84 25.77 -8.78
CA ARG B 71 -11.38 25.64 -7.43
C ARG B 71 -12.66 24.83 -7.52
N SER B 72 -12.69 23.67 -6.84
CA SER B 72 -13.87 22.87 -6.80
C SER B 72 -13.93 22.19 -5.45
N PRO B 73 -15.08 21.60 -5.10
CA PRO B 73 -15.23 20.86 -3.85
C PRO B 73 -14.55 19.49 -3.90
N PHE B 74 -13.95 19.13 -5.02
CA PHE B 74 -13.37 17.82 -5.25
C PHE B 74 -11.86 17.82 -5.08
N ARG B 75 -11.24 18.95 -4.72
CA ARG B 75 -9.81 19.09 -4.58
C ARG B 75 -9.40 18.87 -3.14
N ALA B 76 -8.17 18.42 -3.00
CA ALA B 76 -7.61 18.21 -1.66
C ALA B 76 -6.09 18.28 -1.75
N LEU B 77 -5.46 18.65 -0.63
CA LEU B 77 -3.99 18.52 -0.54
C LEU B 77 -3.67 17.08 -0.19
N ILE B 78 -2.90 16.46 -1.04
CA ILE B 78 -2.41 15.13 -0.85
C ILE B 78 -0.88 15.16 -0.72
N SER B 79 -0.34 14.16 0.01
CA SER B 79 1.09 13.97 0.13
C SER B 79 1.41 12.50 -0.12
N TRP B 80 2.63 12.27 -0.55
CA TRP B 80 3.06 10.93 -0.80
C TRP B 80 4.59 10.82 -0.75
N GLU B 81 5.07 9.56 -0.70
CA GLU B 81 6.51 9.31 -0.61
C GLU B 81 7.23 9.88 -1.83
N MET B 82 8.30 10.63 -1.56
CA MET B 82 8.99 11.36 -2.63
C MET B 82 9.43 10.37 -3.72
N GLY B 83 9.13 10.72 -4.95
CA GLY B 83 9.58 9.99 -6.13
C GLY B 83 8.50 9.08 -6.72
N GLN B 84 7.60 8.59 -5.86
CA GLN B 84 6.42 7.89 -6.43
C GLN B 84 5.54 8.93 -7.13
N ALA B 85 4.69 8.44 -8.06
CA ALA B 85 3.61 9.20 -8.64
C ALA B 85 2.39 9.14 -7.74
N PRO B 86 1.55 10.19 -7.70
CA PRO B 86 0.36 10.20 -6.81
C PRO B 86 -0.82 9.40 -7.35
N SER B 87 -1.13 8.30 -6.66
CA SER B 87 -2.26 7.42 -6.97
C SER B 87 -3.27 7.48 -5.86
N PRO B 88 -4.50 6.97 -6.08
CA PRO B 88 -5.46 6.86 -5.00
C PRO B 88 -5.01 5.90 -3.92
N TYR B 89 -3.93 5.17 -4.19
CA TYR B 89 -3.53 4.10 -3.30
C TYR B 89 -2.34 4.45 -2.39
N ASN B 90 -1.58 5.48 -2.72
CA ASN B 90 -0.34 5.80 -2.00
C ASN B 90 -0.34 7.22 -1.44
N THR B 91 -1.47 7.90 -1.41
CA THR B 91 -1.55 9.29 -1.09
C THR B 91 -2.32 9.49 0.23
N ARG B 92 -1.80 10.39 1.04
CA ARG B 92 -2.40 10.81 2.27
C ARG B 92 -3.15 12.14 2.06
N VAL B 93 -4.43 12.19 2.46
CA VAL B 93 -5.16 13.46 2.36
C VAL B 93 -4.79 14.28 3.59
N GLU B 94 -4.14 15.40 3.35
CA GLU B 94 -3.70 16.34 4.39
C GLU B 94 -4.83 17.26 4.85
N CYS B 95 -5.64 17.71 3.91
CA CYS B 95 -6.74 18.65 4.22
C CYS B 95 -7.52 18.81 2.89
N ILE B 96 -8.70 19.44 2.98
CA ILE B 96 -9.57 19.49 1.81
C ILE B 96 -9.56 20.96 1.32
N GLY B 97 -9.37 21.16 0.03
CA GLY B 97 -9.42 22.51 -0.49
C GLY B 97 -8.60 22.65 -1.75
N TRP B 98 -8.41 23.92 -2.15
CA TRP B 98 -7.92 24.31 -3.46
C TRP B 98 -6.78 25.31 -3.41
N SER B 99 -6.21 25.53 -2.20
CA SER B 99 -4.99 26.31 -2.00
C SER B 99 -4.33 25.83 -0.70
N SER B 100 -3.03 25.59 -0.66
CA SER B 100 -2.46 24.95 0.52
C SER B 100 -1.08 25.44 0.86
N THR B 101 -0.66 25.09 2.06
CA THR B 101 0.75 25.05 2.43
C THR B 101 0.90 23.94 3.50
N SER B 102 2.15 23.58 3.83
CA SER B 102 2.44 22.54 4.79
C SER B 102 3.88 22.72 5.22
N CYS B 103 4.17 22.44 6.48
CA CYS B 103 5.51 22.39 6.96
C CYS B 103 5.56 21.59 8.26
N HIS B 104 6.74 21.06 8.56
CA HIS B 104 7.01 20.32 9.74
C HIS B 104 7.86 21.16 10.70
N ASP B 105 7.46 21.20 11.96
CA ASP B 105 8.14 22.04 12.92
C ASP B 105 9.25 21.29 13.66
N GLY B 106 9.46 20.04 13.31
CA GLY B 106 10.44 19.14 14.01
C GLY B 106 9.72 18.13 14.89
N MET B 107 8.53 18.46 15.36
CA MET B 107 7.67 17.58 16.18
C MET B 107 6.57 17.00 15.32
N SER B 108 5.77 17.87 14.68
CA SER B 108 4.64 17.42 13.85
C SER B 108 4.44 18.35 12.67
N ARG B 109 3.64 17.87 11.73
CA ARG B 109 3.37 18.59 10.47
C ARG B 109 2.10 19.43 10.59
N MET B 110 2.23 20.68 10.14
CA MET B 110 1.10 21.59 10.01
C MET B 110 0.72 21.59 8.54
N SER B 111 -0.57 21.45 8.17
CA SER B 111 -1.04 21.57 6.83
C SER B 111 -2.26 22.50 6.86
N ILE B 112 -2.35 23.34 5.87
CA ILE B 112 -3.42 24.31 5.78
C ILE B 112 -4.02 24.24 4.38
N CYS B 113 -5.36 24.21 4.32
N CYS B 113 -5.36 24.19 4.31
CA CYS B 113 -6.08 24.18 3.05
CA CYS B 113 -6.05 24.25 3.03
C CYS B 113 -7.21 25.23 3.11
C CYS B 113 -7.20 25.25 3.11
N MET B 114 -7.39 25.98 2.02
CA MET B 114 -8.50 26.86 1.88
C MET B 114 -9.55 26.18 1.00
N SER B 115 -10.81 26.36 1.34
N SER B 115 -10.82 26.35 1.35
CA SER B 115 -11.94 25.83 0.56
CA SER B 115 -11.91 25.87 0.52
C SER B 115 -13.14 26.77 0.68
C SER B 115 -13.17 26.74 0.75
N GLY B 116 -14.10 26.55 -0.22
CA GLY B 116 -15.33 27.34 -0.23
C GLY B 116 -15.48 28.14 -1.50
N PRO B 117 -16.53 28.93 -1.52
CA PRO B 117 -16.87 29.77 -2.67
C PRO B 117 -15.93 30.98 -2.62
N ASN B 118 -15.81 31.63 -3.78
CA ASN B 118 -14.87 32.71 -3.89
C ASN B 118 -15.13 33.81 -2.84
N ASN B 119 -16.41 34.11 -2.58
CA ASN B 119 -16.76 35.24 -1.66
C ASN B 119 -16.76 34.87 -0.17
N ASN B 120 -16.38 33.61 0.16
CA ASN B 120 -16.63 33.14 1.54
C ASN B 120 -15.80 31.89 1.83
N ALA B 121 -14.54 31.92 1.41
CA ALA B 121 -13.61 30.82 1.60
C ALA B 121 -13.16 30.80 3.06
N SER B 122 -12.62 29.67 3.47
N SER B 122 -12.67 29.64 3.50
CA SER B 122 -12.06 29.55 4.80
CA SER B 122 -12.15 29.43 4.84
C SER B 122 -10.87 28.60 4.76
C SER B 122 -10.91 28.55 4.77
N ALA B 123 -9.93 28.83 5.65
CA ALA B 123 -8.80 27.91 5.84
C ALA B 123 -9.10 27.02 7.05
N VAL B 124 -8.66 25.77 6.93
CA VAL B 124 -8.57 24.87 8.09
C VAL B 124 -7.13 24.52 8.27
N VAL B 125 -6.69 24.70 9.53
CA VAL B 125 -5.30 24.50 9.91
C VAL B 125 -5.17 23.21 10.72
N TRP B 126 -4.43 22.23 10.18
CA TRP B 126 -4.23 20.93 10.78
C TRP B 126 -2.86 20.84 11.41
N TYR B 127 -2.74 20.06 12.45
CA TYR B 127 -1.43 19.84 13.09
C TYR B 127 -1.41 18.40 13.58
N GLY B 128 -0.42 17.63 13.13
CA GLY B 128 -0.30 16.25 13.55
C GLY B 128 -1.48 15.45 13.09
N GLY B 129 -2.10 15.85 11.98
CA GLY B 129 -3.20 15.16 11.39
C GLY B 129 -4.57 15.42 11.98
N ARG B 130 -4.66 16.43 12.85
CA ARG B 130 -5.94 16.80 13.43
C ARG B 130 -6.24 18.25 13.11
N PRO B 131 -7.52 18.61 12.94
CA PRO B 131 -7.81 20.02 12.65
C PRO B 131 -7.76 20.87 13.94
N ILE B 132 -7.07 22.02 13.90
CA ILE B 132 -6.86 22.83 15.09
C ILE B 132 -7.63 24.16 15.06
N THR B 133 -7.59 24.83 13.92
CA THR B 133 -8.00 26.22 13.83
C THR B 133 -8.72 26.43 12.51
N GLU B 134 -9.65 27.36 12.49
CA GLU B 134 -10.28 27.75 11.18
C GLU B 134 -10.19 29.27 11.05
N ILE B 135 -10.02 29.73 9.82
CA ILE B 135 -9.84 31.15 9.56
C ILE B 135 -10.74 31.54 8.40
N PRO B 136 -11.72 32.39 8.68
CA PRO B 136 -12.63 32.85 7.63
C PRO B 136 -11.93 33.91 6.78
N SER B 137 -12.40 33.98 5.56
CA SER B 137 -11.99 35.04 4.58
C SER B 137 -12.22 36.40 5.23
N TRP B 138 -11.23 37.29 5.08
CA TRP B 138 -11.32 38.65 5.60
C TRP B 138 -11.64 39.66 4.51
N ALA B 139 -11.45 39.32 3.25
CA ALA B 139 -11.73 40.27 2.20
C ALA B 139 -12.73 39.74 1.16
N GLY B 140 -13.25 38.55 1.35
CA GLY B 140 -14.27 38.02 0.51
C GLY B 140 -13.92 37.78 -0.94
N ASN B 141 -12.68 37.37 -1.18
CA ASN B 141 -12.24 37.14 -2.54
C ASN B 141 -11.06 36.19 -2.58
N ILE B 142 -11.41 34.89 -2.54
CA ILE B 142 -10.49 33.78 -2.72
C ILE B 142 -9.33 33.83 -1.72
N LEU B 143 -9.66 33.70 -0.42
CA LEU B 143 -8.61 33.50 0.59
C LEU B 143 -7.72 32.35 0.15
N ARG B 144 -6.39 32.55 0.23
CA ARG B 144 -5.45 31.66 -0.45
C ARG B 144 -4.06 31.80 0.16
N THR B 145 -3.19 30.83 -0.15
CA THR B 145 -1.83 30.80 0.42
C THR B 145 -0.78 30.25 -0.56
N GLN B 146 0.36 29.78 0.01
CA GLN B 146 1.66 29.74 -0.64
C GLN B 146 1.71 28.81 -1.84
N GLU B 147 1.08 27.64 -1.72
CA GLU B 147 1.28 26.54 -2.67
C GLU B 147 2.71 26.01 -2.67
N SER B 148 3.46 26.21 -1.57
CA SER B 148 4.69 25.47 -1.29
C SER B 148 4.90 25.51 0.22
N GLU B 149 5.98 24.92 0.71
CA GLU B 149 6.09 24.73 2.10
C GLU B 149 6.29 26.04 2.85
N CYS B 150 5.81 26.04 4.12
CA CYS B 150 6.11 27.04 5.09
C CYS B 150 7.39 26.62 5.81
N VAL B 151 7.82 27.41 6.77
CA VAL B 151 9.06 27.19 7.49
C VAL B 151 8.79 27.46 8.96
N CYS B 152 9.43 26.72 9.85
CA CYS B 152 9.26 26.85 11.26
C CYS B 152 10.59 27.06 11.97
N HIS B 153 10.50 27.74 13.11
CA HIS B 153 11.63 28.09 13.96
C HIS B 153 11.12 28.06 15.42
N LYS B 154 11.67 27.19 16.27
CA LYS B 154 11.29 27.11 17.70
C LYS B 154 9.78 26.99 17.83
N GLY B 155 9.18 26.24 16.91
CA GLY B 155 7.79 25.87 16.94
C GLY B 155 6.88 26.88 16.25
N VAL B 156 7.44 28.03 15.83
CA VAL B 156 6.63 29.07 15.22
C VAL B 156 6.78 28.98 13.72
N CYS B 157 5.64 28.90 13.05
CA CYS B 157 5.64 28.69 11.61
C CYS B 157 4.85 29.82 10.98
N PRO B 158 5.52 30.84 10.39
CA PRO B 158 4.80 31.88 9.67
C PRO B 158 4.27 31.38 8.34
N VAL B 159 3.09 31.87 7.97
CA VAL B 159 2.41 31.54 6.73
C VAL B 159 1.90 32.84 6.10
N VAL B 160 2.16 33.03 4.80
CA VAL B 160 1.70 34.20 4.10
C VAL B 160 0.40 33.81 3.37
N MET B 161 -0.65 34.63 3.56
CA MET B 161 -1.95 34.42 2.92
C MET B 161 -2.42 35.70 2.32
N THR B 162 -3.19 35.58 1.23
CA THR B 162 -3.74 36.72 0.58
C THR B 162 -5.25 36.54 0.45
N ASP B 163 -5.98 37.63 0.49
CA ASP B 163 -7.42 37.63 0.20
C ASP B 163 -7.72 38.94 -0.50
N GLY B 164 -8.47 38.90 -1.60
CA GLY B 164 -8.64 40.09 -2.41
C GLY B 164 -8.31 39.82 -3.85
N PRO B 165 -8.35 40.86 -4.70
CA PRO B 165 -8.15 40.75 -6.14
C PRO B 165 -6.81 40.16 -6.50
N ALA B 166 -6.77 39.40 -7.58
CA ALA B 166 -5.53 38.90 -8.11
C ALA B 166 -4.92 39.93 -9.05
N ASN B 167 -5.68 40.96 -9.40
CA ASN B 167 -5.28 41.94 -10.44
C ASN B 167 -5.36 43.36 -9.91
N ASN B 168 -5.21 43.58 -8.60
CA ASN B 168 -5.29 44.85 -7.99
C ASN B 168 -4.79 44.69 -6.54
N ARG B 169 -4.77 45.77 -5.79
CA ARG B 169 -4.32 45.71 -4.44
C ARG B 169 -5.18 44.71 -3.67
N ALA B 170 -4.52 43.93 -2.83
CA ALA B 170 -5.22 42.84 -2.05
C ALA B 170 -4.80 42.96 -0.60
N ALA B 171 -5.39 42.10 0.24
CA ALA B 171 -5.15 42.12 1.70
C ALA B 171 -4.34 40.89 2.09
N THR B 172 -3.02 41.06 2.22
CA THR B 172 -2.11 40.00 2.56
C THR B 172 -1.86 40.11 4.06
N LYS B 173 -1.70 38.95 4.70
CA LYS B 173 -1.37 38.87 6.07
CA LYS B 173 -1.40 38.83 6.09
C LYS B 173 -0.35 37.75 6.26
N ILE B 174 0.42 37.90 7.32
N ILE B 174 0.48 37.93 7.28
CA ILE B 174 1.39 36.91 7.78
CA ILE B 174 1.30 36.87 7.77
C ILE B 174 0.81 36.37 9.09
C ILE B 174 0.66 36.38 9.05
N ILE B 175 0.49 35.07 9.13
CA ILE B 175 -0.09 34.48 10.35
C ILE B 175 0.98 33.56 10.92
N TYR B 176 1.29 33.73 12.19
CA TYR B 176 2.30 32.99 12.90
C TYR B 176 1.64 31.88 13.71
N PHE B 177 1.94 30.62 13.39
CA PHE B 177 1.29 29.49 14.05
C PHE B 177 2.28 28.79 15.00
N LYS B 178 1.72 28.18 16.04
CA LYS B 178 2.45 27.21 16.85
C LYS B 178 1.47 26.09 17.21
N GLU B 179 1.84 24.87 16.84
CA GLU B 179 1.00 23.70 17.05
C GLU B 179 -0.39 23.98 16.45
N GLY B 180 -0.42 24.65 15.29
CA GLY B 180 -1.69 24.92 14.62
C GLY B 180 -2.52 26.09 15.14
N LYS B 181 -2.04 26.75 16.21
N LYS B 181 -2.01 26.77 16.19
CA LYS B 181 -2.81 27.82 16.87
CA LYS B 181 -2.74 27.81 16.90
C LYS B 181 -2.16 29.20 16.61
C LYS B 181 -2.15 29.18 16.54
N ILE B 182 -3.05 30.15 16.29
CA ILE B 182 -2.59 31.47 15.89
C ILE B 182 -1.89 32.15 17.08
N GLN B 183 -0.63 32.56 16.89
CA GLN B 183 0.09 33.30 17.89
C GLN B 183 0.02 34.79 17.61
N LYS B 184 -0.08 35.16 16.35
CA LYS B 184 -0.06 36.59 15.94
C LYS B 184 -0.50 36.66 14.48
N ILE B 185 -1.16 37.75 14.16
CA ILE B 185 -1.50 38.05 12.76
C ILE B 185 -0.94 39.44 12.46
N GLU B 186 -0.22 39.59 11.37
CA GLU B 186 0.23 40.90 10.87
C GLU B 186 -0.33 41.18 9.48
N GLU B 187 -0.73 42.43 9.26
CA GLU B 187 -0.99 42.89 7.89
C GLU B 187 0.36 43.11 7.19
N LEU B 188 0.37 42.84 5.89
CA LEU B 188 1.56 43.05 5.10
C LEU B 188 1.93 44.52 5.20
N ALA B 189 3.22 44.73 5.48
CA ALA B 189 3.83 46.07 5.46
C ALA B 189 4.97 46.10 4.45
N GLY B 190 5.43 47.33 4.13
CA GLY B 190 6.59 47.44 3.29
C GLY B 190 6.23 47.82 1.86
N ASN B 191 7.20 47.58 0.96
CA ASN B 191 7.12 48.11 -0.39
C ASN B 191 6.64 47.13 -1.44
N ALA B 192 6.45 45.86 -1.09
CA ALA B 192 5.82 44.95 -2.04
C ALA B 192 4.38 45.44 -2.27
N GLN B 193 3.93 45.50 -3.53
CA GLN B 193 2.62 46.04 -3.85
C GLN B 193 1.52 44.99 -4.01
N HIS B 194 1.93 43.74 -4.17
CA HIS B 194 1.00 42.64 -4.30
C HIS B 194 1.78 41.36 -3.98
N ILE B 195 1.13 40.43 -3.29
CA ILE B 195 1.75 39.20 -2.84
C ILE B 195 0.86 38.01 -3.17
N GLU B 196 1.41 37.07 -3.90
CA GLU B 196 0.78 35.78 -4.13
C GLU B 196 1.84 34.67 -3.98
N GLU B 197 1.39 33.51 -3.46
CA GLU B 197 2.08 32.24 -3.71
C GLU B 197 3.54 32.34 -3.25
N CYS B 198 3.77 32.69 -2.01
CA CYS B 198 5.14 32.85 -1.56
C CYS B 198 5.91 31.51 -1.47
N SER B 199 7.17 31.55 -1.84
CA SER B 199 8.15 30.41 -1.72
C SER B 199 9.20 30.73 -0.70
N CYS B 200 9.23 30.03 0.40
CA CYS B 200 9.87 30.48 1.61
C CYS B 200 10.95 29.49 2.05
N TYR B 201 12.03 30.01 2.63
CA TYR B 201 13.05 29.13 3.24
C TYR B 201 13.71 29.86 4.39
N GLY B 202 14.37 29.11 5.26
CA GLY B 202 15.01 29.69 6.46
C GLY B 202 16.53 29.44 6.49
N ALA B 203 17.26 30.35 7.07
CA ALA B 203 18.69 30.24 7.27
C ALA B 203 19.07 31.31 8.28
N GLY B 204 19.97 30.97 9.20
CA GLY B 204 20.47 31.93 10.20
C GLY B 204 19.38 32.74 10.91
N GLY B 205 18.27 32.08 11.25
CA GLY B 205 17.21 32.68 12.05
C GLY B 205 16.30 33.59 11.24
N VAL B 206 16.42 33.60 9.91
CA VAL B 206 15.64 34.48 9.07
C VAL B 206 14.89 33.63 8.07
N ILE B 207 13.61 33.95 7.82
CA ILE B 207 12.85 33.31 6.76
C ILE B 207 12.68 34.32 5.64
N LYS B 208 12.96 33.91 4.44
CA LYS B 208 12.75 34.74 3.32
C LYS B 208 11.70 34.09 2.43
N CYS B 209 10.77 34.90 1.96
CA CYS B 209 9.65 34.45 1.11
C CYS B 209 9.70 35.23 -0.20
N ILE B 210 9.87 34.50 -1.27
CA ILE B 210 10.01 35.11 -2.58
C ILE B 210 8.72 34.83 -3.32
N CYS B 211 8.02 35.88 -3.73
CA CYS B 211 6.60 35.75 -4.09
C CYS B 211 6.34 36.13 -5.55
N ARG B 212 5.04 36.20 -5.89
CA ARG B 212 4.53 36.55 -7.21
C ARG B 212 3.72 37.83 -7.02
N ASP B 213 4.16 38.91 -7.63
CA ASP B 213 3.30 40.12 -7.74
C ASP B 213 2.44 39.94 -8.99
N ASN B 214 1.16 39.66 -8.83
CA ASN B 214 0.30 39.36 -9.96
C ASN B 214 -0.34 40.63 -10.54
N TRP B 215 -0.07 41.74 -9.91
CA TRP B 215 -0.68 43.04 -10.27
C TRP B 215 0.23 43.86 -11.19
N LYS B 216 1.48 44.08 -10.78
CA LYS B 216 2.39 45.00 -11.49
C LYS B 216 3.73 44.33 -11.88
N GLY B 217 4.49 43.89 -10.90
CA GLY B 217 5.90 43.56 -11.07
C GLY B 217 6.17 42.27 -11.78
N ALA B 218 7.10 42.32 -12.71
CA ALA B 218 7.82 41.15 -13.26
C ALA B 218 9.08 40.86 -12.44
N ASN B 219 9.51 41.79 -11.58
CA ASN B 219 10.42 41.47 -10.48
C ASN B 219 9.60 40.88 -9.33
N ARG B 220 10.22 39.98 -8.54
CA ARG B 220 9.47 39.31 -7.50
C ARG B 220 9.59 40.02 -6.18
N PRO B 221 8.46 40.12 -5.46
CA PRO B 221 8.54 40.57 -4.09
C PRO B 221 9.32 39.62 -3.18
N VAL B 222 9.92 40.19 -2.15
CA VAL B 222 10.61 39.43 -1.09
C VAL B 222 10.11 39.96 0.27
N ILE B 223 9.58 39.02 1.07
CA ILE B 223 9.15 39.27 2.44
C ILE B 223 10.20 38.63 3.33
N THR B 224 10.76 39.42 4.21
CA THR B 224 11.75 38.92 5.17
C THR B 224 11.09 38.81 6.56
N ILE B 225 11.12 37.64 7.17
CA ILE B 225 10.37 37.33 8.38
C ILE B 225 11.34 36.96 9.50
N ASP B 226 11.15 37.62 10.64
CA ASP B 226 11.80 37.21 11.91
C ASP B 226 10.79 36.35 12.65
N PRO B 227 10.98 35.01 12.74
CA PRO B 227 10.00 34.16 13.41
C PRO B 227 10.04 34.16 14.94
N GLU B 228 11.08 34.80 15.51
CA GLU B 228 11.15 34.96 16.95
C GLU B 228 10.35 36.19 17.35
N MET B 229 10.67 37.36 16.79
N MET B 229 10.65 37.33 16.73
CA MET B 229 9.94 38.59 17.07
CA MET B 229 9.99 38.58 16.98
C MET B 229 8.55 38.56 16.38
C MET B 229 8.57 38.57 16.36
N MET B 230 8.35 37.69 15.38
CA MET B 230 7.11 37.64 14.60
C MET B 230 6.76 38.97 13.93
N THR B 231 7.75 39.44 13.20
CA THR B 231 7.71 40.70 12.49
C THR B 231 8.26 40.45 11.09
N HIS B 232 8.00 41.38 10.17
CA HIS B 232 8.48 41.23 8.78
C HIS B 232 8.73 42.60 8.14
N THR B 233 9.41 42.58 6.99
CA THR B 233 9.57 43.67 6.06
C THR B 233 9.35 43.14 4.66
N SER B 234 9.01 44.03 3.72
CA SER B 234 8.88 43.60 2.36
C SER B 234 9.47 44.65 1.41
N LYS B 235 9.90 44.12 0.26
CA LYS B 235 10.40 44.94 -0.89
C LYS B 235 10.40 44.03 -2.12
N TYR B 236 11.17 44.40 -3.15
CA TYR B 236 11.33 43.58 -4.33
C TYR B 236 12.77 43.08 -4.40
N LEU B 237 12.96 41.98 -5.12
CA LEU B 237 14.31 41.60 -5.58
C LEU B 237 14.93 42.81 -6.30
N CYS B 238 16.17 43.18 -5.96
CA CYS B 238 16.84 44.32 -6.57
C CYS B 238 17.23 44.05 -8.03
N SER B 239 17.68 42.82 -8.33
CA SER B 239 18.32 42.51 -9.56
C SER B 239 17.50 42.92 -10.80
N LYS B 240 18.24 43.35 -11.81
CA LYS B 240 17.68 43.56 -13.12
C LYS B 240 17.25 42.29 -13.79
N VAL B 241 17.64 41.11 -13.25
CA VAL B 241 17.29 39.83 -13.81
C VAL B 241 15.85 39.55 -13.33
N LEU B 242 14.87 39.80 -14.21
CA LEU B 242 13.46 39.64 -13.88
C LEU B 242 13.06 38.17 -13.93
N THR B 243 12.29 37.76 -12.93
CA THR B 243 12.07 36.31 -12.81
C THR B 243 10.62 35.90 -12.70
N ASP B 244 9.68 36.83 -12.88
CA ASP B 244 8.28 36.39 -13.08
C ASP B 244 8.04 36.05 -14.55
N THR B 245 6.85 35.52 -14.85
CA THR B 245 6.38 35.27 -16.21
C THR B 245 4.89 35.66 -16.25
N SER B 246 4.48 36.50 -17.20
CA SER B 246 5.27 37.07 -18.26
C SER B 246 6.11 38.22 -17.73
N ARG B 247 7.13 38.56 -18.51
CA ARG B 247 8.04 39.63 -18.13
C ARG B 247 8.56 40.30 -19.39
N PRO B 248 8.98 41.57 -19.31
CA PRO B 248 9.68 42.22 -20.42
C PRO B 248 11.14 41.73 -20.43
N ASN B 249 11.90 42.26 -21.38
CA ASN B 249 13.39 42.10 -21.33
C ASN B 249 13.92 42.68 -20.03
N ASP B 250 14.97 42.04 -19.52
CA ASP B 250 15.64 42.58 -18.31
C ASP B 250 16.14 44.00 -18.62
N PRO B 251 15.81 44.99 -17.76
CA PRO B 251 16.25 46.37 -17.96
C PRO B 251 17.71 46.54 -17.54
N THR B 252 18.26 47.71 -17.77
CA THR B 252 19.59 47.98 -17.30
C THR B 252 19.66 47.66 -15.78
N ASN B 253 18.66 48.11 -15.03
CA ASN B 253 18.73 48.28 -13.60
C ASN B 253 17.41 47.76 -13.11
N GLY B 254 17.47 46.93 -12.09
CA GLY B 254 16.24 46.56 -11.42
C GLY B 254 15.85 47.68 -10.43
N ASN B 255 14.90 47.33 -9.56
CA ASN B 255 14.39 48.23 -8.53
C ASN B 255 13.99 47.44 -7.29
N CYS B 256 14.68 47.79 -6.19
N CYS B 256 14.62 47.67 -6.15
CA CYS B 256 14.51 47.15 -4.88
CA CYS B 256 14.24 46.84 -5.02
C CYS B 256 13.15 47.47 -4.27
C CYS B 256 13.14 47.50 -4.18
N ASP B 257 12.59 48.63 -4.61
CA ASP B 257 11.50 49.22 -3.82
C ASP B 257 10.22 49.48 -4.62
N ALA B 258 10.14 49.01 -5.86
CA ALA B 258 8.96 49.21 -6.63
C ALA B 258 8.94 48.18 -7.75
N PRO B 259 7.75 47.82 -8.27
CA PRO B 259 7.67 46.85 -9.34
C PRO B 259 8.26 47.40 -10.63
N ILE B 260 8.90 46.48 -11.35
CA ILE B 260 9.30 46.69 -12.74
C ILE B 260 8.16 46.04 -13.57
N THR B 261 7.41 46.82 -14.34
CA THR B 261 6.23 46.34 -14.98
C THR B 261 6.51 45.95 -16.41
N GLY B 262 5.49 45.39 -17.07
CA GLY B 262 5.55 44.98 -18.44
C GLY B 262 5.43 43.48 -18.61
N GLY B 263 5.56 43.09 -19.86
CA GLY B 263 5.45 41.74 -20.28
C GLY B 263 4.04 41.42 -20.77
N SER B 264 3.93 40.33 -21.51
N SER B 264 3.92 40.33 -21.53
CA SER B 264 2.67 39.87 -22.06
CA SER B 264 2.65 39.84 -21.97
C SER B 264 2.75 38.37 -22.34
C SER B 264 2.75 38.35 -22.26
N PRO B 265 1.64 37.59 -22.26
CA PRO B 265 0.32 38.05 -21.84
C PRO B 265 -0.14 37.79 -20.40
N ASP B 266 0.67 37.18 -19.57
CA ASP B 266 0.21 36.69 -18.29
C ASP B 266 0.81 37.45 -17.15
N PRO B 267 0.06 37.63 -16.06
CA PRO B 267 0.53 38.48 -14.97
C PRO B 267 1.46 37.88 -13.95
N GLY B 268 1.72 36.57 -13.98
CA GLY B 268 2.64 36.02 -12.99
C GLY B 268 2.61 34.50 -12.99
N VAL B 269 3.56 33.94 -12.28
CA VAL B 269 3.67 32.51 -11.99
C VAL B 269 4.37 32.42 -10.64
N LYS B 270 4.01 31.39 -9.88
CA LYS B 270 4.73 31.13 -8.68
C LYS B 270 6.20 30.81 -8.98
N GLY B 271 7.12 31.37 -8.20
CA GLY B 271 8.53 31.12 -8.37
C GLY B 271 9.29 31.26 -7.08
N PHE B 272 10.61 31.35 -7.14
CA PHE B 272 11.43 31.32 -5.93
C PHE B 272 12.80 31.89 -6.22
N ALA B 273 13.56 32.09 -5.13
CA ALA B 273 14.97 32.38 -5.22
C ALA B 273 15.63 32.07 -3.88
N PHE B 274 16.93 31.82 -3.91
CA PHE B 274 17.72 31.73 -2.69
C PHE B 274 18.67 32.91 -2.67
N LEU B 275 18.63 33.67 -1.58
CA LEU B 275 19.28 34.96 -1.49
C LEU B 275 20.28 34.96 -0.34
N ASP B 276 21.55 34.93 -0.70
CA ASP B 276 22.60 34.82 0.30
C ASP B 276 23.85 35.48 -0.26
N GLY B 277 23.74 36.79 -0.51
CA GLY B 277 24.91 37.54 -0.97
C GLY B 277 25.46 37.04 -2.29
N GLU B 278 26.75 36.69 -2.34
CA GLU B 278 27.37 36.10 -3.55
C GLU B 278 26.73 34.77 -3.95
N ASN B 279 26.20 34.07 -2.93
CA ASN B 279 25.64 32.75 -3.04
C ASN B 279 24.14 32.89 -3.30
N SER B 280 23.77 33.56 -4.38
CA SER B 280 22.37 33.80 -4.69
C SER B 280 21.99 33.20 -6.02
N TRP B 281 20.85 32.54 -6.04
CA TRP B 281 20.32 31.87 -7.20
C TRP B 281 18.86 32.23 -7.47
N LEU B 282 18.55 32.57 -8.73
CA LEU B 282 17.24 32.93 -9.15
C LEU B 282 16.78 31.86 -10.16
N GLY B 283 15.62 31.31 -9.95
CA GLY B 283 14.95 30.51 -10.96
C GLY B 283 14.04 31.36 -11.81
N ARG B 284 13.83 30.96 -13.08
CA ARG B 284 12.76 31.53 -13.88
C ARG B 284 12.49 30.63 -15.07
N THR B 285 11.33 30.82 -15.69
CA THR B 285 11.07 30.18 -16.96
C THR B 285 11.99 30.73 -18.01
N ILE B 286 12.38 29.90 -18.98
CA ILE B 286 13.27 30.42 -20.05
C ILE B 286 12.52 31.42 -20.92
N SER B 287 11.32 31.04 -21.29
CA SER B 287 10.50 32.00 -22.06
C SER B 287 10.17 33.20 -21.16
N LYS B 288 10.15 34.41 -21.78
N LYS B 288 10.17 34.41 -21.81
N LYS B 288 10.13 34.39 -21.75
CA LYS B 288 9.76 35.65 -21.05
CA LYS B 288 9.80 35.68 -21.12
CA LYS B 288 9.71 35.58 -20.97
C LYS B 288 8.22 35.93 -21.27
C LYS B 288 8.22 35.77 -21.07
C LYS B 288 8.19 35.74 -21.10
N ASP B 289 7.57 34.94 -21.97
CA ASP B 289 6.11 35.04 -22.22
C ASP B 289 5.33 33.88 -21.55
N SER B 290 5.83 32.71 -21.72
N SER B 290 5.86 32.73 -21.64
CA SER B 290 5.08 31.47 -21.39
CA SER B 290 5.09 31.52 -21.36
C SER B 290 5.81 30.61 -20.36
C SER B 290 5.82 30.61 -20.36
N ARG B 291 5.03 29.72 -19.78
CA ARG B 291 5.57 28.77 -18.83
C ARG B 291 6.27 27.60 -19.56
N SER B 292 7.35 27.96 -20.24
N SER B 292 7.37 27.98 -20.19
CA SER B 292 8.15 27.00 -20.98
CA SER B 292 8.19 27.13 -21.07
C SER B 292 9.63 27.19 -20.61
C SER B 292 9.63 27.19 -20.51
N GLY B 293 10.28 26.03 -20.41
CA GLY B 293 11.65 26.02 -20.00
C GLY B 293 11.80 26.37 -18.53
N TYR B 294 12.99 26.08 -17.98
CA TYR B 294 13.28 26.52 -16.66
C TYR B 294 14.79 26.59 -16.48
N GLU B 295 15.27 27.68 -15.91
CA GLU B 295 16.70 27.91 -15.80
C GLU B 295 17.00 28.44 -14.39
N MET B 296 18.15 28.01 -13.84
CA MET B 296 18.68 28.59 -12.63
C MET B 296 19.83 29.51 -12.99
N LEU B 297 19.81 30.71 -12.41
CA LEU B 297 20.83 31.73 -12.70
C LEU B 297 21.51 32.16 -11.41
N LYS B 298 22.84 32.08 -11.38
CA LYS B 298 23.57 32.54 -10.20
C LYS B 298 23.80 34.04 -10.35
N VAL B 299 23.20 34.80 -9.45
CA VAL B 299 23.17 36.27 -9.57
C VAL B 299 23.63 36.81 -8.25
N PRO B 300 24.95 36.99 -8.10
CA PRO B 300 25.51 37.51 -6.88
C PRO B 300 24.79 38.81 -6.45
N ASN B 301 24.44 38.87 -5.17
CA ASN B 301 23.86 40.07 -4.57
C ASN B 301 22.57 40.47 -5.29
N ALA B 302 21.83 39.53 -5.81
CA ALA B 302 20.49 39.81 -6.39
C ALA B 302 19.57 40.56 -5.41
N GLU B 303 19.69 40.28 -4.11
CA GLU B 303 18.81 40.90 -3.14
C GLU B 303 19.09 42.38 -2.92
N THR B 304 20.32 42.84 -3.18
CA THR B 304 20.75 44.16 -2.79
C THR B 304 21.22 45.03 -3.97
N ASP B 305 21.58 44.46 -5.10
CA ASP B 305 22.29 45.20 -6.15
C ASP B 305 21.41 45.26 -7.43
N ILE B 306 20.95 46.49 -7.77
CA ILE B 306 20.08 46.64 -8.95
C ILE B 306 20.81 46.43 -10.27
N GLN B 307 22.14 46.32 -10.25
CA GLN B 307 22.88 46.05 -11.45
C GLN B 307 23.31 44.58 -11.52
N SER B 308 22.94 43.77 -10.54
CA SER B 308 23.41 42.39 -10.55
C SER B 308 22.86 41.60 -11.75
N GLY B 309 23.73 40.78 -12.33
CA GLY B 309 23.37 39.90 -13.40
C GLY B 309 23.99 38.51 -13.21
N PRO B 310 23.66 37.58 -14.12
CA PRO B 310 24.06 36.19 -13.94
C PRO B 310 25.52 35.94 -14.21
N ILE B 311 26.13 35.07 -13.41
CA ILE B 311 27.51 34.69 -13.64
C ILE B 311 27.62 33.21 -14.02
N SER B 312 26.55 32.45 -13.78
N SER B 312 26.57 32.45 -13.79
N SER B 312 26.55 32.47 -13.80
CA SER B 312 26.41 31.02 -14.14
CA SER B 312 26.48 31.11 -14.33
CA SER B 312 26.47 31.12 -14.25
C SER B 312 24.97 30.82 -14.53
C SER B 312 24.95 30.87 -14.46
C SER B 312 24.93 30.80 -14.37
N ASN B 313 24.74 29.65 -15.20
CA ASN B 313 23.41 29.25 -15.47
C ASN B 313 23.36 27.72 -15.54
N GLN B 314 22.18 27.17 -15.19
CA GLN B 314 21.92 25.77 -15.45
C GLN B 314 20.51 25.61 -15.98
N VAL B 315 20.39 25.01 -17.16
CA VAL B 315 19.12 24.69 -17.69
C VAL B 315 18.52 23.48 -16.97
N ILE B 316 17.33 23.64 -16.41
CA ILE B 316 16.63 22.57 -15.66
C ILE B 316 15.65 21.86 -16.59
N VAL B 317 14.94 22.65 -17.38
CA VAL B 317 13.98 22.16 -18.33
C VAL B 317 14.21 22.94 -19.63
N ASN B 318 14.42 22.23 -20.73
CA ASN B 318 14.69 22.97 -21.97
C ASN B 318 13.45 23.76 -22.41
N ASN B 319 13.72 24.79 -23.25
CA ASN B 319 12.67 25.71 -23.66
C ASN B 319 11.76 25.07 -24.72
N GLN B 320 11.94 23.81 -25.06
CA GLN B 320 11.01 23.13 -25.94
C GLN B 320 9.99 22.33 -25.07
N ASN B 321 10.04 22.48 -23.77
CA ASN B 321 9.16 21.73 -22.85
C ASN B 321 8.47 22.68 -21.90
N TRP B 322 7.30 22.24 -21.41
CA TRP B 322 6.46 23.00 -20.55
C TRP B 322 6.98 22.96 -19.10
N SER B 323 6.97 24.10 -18.40
CA SER B 323 7.31 24.14 -17.05
C SER B 323 6.02 24.50 -16.28
N GLY B 324 6.08 25.45 -15.37
CA GLY B 324 4.97 25.64 -14.45
C GLY B 324 5.47 26.38 -13.20
N TYR B 325 4.76 26.24 -12.09
CA TYR B 325 5.18 26.74 -10.81
C TYR B 325 6.54 26.20 -10.39
N SER B 326 7.21 26.95 -9.55
CA SER B 326 8.46 26.47 -8.94
C SER B 326 8.45 26.96 -7.51
N GLY B 327 9.19 26.29 -6.61
CA GLY B 327 9.18 26.67 -5.25
C GLY B 327 10.38 26.12 -4.51
N ALA B 328 10.59 26.67 -3.32
CA ALA B 328 11.74 26.33 -2.48
C ALA B 328 11.31 25.31 -1.40
N PHE B 329 12.25 24.45 -1.03
CA PHE B 329 12.16 23.68 0.21
C PHE B 329 13.57 23.31 0.61
N ILE B 330 13.77 22.92 1.87
CA ILE B 330 15.07 22.51 2.34
C ILE B 330 14.84 21.32 3.24
N ASP B 331 15.69 20.31 3.15
CA ASP B 331 15.77 19.26 4.16
C ASP B 331 16.52 19.82 5.37
N TYR B 332 15.76 20.48 6.25
CA TYR B 332 16.31 21.10 7.47
C TYR B 332 16.85 20.05 8.45
N TRP B 333 16.57 18.77 8.20
CA TRP B 333 17.01 17.69 9.12
C TRP B 333 18.14 16.86 8.56
N ALA B 334 18.76 17.36 7.49
CA ALA B 334 19.96 16.66 6.93
C ALA B 334 21.12 16.73 7.89
N ASN B 335 22.04 15.77 7.69
CA ASN B 335 23.20 15.63 8.51
C ASN B 335 24.31 16.46 7.87
N LYS B 336 24.18 17.77 7.95
CA LYS B 336 25.06 18.73 7.29
C LYS B 336 25.17 19.91 8.25
N GLU B 337 26.23 20.69 8.14
CA GLU B 337 26.42 21.83 8.96
C GLU B 337 25.73 23.07 8.39
N CYS B 338 25.19 22.93 7.16
N CYS B 338 25.18 22.95 7.17
CA CYS B 338 24.51 24.01 6.47
CA CYS B 338 24.43 24.03 6.60
C CYS B 338 23.18 23.49 5.91
C CYS B 338 23.18 23.50 5.90
N PHE B 339 22.24 24.41 5.72
CA PHE B 339 20.97 24.07 5.09
C PHE B 339 21.13 24.14 3.56
N ASN B 340 20.91 23.04 2.88
CA ASN B 340 21.15 22.99 1.43
C ASN B 340 19.91 23.37 0.66
N PRO B 341 19.91 24.46 -0.15
CA PRO B 341 18.76 24.79 -0.97
C PRO B 341 18.28 23.65 -1.88
N CYS B 342 16.97 23.48 -1.97
CA CYS B 342 16.35 22.64 -2.94
C CYS B 342 15.21 23.37 -3.59
N PHE B 343 14.80 22.92 -4.75
CA PHE B 343 13.65 23.48 -5.38
C PHE B 343 12.96 22.44 -6.25
N TYR B 344 11.72 22.74 -6.62
CA TYR B 344 11.02 21.87 -7.54
C TYR B 344 10.53 22.72 -8.69
N VAL B 345 10.22 22.04 -9.80
CA VAL B 345 9.49 22.61 -10.90
C VAL B 345 8.26 21.73 -11.16
N GLU B 346 7.11 22.38 -11.28
CA GLU B 346 5.87 21.78 -11.75
C GLU B 346 5.89 21.71 -13.27
N LEU B 347 5.74 20.54 -13.88
CA LEU B 347 5.81 20.37 -15.31
C LEU B 347 4.36 20.20 -15.78
N ILE B 348 3.70 21.28 -16.21
CA ILE B 348 2.33 21.25 -16.48
C ILE B 348 2.12 20.64 -17.86
N ARG B 349 1.22 19.69 -17.97
CA ARG B 349 0.80 19.13 -19.21
C ARG B 349 -0.73 19.30 -19.41
N GLY B 350 -1.14 19.38 -20.67
CA GLY B 350 -2.54 19.57 -20.98
C GLY B 350 -2.87 21.05 -21.11
N ARG B 351 -4.10 21.38 -20.74
CA ARG B 351 -4.63 22.73 -21.04
C ARG B 351 -3.93 23.77 -20.15
N PRO B 352 -3.80 25.02 -20.63
CA PRO B 352 -4.31 25.42 -21.93
C PRO B 352 -3.30 25.32 -23.09
N LYS B 353 -2.03 25.00 -22.80
CA LYS B 353 -1.00 25.00 -23.84
C LYS B 353 -1.14 23.80 -24.80
N GLU B 354 -1.70 22.68 -24.31
CA GLU B 354 -1.88 21.46 -25.09
C GLU B 354 -3.37 21.13 -25.06
N SER B 355 -4.10 21.69 -26.02
N SER B 355 -4.13 21.71 -25.99
CA SER B 355 -5.55 21.66 -26.03
CA SER B 355 -5.60 21.59 -25.98
C SER B 355 -6.11 20.42 -26.72
C SER B 355 -6.09 20.50 -26.94
N SER B 356 -5.25 19.49 -27.15
CA SER B 356 -5.71 18.25 -27.75
C SER B 356 -6.21 17.25 -26.70
N VAL B 357 -6.00 17.55 -25.44
CA VAL B 357 -6.58 16.79 -24.37
C VAL B 357 -7.54 17.70 -23.59
N LEU B 358 -8.40 17.08 -22.75
CA LEU B 358 -9.41 17.80 -22.02
C LEU B 358 -8.98 18.22 -20.63
N TRP B 359 -7.81 17.75 -20.22
CA TRP B 359 -7.37 17.85 -18.85
C TRP B 359 -6.20 18.81 -18.70
N THR B 360 -5.85 19.09 -17.44
CA THR B 360 -4.67 19.77 -17.04
C THR B 360 -4.11 19.03 -15.84
N SER B 361 -2.85 18.69 -15.92
CA SER B 361 -2.15 18.04 -14.76
C SER B 361 -0.70 18.40 -14.84
N ASN B 362 0.10 17.74 -14.01
CA ASN B 362 1.51 18.01 -13.98
C ASN B 362 2.30 16.77 -13.52
N SER B 363 3.62 16.86 -13.71
CA SER B 363 4.51 15.99 -12.95
C SER B 363 5.48 16.87 -12.19
N ILE B 364 6.44 16.26 -11.50
CA ILE B 364 7.35 17.05 -10.62
C ILE B 364 8.79 16.64 -10.93
N VAL B 365 9.72 17.60 -10.87
CA VAL B 365 11.12 17.36 -10.76
C VAL B 365 11.62 18.21 -9.60
N ALA B 366 12.58 17.71 -8.87
CA ALA B 366 13.16 18.42 -7.77
C ALA B 366 14.69 18.24 -7.81
N LEU B 367 15.43 19.31 -7.41
CA LEU B 367 16.88 19.38 -7.42
C LEU B 367 17.34 20.08 -6.15
N CYS B 368 18.56 19.79 -5.75
CA CYS B 368 19.17 20.43 -4.62
C CYS B 368 20.56 20.92 -5.01
N GLY B 369 21.09 21.80 -4.15
CA GLY B 369 22.36 22.39 -4.52
C GLY B 369 23.51 21.41 -4.41
N SER B 370 24.60 21.67 -5.17
CA SER B 370 25.86 21.04 -4.98
C SER B 370 26.95 22.12 -4.98
N LYS B 371 28.02 21.92 -4.18
N LYS B 371 28.01 21.93 -4.18
CA LYS B 371 29.21 22.78 -4.22
CA LYS B 371 29.19 22.78 -4.28
C LYS B 371 30.12 22.40 -5.40
C LYS B 371 30.01 22.46 -5.52
N LYS B 372 29.84 21.25 -6.07
CA LYS B 372 30.62 20.82 -7.19
C LYS B 372 30.06 21.45 -8.46
N ARG B 373 30.82 21.31 -9.53
CA ARG B 373 30.38 21.77 -10.85
C ARG B 373 29.83 20.59 -11.65
N LEU B 374 28.54 20.31 -11.53
CA LEU B 374 27.96 19.15 -12.10
C LEU B 374 27.40 19.48 -13.48
N GLY B 375 27.50 18.51 -14.36
CA GLY B 375 26.83 18.64 -15.63
C GLY B 375 25.32 18.54 -15.52
N SER B 376 24.65 18.98 -16.56
CA SER B 376 23.18 19.09 -16.51
C SER B 376 22.51 18.54 -17.77
N TRP B 377 21.29 18.01 -17.64
N TRP B 377 21.22 18.28 -17.52
CA TRP B 377 20.39 17.90 -18.81
CA TRP B 377 20.30 17.64 -18.36
C TRP B 377 18.98 18.25 -18.33
C TRP B 377 18.95 18.35 -18.27
N SER B 378 18.12 18.29 -19.33
CA SER B 378 16.73 18.72 -19.22
C SER B 378 15.90 17.62 -18.55
N TRP B 379 15.18 17.99 -17.51
CA TRP B 379 14.35 17.11 -16.77
C TRP B 379 12.87 17.34 -17.09
N HIS B 380 12.54 17.37 -18.37
CA HIS B 380 11.17 17.63 -18.79
C HIS B 380 10.24 16.46 -18.44
N ASP B 381 8.94 16.71 -18.55
CA ASP B 381 7.93 15.76 -18.11
C ASP B 381 8.12 14.38 -18.74
N GLY B 382 8.27 14.32 -20.09
CA GLY B 382 8.57 13.09 -20.78
C GLY B 382 7.36 12.36 -21.37
N ALA B 383 6.13 12.82 -21.13
CA ALA B 383 5.01 12.14 -21.70
C ALA B 383 4.81 12.59 -23.14
N GLU B 384 4.25 11.69 -23.96
N GLU B 384 4.25 11.69 -23.95
CA GLU B 384 3.90 12.01 -25.33
CA GLU B 384 3.89 11.96 -25.32
C GLU B 384 2.40 12.31 -25.34
C GLU B 384 2.40 12.32 -25.31
N ILE B 385 2.07 13.57 -25.65
CA ILE B 385 0.64 13.96 -25.64
C ILE B 385 -0.16 13.17 -26.69
N ILE B 386 0.44 12.71 -27.80
N ILE B 386 0.46 12.68 -27.75
CA ILE B 386 -0.27 11.92 -28.83
CA ILE B 386 -0.29 12.01 -28.78
C ILE B 386 -0.92 10.69 -28.20
C ILE B 386 -0.84 10.67 -28.26
N TYR B 387 -0.23 10.09 -27.22
CA TYR B 387 -0.73 8.89 -26.58
C TYR B 387 -2.03 9.12 -25.82
N PHE B 388 -2.33 10.40 -25.49
CA PHE B 388 -3.53 10.74 -24.73
C PHE B 388 -4.65 11.25 -25.67
N GLU B 389 -4.38 11.24 -26.96
CA GLU B 389 -5.35 11.69 -27.94
C GLU B 389 -6.19 10.53 -28.41
N ARG C 1 6.99 -11.58 23.75
CA ARG C 1 6.89 -12.79 22.86
C ARG C 1 7.56 -14.00 23.51
N THR C 2 6.95 -15.16 23.28
N THR C 2 6.89 -15.14 23.41
CA THR C 2 7.36 -16.40 23.86
CA THR C 2 7.32 -16.41 23.97
C THR C 2 6.94 -17.51 22.91
C THR C 2 6.94 -17.51 22.96
N PHE C 3 7.54 -18.69 23.05
CA PHE C 3 7.05 -19.78 22.22
C PHE C 3 5.62 -20.14 22.69
N LEU C 4 4.75 -20.41 21.73
CA LEU C 4 3.47 -20.99 22.01
C LEU C 4 3.60 -22.40 22.61
N ASN C 5 2.84 -22.62 23.68
CA ASN C 5 2.65 -23.93 24.31
C ASN C 5 1.17 -24.28 24.15
N LEU C 6 0.88 -25.52 23.75
CA LEU C 6 -0.49 -26.00 23.49
C LEU C 6 -1.13 -26.45 24.80
N THR C 7 -1.29 -25.48 25.68
N THR C 7 -1.26 -25.51 25.73
CA THR C 7 -1.65 -25.76 27.10
CA THR C 7 -1.71 -25.78 27.08
C THR C 7 -3.16 -25.76 27.32
C THR C 7 -3.20 -26.16 27.10
N LYS C 8 -3.96 -25.38 26.35
CA LYS C 8 -5.41 -25.21 26.56
C LYS C 8 -6.17 -26.29 25.82
N PRO C 9 -7.39 -26.63 26.32
CA PRO C 9 -8.26 -27.53 25.61
C PRO C 9 -8.98 -26.81 24.49
N LEU C 10 -9.64 -27.58 23.64
CA LEU C 10 -10.50 -26.99 22.66
C LEU C 10 -11.73 -26.42 23.32
N CYS C 11 -12.18 -25.29 22.78
CA CYS C 11 -13.50 -24.73 23.16
C CYS C 11 -14.64 -25.63 22.73
N GLU C 12 -15.69 -25.61 23.55
CA GLU C 12 -16.96 -26.17 23.19
C GLU C 12 -17.47 -25.48 21.92
N VAL C 13 -17.93 -26.24 20.93
CA VAL C 13 -18.51 -25.71 19.68
C VAL C 13 -19.90 -26.33 19.44
N ASN C 14 -20.89 -25.43 19.33
CA ASN C 14 -22.27 -25.76 19.04
C ASN C 14 -22.66 -25.28 17.65
N SER C 15 -22.01 -24.23 17.13
CA SER C 15 -22.30 -23.68 15.84
C SER C 15 -21.06 -22.92 15.35
N TRP C 16 -21.12 -22.39 14.14
CA TRP C 16 -19.96 -21.70 13.58
C TRP C 16 -20.34 -20.28 13.11
N HIS C 17 -19.48 -19.34 13.49
CA HIS C 17 -19.70 -17.93 13.14
C HIS C 17 -18.72 -17.53 12.06
N ILE C 18 -19.12 -16.53 11.27
CA ILE C 18 -18.29 -16.06 10.17
C ILE C 18 -17.09 -15.28 10.72
N LEU C 19 -15.90 -15.65 10.23
CA LEU C 19 -14.67 -14.97 10.56
C LEU C 19 -14.22 -14.03 9.43
N SER C 20 -14.10 -14.55 8.22
CA SER C 20 -13.62 -13.74 7.10
C SER C 20 -14.13 -14.31 5.80
N LYS C 21 -14.15 -13.44 4.81
CA LYS C 21 -14.48 -13.85 3.46
C LYS C 21 -13.80 -12.83 2.55
N ASP C 22 -13.10 -13.28 1.48
CA ASP C 22 -12.39 -12.30 0.68
C ASP C 22 -13.08 -11.92 -0.64
N ASN C 23 -14.07 -12.67 -1.11
CA ASN C 23 -14.78 -12.29 -2.33
C ASN C 23 -13.83 -12.04 -3.50
N ALA C 24 -12.78 -12.85 -3.57
CA ALA C 24 -11.67 -12.56 -4.48
C ALA C 24 -12.08 -12.64 -5.96
N ILE C 25 -12.96 -13.60 -6.32
CA ILE C 25 -13.28 -13.73 -7.72
C ILE C 25 -14.23 -12.61 -8.13
N ARG C 26 -15.21 -12.23 -7.31
CA ARG C 26 -16.05 -11.05 -7.61
C ARG C 26 -15.17 -9.81 -7.78
N ILE C 27 -14.24 -9.58 -6.84
CA ILE C 27 -13.47 -8.37 -6.94
C ILE C 27 -12.53 -8.44 -8.18
N GLY C 28 -11.93 -9.60 -8.38
CA GLY C 28 -10.93 -9.83 -9.40
C GLY C 28 -11.49 -9.91 -10.78
N GLU C 29 -12.79 -9.79 -10.92
CA GLU C 29 -13.39 -9.59 -12.24
C GLU C 29 -12.92 -8.29 -12.88
N ASP C 30 -12.58 -7.32 -12.04
CA ASP C 30 -12.20 -5.93 -12.53
C ASP C 30 -10.89 -5.48 -11.88
N ALA C 31 -10.62 -5.83 -10.66
CA ALA C 31 -9.44 -5.29 -9.97
C ALA C 31 -8.28 -6.27 -10.25
N HIS C 32 -7.09 -5.98 -9.83
CA HIS C 32 -5.95 -6.81 -10.24
C HIS C 32 -5.78 -7.83 -9.12
N ILE C 33 -6.40 -8.98 -9.25
CA ILE C 33 -6.34 -9.98 -8.19
C ILE C 33 -5.60 -11.21 -8.73
N LEU C 34 -4.65 -11.71 -7.94
CA LEU C 34 -3.87 -12.88 -8.36
C LEU C 34 -4.73 -14.12 -8.41
N VAL C 35 -4.46 -14.95 -9.45
CA VAL C 35 -4.99 -16.30 -9.51
C VAL C 35 -4.31 -17.14 -8.44
N THR C 36 -5.11 -17.88 -7.67
CA THR C 36 -4.59 -18.72 -6.62
C THR C 36 -5.26 -20.10 -6.64
N ARG C 37 -4.77 -20.95 -5.74
CA ARG C 37 -5.50 -22.15 -5.26
C ARG C 37 -4.79 -22.54 -3.98
N GLU C 38 -5.30 -23.58 -3.32
CA GLU C 38 -4.70 -24.11 -2.10
C GLU C 38 -4.54 -23.04 -1.03
N PRO C 39 -5.61 -22.32 -0.69
CA PRO C 39 -5.52 -21.30 0.35
C PRO C 39 -5.58 -21.86 1.76
N TYR C 40 -5.24 -21.03 2.72
CA TYR C 40 -5.48 -21.36 4.14
C TYR C 40 -5.37 -20.06 4.93
N LEU C 41 -5.54 -20.20 6.25
CA LEU C 41 -5.28 -19.11 7.17
C LEU C 41 -4.33 -19.58 8.24
N SER C 42 -3.63 -18.63 8.80
CA SER C 42 -2.71 -18.91 9.86
C SER C 42 -2.55 -17.65 10.71
N CYS C 43 -2.47 -17.83 12.03
CA CYS C 43 -2.48 -16.71 12.97
C CYS C 43 -1.11 -16.58 13.63
N ASP C 44 -0.98 -15.49 14.37
CA ASP C 44 0.21 -15.18 15.10
C ASP C 44 -0.23 -14.27 16.24
N PRO C 45 0.70 -13.83 17.13
CA PRO C 45 0.28 -13.00 18.22
C PRO C 45 -0.47 -11.71 17.86
N GLN C 46 -0.33 -11.26 16.62
N GLN C 46 -0.31 -11.18 16.59
CA GLN C 46 -0.94 -9.97 16.20
CA GLN C 46 -0.99 -9.93 16.31
C GLN C 46 -2.29 -10.18 15.51
C GLN C 46 -2.24 -10.12 15.43
N GLY C 47 -2.56 -11.37 15.01
CA GLY C 47 -3.85 -11.58 14.34
C GLY C 47 -3.74 -12.73 13.35
N CYS C 48 -4.62 -12.74 12.36
N CYS C 48 -4.45 -12.59 12.26
CA CYS C 48 -4.59 -13.86 11.39
CA CYS C 48 -4.53 -13.70 11.38
C CYS C 48 -4.41 -13.31 9.97
C CYS C 48 -4.37 -13.24 9.93
N ARG C 49 -3.75 -14.11 9.12
CA ARG C 49 -3.50 -13.80 7.75
C ARG C 49 -4.02 -14.91 6.85
N MET C 50 -4.35 -14.53 5.60
CA MET C 50 -4.70 -15.46 4.55
C MET C 50 -3.43 -15.83 3.78
N PHE C 51 -3.39 -17.09 3.28
CA PHE C 51 -2.27 -17.67 2.56
C PHE C 51 -2.84 -18.42 1.36
N ALA C 52 -2.07 -18.50 0.29
CA ALA C 52 -2.46 -19.33 -0.89
C ALA C 52 -1.26 -19.47 -1.82
N LEU C 53 -1.40 -20.38 -2.77
CA LEU C 53 -0.43 -20.49 -3.81
C LEU C 53 -0.85 -19.66 -5.00
N SER C 54 -0.12 -18.56 -5.26
CA SER C 54 -0.32 -17.78 -6.46
C SER C 54 0.06 -18.61 -7.67
N GLN C 55 -0.54 -18.27 -8.80
CA GLN C 55 -0.14 -18.75 -10.11
C GLN C 55 0.72 -17.74 -10.88
N GLY C 56 1.08 -16.61 -10.25
CA GLY C 56 1.98 -15.67 -10.90
C GLY C 56 1.32 -15.02 -12.14
N THR C 57 0.04 -14.64 -11.97
CA THR C 57 -0.81 -13.96 -12.99
C THR C 57 -2.00 -13.39 -12.24
N THR C 58 -2.58 -12.36 -12.83
CA THR C 58 -3.89 -11.91 -12.36
C THR C 58 -5.04 -12.70 -13.02
N LEU C 59 -6.23 -12.63 -12.39
CA LEU C 59 -7.37 -13.40 -12.89
C LEU C 59 -7.84 -12.96 -14.27
N ARG C 60 -7.90 -11.66 -14.54
CA ARG C 60 -8.32 -11.16 -15.82
C ARG C 60 -7.14 -11.12 -16.81
N GLY C 61 -5.93 -11.43 -16.37
CA GLY C 61 -4.77 -11.46 -17.28
C GLY C 61 -4.84 -12.63 -18.27
N ARG C 62 -4.19 -12.44 -19.40
CA ARG C 62 -4.13 -13.53 -20.40
C ARG C 62 -3.43 -14.74 -19.81
N HIS C 63 -2.50 -14.55 -18.89
CA HIS C 63 -1.78 -15.67 -18.35
C HIS C 63 -2.63 -16.54 -17.42
N ALA C 64 -3.85 -16.12 -17.06
CA ALA C 64 -4.78 -16.96 -16.28
C ALA C 64 -5.16 -18.21 -17.10
N ASN C 65 -5.01 -18.12 -18.41
CA ASN C 65 -5.31 -19.25 -19.31
C ASN C 65 -4.38 -20.39 -18.93
N GLY C 66 -4.95 -21.55 -18.60
CA GLY C 66 -4.13 -22.74 -18.29
C GLY C 66 -3.81 -22.91 -16.82
N THR C 67 -4.39 -22.09 -15.90
CA THR C 67 -4.11 -22.18 -14.47
C THR C 67 -4.78 -23.38 -13.77
N ILE C 68 -5.50 -24.28 -14.47
CA ILE C 68 -5.82 -25.55 -13.86
C ILE C 68 -4.48 -26.33 -13.51
N HIS C 69 -3.38 -26.01 -14.20
CA HIS C 69 -2.08 -26.74 -14.02
C HIS C 69 -1.55 -26.52 -12.61
N ASP C 70 -1.09 -27.59 -11.97
CA ASP C 70 -0.76 -27.53 -10.56
C ASP C 70 0.64 -26.98 -10.29
N ARG C 71 1.63 -27.39 -11.08
CA ARG C 71 3.00 -27.12 -10.72
C ARG C 71 3.73 -26.40 -11.84
N SER C 72 4.12 -25.15 -11.59
CA SER C 72 4.89 -24.35 -12.53
C SER C 72 5.95 -23.58 -11.75
N PRO C 73 6.95 -23.05 -12.46
CA PRO C 73 7.97 -22.18 -11.82
C PRO C 73 7.42 -20.80 -11.48
N PHE C 74 6.14 -20.55 -11.78
CA PHE C 74 5.55 -19.20 -11.59
C PHE C 74 4.75 -19.13 -10.31
N ARG C 75 4.69 -20.19 -9.51
CA ARG C 75 3.89 -20.21 -8.34
C ARG C 75 4.72 -19.83 -7.12
N ALA C 76 3.99 -19.33 -6.13
CA ALA C 76 4.62 -18.91 -4.82
C ALA C 76 3.56 -18.95 -3.75
N LEU C 77 4.03 -19.15 -2.54
CA LEU C 77 3.16 -19.00 -1.34
C LEU C 77 3.14 -17.51 -1.02
N ILE C 78 1.94 -16.94 -1.08
CA ILE C 78 1.71 -15.55 -0.70
C ILE C 78 0.83 -15.49 0.55
N SER C 79 1.00 -14.41 1.33
CA SER C 79 0.17 -14.15 2.47
C SER C 79 -0.30 -12.70 2.40
N TRP C 80 -1.42 -12.44 3.03
CA TRP C 80 -2.02 -11.09 3.01
C TRP C 80 -2.94 -10.90 4.19
N GLU C 81 -3.27 -9.63 4.46
CA GLU C 81 -4.11 -9.32 5.62
C GLU C 81 -5.51 -9.98 5.44
N MET C 82 -5.93 -10.67 6.49
CA MET C 82 -7.14 -11.43 6.45
C MET C 82 -8.28 -10.54 5.98
N GLY C 83 -9.03 -11.06 5.01
CA GLY C 83 -10.26 -10.42 4.53
C GLY C 83 -10.07 -9.69 3.21
N GLN C 84 -8.86 -9.15 2.98
CA GLN C 84 -8.55 -8.53 1.67
C GLN C 84 -8.52 -9.65 0.64
N ALA C 85 -8.67 -9.28 -0.63
CA ALA C 85 -8.37 -10.21 -1.76
C ALA C 85 -6.90 -10.08 -2.11
N PRO C 86 -6.28 -11.14 -2.65
CA PRO C 86 -4.86 -11.12 -2.93
C PRO C 86 -4.57 -10.42 -4.26
N SER C 87 -3.93 -9.28 -4.20
CA SER C 87 -3.49 -8.53 -5.38
C SER C 87 -1.97 -8.57 -5.42
N PRO C 88 -1.35 -8.14 -6.53
CA PRO C 88 0.06 -7.93 -6.59
C PRO C 88 0.58 -6.87 -5.64
N TYR C 89 -0.32 -6.07 -5.08
CA TYR C 89 0.08 -4.90 -4.32
C TYR C 89 -0.01 -5.11 -2.80
N ASN C 90 -0.71 -6.13 -2.32
CA ASN C 90 -0.93 -6.30 -0.87
C ASN C 90 -0.40 -7.64 -0.36
N THR C 91 0.32 -8.42 -1.19
CA THR C 91 0.69 -9.76 -0.86
C THR C 91 2.17 -9.89 -0.59
N ARG C 92 2.51 -10.68 0.43
CA ARG C 92 3.89 -10.96 0.81
C ARG C 92 4.30 -12.31 0.25
N VAL C 93 5.40 -12.39 -0.48
CA VAL C 93 5.86 -13.69 -0.94
C VAL C 93 6.59 -14.38 0.23
N GLU C 94 6.06 -15.51 0.66
CA GLU C 94 6.64 -16.27 1.76
C GLU C 94 7.75 -17.21 1.30
N CYS C 95 7.56 -17.79 0.11
N CYS C 95 7.53 -17.90 0.17
CA CYS C 95 8.50 -18.72 -0.41
CA CYS C 95 8.45 -18.92 -0.36
C CYS C 95 8.03 -19.05 -1.84
C CYS C 95 7.98 -19.26 -1.78
N ILE C 96 8.92 -19.67 -2.64
CA ILE C 96 8.60 -19.95 -4.04
CA ILE C 96 8.61 -19.95 -4.04
C ILE C 96 8.30 -21.45 -4.20
N GLY C 97 7.21 -21.76 -4.87
CA GLY C 97 6.91 -23.16 -5.13
C GLY C 97 5.43 -23.43 -5.23
N TRP C 98 5.06 -24.74 -5.21
CA TRP C 98 3.76 -25.18 -5.62
C TRP C 98 3.12 -26.13 -4.60
N SER C 99 3.69 -26.20 -3.36
CA SER C 99 3.05 -26.88 -2.27
C SER C 99 3.61 -26.20 -1.03
N SER C 100 2.82 -25.98 0.01
CA SER C 100 3.33 -25.18 1.13
C SER C 100 2.71 -25.58 2.47
N THR C 101 3.36 -25.06 3.52
CA THR C 101 2.74 -24.94 4.82
C THR C 101 3.37 -23.73 5.50
N SER C 102 2.76 -23.33 6.62
CA SER C 102 3.27 -22.18 7.37
C SER C 102 2.67 -22.23 8.76
N CYS C 103 3.45 -21.81 9.75
CA CYS C 103 2.94 -21.67 11.07
C CYS C 103 3.83 -20.73 11.89
N HIS C 104 3.26 -20.10 12.92
CA HIS C 104 3.97 -19.23 13.82
C HIS C 104 4.21 -19.90 15.15
N ASP C 105 5.43 -19.87 15.64
CA ASP C 105 5.77 -20.60 16.86
C ASP C 105 5.60 -19.72 18.11
N GLY C 106 5.05 -18.52 17.93
CA GLY C 106 4.95 -17.55 18.99
C GLY C 106 6.06 -16.48 18.93
N MET C 107 7.24 -16.79 18.37
CA MET C 107 8.32 -15.86 18.13
C MET C 107 8.34 -15.39 16.67
N SER C 108 8.45 -16.32 15.73
CA SER C 108 8.48 -16.00 14.30
C SER C 108 7.70 -17.05 13.48
N ARG C 109 7.46 -16.74 12.20
CA ARG C 109 6.75 -17.59 11.33
C ARG C 109 7.73 -18.46 10.50
N MET C 110 7.40 -19.76 10.46
CA MET C 110 8.05 -20.70 9.57
C MET C 110 7.18 -20.91 8.36
N SER C 111 7.76 -20.79 7.17
CA SER C 111 7.05 -21.10 5.94
C SER C 111 7.87 -22.09 5.13
N ILE C 112 7.19 -23.03 4.46
CA ILE C 112 7.86 -24.06 3.69
C ILE C 112 7.20 -24.14 2.34
N CYS C 113 8.01 -24.15 1.28
N CYS C 113 8.00 -24.20 1.27
CA CYS C 113 7.50 -24.35 -0.11
CA CYS C 113 7.46 -24.38 -0.09
C CYS C 113 8.34 -25.43 -0.75
C CYS C 113 8.36 -25.33 -0.89
N MET C 114 7.71 -26.26 -1.57
CA MET C 114 8.36 -27.21 -2.44
C MET C 114 8.29 -26.65 -3.86
N SER C 115 9.39 -26.88 -4.59
CA SER C 115 9.41 -26.51 -6.00
C SER C 115 10.23 -27.55 -6.77
N GLY C 116 10.26 -27.40 -8.09
CA GLY C 116 11.08 -28.22 -8.92
C GLY C 116 10.25 -29.16 -9.77
N PRO C 117 10.95 -29.99 -10.54
CA PRO C 117 10.30 -30.95 -11.44
C PRO C 117 9.77 -32.11 -10.57
N ASN C 118 8.91 -32.94 -11.16
CA ASN C 118 8.31 -34.05 -10.43
C ASN C 118 9.36 -34.96 -9.81
N ASN C 119 10.43 -35.24 -10.54
CA ASN C 119 11.40 -36.24 -10.14
C ASN C 119 12.54 -35.68 -9.32
N ASN C 120 12.47 -34.41 -8.92
CA ASN C 120 13.66 -33.79 -8.35
C ASN C 120 13.23 -32.50 -7.58
N ALA C 121 12.14 -32.57 -6.84
CA ALA C 121 11.64 -31.40 -6.13
C ALA C 121 12.48 -31.21 -4.86
N SER C 122 12.30 -30.03 -4.21
CA SER C 122 12.97 -29.74 -3.01
C SER C 122 12.13 -28.76 -2.22
N ALA C 123 12.26 -28.85 -0.88
CA ALA C 123 11.67 -27.85 -0.01
C ALA C 123 12.72 -26.84 0.42
N VAL C 124 12.26 -25.59 0.59
CA VAL C 124 13.03 -24.59 1.29
C VAL C 124 12.21 -24.17 2.50
N VAL C 125 12.82 -24.17 3.67
CA VAL C 125 12.18 -23.87 4.93
C VAL C 125 12.69 -22.50 5.39
N TRP C 126 11.75 -21.57 5.54
CA TRP C 126 12.02 -20.19 5.93
C TRP C 126 11.60 -19.98 7.38
N TYR C 127 12.32 -19.13 8.08
CA TYR C 127 11.96 -18.77 9.42
C TYR C 127 12.23 -17.28 9.60
N GLY C 128 11.18 -16.54 10.03
CA GLY C 128 11.38 -15.11 10.27
C GLY C 128 11.73 -14.40 8.98
N GLY C 129 11.28 -14.92 7.86
CA GLY C 129 11.52 -14.32 6.56
C GLY C 129 12.88 -14.59 5.92
N ARG C 130 13.68 -15.49 6.51
CA ARG C 130 15.00 -15.86 5.96
C ARG C 130 15.02 -17.34 5.67
N PRO C 131 15.68 -17.79 4.59
CA PRO C 131 15.76 -19.23 4.28
C PRO C 131 16.76 -19.94 5.20
N ILE C 132 16.32 -21.03 5.83
CA ILE C 132 17.13 -21.71 6.88
C ILE C 132 17.65 -23.07 6.40
N THR C 133 16.76 -23.87 5.82
CA THR C 133 17.06 -25.28 5.57
C THR C 133 16.54 -25.63 4.16
N GLU C 134 17.20 -26.58 3.50
CA GLU C 134 16.68 -27.13 2.27
C GLU C 134 16.54 -28.64 2.42
N ILE C 135 15.52 -29.21 1.79
CA ILE C 135 15.27 -30.66 1.90
C ILE C 135 15.06 -31.23 0.51
N PRO C 136 15.96 -32.12 0.05
CA PRO C 136 15.72 -32.76 -1.23
C PRO C 136 14.66 -33.87 -1.15
N SER C 137 13.95 -34.05 -2.26
CA SER C 137 13.06 -35.18 -2.45
C SER C 137 13.77 -36.48 -2.08
N TRP C 138 13.09 -37.33 -1.32
CA TRP C 138 13.60 -38.65 -0.92
C TRP C 138 13.04 -39.77 -1.79
N ALA C 139 11.96 -39.53 -2.54
CA ALA C 139 11.36 -40.60 -3.32
C ALA C 139 11.19 -40.21 -4.78
N GLY C 140 11.64 -39.01 -5.16
CA GLY C 140 11.70 -38.69 -6.58
C GLY C 140 10.31 -38.53 -7.21
N ASN C 141 9.29 -38.14 -6.45
CA ASN C 141 7.93 -38.03 -7.03
C ASN C 141 7.09 -37.02 -6.25
N ILE C 142 7.33 -35.76 -6.58
CA ILE C 142 6.51 -34.61 -6.16
C ILE C 142 6.51 -34.51 -4.62
N LEU C 143 7.69 -34.29 -4.03
CA LEU C 143 7.78 -33.96 -2.62
C LEU C 143 6.80 -32.82 -2.33
N ARG C 144 6.01 -32.94 -1.27
CA ARG C 144 4.83 -32.07 -1.09
C ARG C 144 4.36 -32.10 0.36
N THR C 145 3.50 -31.12 0.70
CA THR C 145 3.11 -30.95 2.11
C THR C 145 1.66 -30.50 2.27
N GLN C 146 1.36 -29.89 3.41
CA GLN C 146 0.02 -29.89 4.01
C GLN C 146 -0.98 -29.08 3.16
N GLU C 147 -0.59 -27.90 2.68
CA GLU C 147 -1.49 -26.92 2.11
C GLU C 147 -2.41 -26.28 3.15
N SER C 148 -2.06 -26.41 4.44
CA SER C 148 -2.69 -25.57 5.48
C SER C 148 -1.68 -25.45 6.61
N GLU C 149 -2.03 -24.76 7.69
CA GLU C 149 -1.01 -24.47 8.67
C GLU C 149 -0.52 -25.68 9.43
N CYS C 150 0.74 -25.56 9.84
CA CYS C 150 1.35 -26.42 10.79
C CYS C 150 1.06 -25.87 12.21
N VAL C 151 1.53 -26.56 13.22
CA VAL C 151 1.24 -26.22 14.60
C VAL C 151 2.52 -26.37 15.41
N CYS C 152 2.74 -25.47 16.37
CA CYS C 152 3.97 -25.48 17.14
C CYS C 152 3.70 -25.62 18.63
N HIS C 153 4.69 -26.16 19.36
CA HIS C 153 4.59 -26.36 20.77
C HIS C 153 6.00 -26.30 21.36
N LYS C 154 6.25 -25.30 22.19
CA LYS C 154 7.56 -25.11 22.86
C LYS C 154 8.66 -24.98 21.80
N GLY C 155 8.31 -24.36 20.72
CA GLY C 155 9.21 -24.03 19.61
C GLY C 155 9.34 -25.17 18.60
N VAL C 156 8.74 -26.32 18.85
CA VAL C 156 8.82 -27.49 17.92
C VAL C 156 7.57 -27.51 17.05
N CYS C 157 7.73 -27.48 15.73
CA CYS C 157 6.68 -27.43 14.84
C CYS C 157 6.76 -28.64 13.90
N PRO C 158 5.93 -29.67 14.09
CA PRO C 158 5.90 -30.82 13.19
C PRO C 158 5.20 -30.47 11.89
N VAL C 159 5.72 -31.04 10.79
CA VAL C 159 5.14 -30.90 9.47
C VAL C 159 5.07 -32.29 8.84
N VAL C 160 3.94 -32.58 8.23
CA VAL C 160 3.82 -33.84 7.49
C VAL C 160 4.09 -33.57 6.00
N MET C 161 4.93 -34.38 5.39
CA MET C 161 5.28 -34.33 4.01
C MET C 161 5.18 -35.70 3.36
N THR C 162 4.83 -35.70 2.06
CA THR C 162 4.76 -36.93 1.30
C THR C 162 5.62 -36.83 0.06
N ASP C 163 6.16 -37.96 -0.39
CA ASP C 163 6.91 -38.03 -1.62
C ASP C 163 6.65 -39.44 -2.17
N GLY C 164 6.22 -39.53 -3.41
CA GLY C 164 5.83 -40.81 -3.91
C GLY C 164 4.53 -40.67 -4.68
N PRO C 165 4.01 -41.78 -5.15
CA PRO C 165 2.77 -41.79 -5.89
C PRO C 165 1.56 -41.22 -5.13
N ALA C 166 0.65 -40.63 -5.90
CA ALA C 166 -0.60 -40.17 -5.36
C ALA C 166 -1.65 -41.24 -5.41
N ASN C 167 -1.37 -42.37 -6.06
CA ASN C 167 -2.36 -43.42 -6.32
C ASN C 167 -1.81 -44.77 -5.85
N ASN C 168 -0.84 -44.79 -4.95
CA ASN C 168 -0.22 -46.05 -4.50
C ASN C 168 0.54 -45.71 -3.22
N ARG C 169 1.09 -46.75 -2.59
N ARG C 169 1.10 -46.73 -2.60
CA ARG C 169 1.97 -46.57 -1.44
CA ARG C 169 1.90 -46.53 -1.38
C ARG C 169 3.06 -45.52 -1.75
C ARG C 169 3.13 -45.61 -1.66
N ALA C 170 3.18 -44.53 -0.78
CA ALA C 170 4.14 -43.37 -0.88
C ALA C 170 4.96 -43.33 0.43
N ALA C 171 5.93 -42.41 0.49
CA ALA C 171 6.86 -42.28 1.59
C ALA C 171 6.56 -40.96 2.32
N THR C 172 5.77 -41.08 3.39
CA THR C 172 5.40 -39.93 4.20
C THR C 172 6.34 -39.85 5.38
N LYS C 173 6.67 -38.61 5.76
CA LYS C 173 7.53 -38.38 6.90
CA LYS C 173 7.54 -38.35 6.88
C LYS C 173 6.95 -37.22 7.72
N ILE C 174 7.27 -37.25 9.01
CA ILE C 174 6.96 -36.14 9.87
C ILE C 174 8.31 -35.52 10.20
N ILE C 175 8.47 -34.23 9.91
CA ILE C 175 9.72 -33.55 10.18
C ILE C 175 9.44 -32.53 11.29
N TYR C 176 10.27 -32.55 12.30
CA TYR C 176 10.02 -31.70 13.46
C TYR C 176 11.03 -30.58 13.36
N PHE C 177 10.55 -29.32 13.24
CA PHE C 177 11.40 -28.16 13.07
C PHE C 177 11.45 -27.33 14.34
N LYS C 178 12.55 -26.65 14.58
CA LYS C 178 12.65 -25.63 15.60
C LYS C 178 13.47 -24.50 14.96
N GLU C 179 12.87 -23.29 14.86
CA GLU C 179 13.55 -22.12 14.21
C GLU C 179 14.02 -22.51 12.81
N GLY C 180 13.24 -23.34 12.16
CA GLY C 180 13.47 -23.72 10.78
C GLY C 180 14.52 -24.80 10.60
N LYS C 181 15.06 -25.35 11.68
CA LYS C 181 16.12 -26.36 11.63
C LYS C 181 15.48 -27.71 11.94
N ILE C 182 16.00 -28.75 11.32
CA ILE C 182 15.42 -30.07 11.57
C ILE C 182 15.90 -30.60 12.91
N GLN C 183 14.94 -31.01 13.74
CA GLN C 183 15.23 -31.61 15.02
C GLN C 183 15.17 -33.14 14.94
N LYS C 184 14.30 -33.64 14.07
CA LYS C 184 14.07 -35.10 13.99
C LYS C 184 13.24 -35.34 12.74
N ILE C 185 13.44 -36.50 12.14
CA ILE C 185 12.63 -36.95 11.02
C ILE C 185 12.11 -38.33 11.38
N GLU C 186 10.82 -38.55 11.21
CA GLU C 186 10.20 -39.87 11.39
C GLU C 186 9.55 -40.33 10.07
N GLU C 187 9.73 -41.61 9.73
CA GLU C 187 8.85 -42.23 8.76
C GLU C 187 7.44 -42.37 9.37
N LEU C 188 6.44 -42.22 8.51
CA LEU C 188 5.06 -42.50 8.95
C LEU C 188 4.97 -43.94 9.49
N ALA C 189 4.30 -44.07 10.63
CA ALA C 189 4.02 -45.32 11.26
C ALA C 189 2.50 -45.48 11.40
N GLY C 190 2.07 -46.65 11.85
CA GLY C 190 0.67 -46.88 12.18
C GLY C 190 -0.16 -47.38 11.00
N ASN C 191 -1.49 -47.24 11.11
CA ASN C 191 -2.40 -47.90 10.21
C ASN C 191 -2.97 -47.04 9.08
N ALA C 192 -2.62 -45.77 9.01
CA ALA C 192 -2.99 -45.00 7.85
C ALA C 192 -2.18 -45.54 6.66
N GLN C 193 -2.82 -45.76 5.51
CA GLN C 193 -2.15 -46.41 4.37
C GLN C 193 -1.65 -45.38 3.32
N HIS C 194 -2.12 -44.16 3.38
CA HIS C 194 -1.71 -43.13 2.41
C HIS C 194 -2.09 -41.79 3.04
N ILE C 195 -1.17 -40.82 2.91
CA ILE C 195 -1.30 -39.56 3.55
C ILE C 195 -1.00 -38.44 2.55
N GLU C 196 -1.96 -37.52 2.45
CA GLU C 196 -1.82 -36.30 1.69
C GLU C 196 -2.41 -35.13 2.50
N GLU C 197 -1.82 -33.94 2.33
CA GLU C 197 -2.51 -32.67 2.61
C GLU C 197 -3.11 -32.63 4.02
N CYS C 198 -2.32 -32.89 5.07
CA CYS C 198 -2.87 -32.94 6.43
C CYS C 198 -3.32 -31.56 6.89
N SER C 199 -4.43 -31.56 7.63
CA SER C 199 -4.99 -30.37 8.28
C SER C 199 -4.82 -30.57 9.79
N CYS C 200 -4.02 -29.75 10.46
CA CYS C 200 -3.54 -30.01 11.79
C CYS C 200 -3.97 -28.89 12.75
N TYR C 201 -4.22 -29.31 13.98
CA TYR C 201 -4.42 -28.37 15.10
C TYR C 201 -3.94 -29.00 16.38
N GLY C 202 -3.74 -28.16 17.41
CA GLY C 202 -3.24 -28.54 18.67
C GLY C 202 -4.23 -28.27 19.78
N ALA C 203 -4.13 -29.05 20.85
CA ALA C 203 -4.87 -28.81 22.09
C ALA C 203 -4.30 -29.75 23.14
N GLY C 204 -4.17 -29.28 24.39
CA GLY C 204 -3.79 -30.13 25.44
C GLY C 204 -2.48 -30.89 25.20
N GLY C 205 -1.54 -30.27 24.48
CA GLY C 205 -0.23 -30.86 24.23
C GLY C 205 -0.21 -31.90 23.12
N VAL C 206 -1.32 -32.07 22.42
CA VAL C 206 -1.43 -33.04 21.35
C VAL C 206 -1.72 -32.34 20.02
N ILE C 207 -1.05 -32.72 18.92
CA ILE C 207 -1.40 -32.23 17.61
C ILE C 207 -2.11 -33.32 16.85
N LYS C 208 -3.24 -33.01 16.27
CA LYS C 208 -3.96 -34.00 15.46
C LYS C 208 -4.00 -33.46 14.04
N CYS C 209 -3.68 -34.32 13.10
CA CYS C 209 -3.69 -34.05 11.73
C CYS C 209 -4.66 -34.97 11.02
N ILE C 210 -5.61 -34.37 10.33
CA ILE C 210 -6.70 -35.08 9.62
C ILE C 210 -6.38 -34.91 8.15
N CYS C 211 -6.16 -36.03 7.43
CA CYS C 211 -5.52 -35.98 6.16
C CYS C 211 -6.43 -36.55 5.06
N ARG C 212 -5.83 -36.69 3.87
CA ARG C 212 -6.51 -37.21 2.65
C ARG C 212 -5.78 -38.50 2.22
N ASP C 213 -6.49 -39.62 2.25
CA ASP C 213 -6.00 -40.87 1.64
C ASP C 213 -6.39 -40.82 0.17
N ASN C 214 -5.45 -40.56 -0.74
CA ASN C 214 -5.76 -40.40 -2.14
C ASN C 214 -5.75 -41.73 -2.87
N TRP C 215 -5.31 -42.77 -2.17
CA TRP C 215 -5.12 -44.12 -2.74
C TRP C 215 -6.41 -44.92 -2.61
N LYS C 216 -6.84 -45.22 -1.41
CA LYS C 216 -7.91 -46.20 -1.15
C LYS C 216 -9.12 -45.58 -0.43
N GLY C 217 -8.87 -44.85 0.64
CA GLY C 217 -9.93 -44.60 1.59
C GLY C 217 -10.75 -43.35 1.33
N ALA C 218 -12.05 -43.49 1.58
CA ALA C 218 -13.00 -42.37 1.64
C ALA C 218 -13.14 -41.87 3.08
N ASN C 219 -12.71 -42.68 4.01
CA ASN C 219 -12.50 -42.23 5.39
C ASN C 219 -11.16 -41.54 5.48
N ARG C 220 -11.04 -40.57 6.38
CA ARG C 220 -9.77 -39.78 6.44
C ARG C 220 -8.79 -40.35 7.45
N PRO C 221 -7.52 -40.44 7.08
CA PRO C 221 -6.48 -40.76 8.06
C PRO C 221 -6.35 -39.67 9.10
N VAL C 222 -5.94 -40.14 10.30
CA VAL C 222 -5.72 -39.26 11.41
C VAL C 222 -4.33 -39.61 11.94
N ILE C 223 -3.45 -38.60 11.98
CA ILE C 223 -2.12 -38.74 12.60
C ILE C 223 -2.16 -37.99 13.93
N THR C 224 -1.69 -38.60 15.00
CA THR C 224 -1.66 -37.99 16.35
C THR C 224 -0.20 -37.81 16.73
N ILE C 225 0.22 -36.55 16.89
CA ILE C 225 1.62 -36.24 17.11
C ILE C 225 1.81 -35.73 18.52
N ASP C 226 2.84 -36.22 19.16
CA ASP C 226 3.34 -35.69 20.44
C ASP C 226 4.54 -34.83 20.11
N PRO C 227 4.43 -33.49 20.17
CA PRO C 227 5.52 -32.62 19.77
C PRO C 227 6.62 -32.49 20.80
N GLU C 228 6.43 -33.01 22.00
CA GLU C 228 7.50 -33.04 22.98
C GLU C 228 8.39 -34.27 22.78
N MET C 229 7.78 -35.46 22.74
CA MET C 229 8.52 -36.70 22.51
C MET C 229 8.96 -36.80 21.03
N MET C 230 8.31 -36.02 20.19
CA MET C 230 8.50 -36.02 18.74
C MET C 230 8.24 -37.45 18.19
N THR C 231 7.06 -37.97 18.52
CA THR C 231 6.62 -39.28 18.11
C THR C 231 5.16 -39.15 17.64
N HIS C 232 4.65 -40.20 16.96
CA HIS C 232 3.30 -40.12 16.44
C HIS C 232 2.70 -41.49 16.28
N THR C 233 1.38 -41.50 16.14
CA THR C 233 0.64 -42.72 15.75
C THR C 233 -0.28 -42.34 14.60
N SER C 234 -0.80 -43.32 13.86
CA SER C 234 -1.75 -43.07 12.81
C SER C 234 -2.80 -44.18 12.75
N LYS C 235 -3.95 -43.79 12.21
CA LYS C 235 -5.07 -44.67 11.95
C LYS C 235 -6.05 -43.89 11.06
N TYR C 236 -7.31 -44.32 10.99
CA TYR C 236 -8.39 -43.60 10.24
C TYR C 236 -9.39 -43.08 11.25
N LEU C 237 -10.14 -42.09 10.81
CA LEU C 237 -11.34 -41.64 11.54
CA LEU C 237 -11.26 -41.65 11.59
C LEU C 237 -12.25 -42.84 11.68
N CYS C 238 -12.78 -43.10 12.87
CA CYS C 238 -13.60 -44.28 13.10
C CYS C 238 -15.01 -44.13 12.50
N SER C 239 -15.56 -42.90 12.52
CA SER C 239 -16.93 -42.69 12.23
C SER C 239 -17.34 -43.30 10.89
N LYS C 240 -18.56 -43.78 10.84
CA LYS C 240 -19.20 -44.12 9.60
C LYS C 240 -19.51 -42.93 8.73
N VAL C 241 -19.47 -41.69 9.28
CA VAL C 241 -19.67 -40.49 8.47
C VAL C 241 -18.37 -40.19 7.71
N LEU C 242 -18.33 -40.63 6.44
CA LEU C 242 -17.18 -40.56 5.59
C LEU C 242 -17.02 -39.12 5.07
N THR C 243 -15.79 -38.61 5.08
CA THR C 243 -15.58 -37.21 4.84
C THR C 243 -14.61 -36.87 3.72
N ASP C 244 -14.10 -37.86 3.00
CA ASP C 244 -13.36 -37.50 1.75
C ASP C 244 -14.36 -37.32 0.63
N THR C 245 -13.86 -36.85 -0.51
CA THR C 245 -14.64 -36.79 -1.74
C THR C 245 -13.72 -37.24 -2.86
N SER C 246 -14.11 -38.24 -3.66
CA SER C 246 -15.44 -38.84 -3.67
C SER C 246 -15.54 -39.87 -2.56
N ARG C 247 -16.78 -40.25 -2.23
CA ARG C 247 -17.03 -41.26 -1.29
C ARG C 247 -18.31 -42.00 -1.65
N PRO C 248 -18.45 -43.24 -1.14
CA PRO C 248 -19.72 -43.95 -1.24
C PRO C 248 -20.67 -43.36 -0.21
N ASN C 249 -21.91 -43.83 -0.27
CA ASN C 249 -22.83 -43.55 0.85
C ASN C 249 -22.17 -43.98 2.16
N ASP C 250 -22.58 -43.29 3.23
CA ASP C 250 -22.04 -43.65 4.55
C ASP C 250 -22.49 -45.06 4.90
N PRO C 251 -21.56 -45.96 5.32
CA PRO C 251 -21.92 -47.33 5.68
C PRO C 251 -22.52 -47.35 7.07
N THR C 252 -23.07 -48.47 7.51
N THR C 252 -23.02 -48.55 7.43
CA THR C 252 -23.53 -48.43 8.83
CA THR C 252 -23.52 -48.79 8.75
C THR C 252 -22.39 -48.35 9.89
C THR C 252 -22.48 -48.50 9.86
N ASN C 253 -21.16 -48.75 9.48
CA ASN C 253 -20.08 -48.76 10.45
C ASN C 253 -18.86 -48.23 9.73
N GLY C 254 -18.14 -47.33 10.40
CA GLY C 254 -16.84 -46.92 9.94
C GLY C 254 -15.79 -48.02 10.15
N ASN C 255 -14.54 -47.61 9.94
CA ASN C 255 -13.38 -48.50 10.16
C ASN C 255 -12.20 -47.64 10.65
N CYS C 256 -11.80 -47.84 11.91
CA CYS C 256 -10.70 -47.08 12.60
C CYS C 256 -9.33 -47.43 11.96
N ASP C 257 -9.18 -48.60 11.33
CA ASP C 257 -7.83 -49.12 11.07
C ASP C 257 -7.58 -49.59 9.63
N ALA C 258 -8.46 -49.23 8.73
CA ALA C 258 -8.30 -49.58 7.32
C ALA C 258 -9.13 -48.61 6.48
N PRO C 259 -8.71 -48.35 5.24
CA PRO C 259 -9.45 -47.50 4.33
C PRO C 259 -10.76 -48.19 3.93
N ILE C 260 -11.83 -47.40 3.82
CA ILE C 260 -13.09 -47.79 3.22
C ILE C 260 -13.09 -47.28 1.79
N THR C 261 -13.22 -48.19 0.83
CA THR C 261 -13.05 -47.80 -0.54
C THR C 261 -14.40 -47.29 -1.04
N GLY C 262 -14.41 -46.84 -2.26
CA GLY C 262 -15.64 -46.54 -2.97
C GLY C 262 -15.63 -45.05 -3.22
N GLY C 263 -16.65 -44.60 -3.91
CA GLY C 263 -16.66 -43.21 -4.33
C GLY C 263 -16.18 -43.11 -5.76
N SER C 264 -16.78 -42.19 -6.52
CA SER C 264 -16.41 -41.85 -7.80
C SER C 264 -16.84 -40.43 -8.08
N PRO C 265 -16.10 -39.77 -8.93
CA PRO C 265 -14.89 -40.17 -9.61
C PRO C 265 -13.55 -39.57 -9.16
N ASP C 266 -13.54 -38.86 -8.03
CA ASP C 266 -12.37 -38.16 -7.55
C ASP C 266 -11.68 -38.98 -6.46
N PRO C 267 -10.34 -39.09 -6.44
CA PRO C 267 -9.68 -39.88 -5.39
C PRO C 267 -9.57 -39.26 -4.01
N GLY C 268 -9.81 -37.95 -3.90
CA GLY C 268 -9.70 -37.29 -2.65
C GLY C 268 -9.77 -35.79 -2.76
N VAL C 269 -9.89 -35.15 -1.59
CA VAL C 269 -9.87 -33.71 -1.44
C VAL C 269 -9.26 -33.44 -0.08
N LYS C 270 -8.48 -32.38 0.03
CA LYS C 270 -8.05 -31.96 1.36
C LYS C 270 -9.25 -31.58 2.22
N GLY C 271 -9.20 -32.01 3.49
CA GLY C 271 -10.25 -31.72 4.46
C GLY C 271 -9.73 -31.70 5.87
N PHE C 272 -10.65 -31.77 6.83
CA PHE C 272 -10.25 -31.57 8.23
C PHE C 272 -11.36 -32.08 9.15
N ALA C 273 -11.00 -32.15 10.43
CA ALA C 273 -11.95 -32.37 11.47
C ALA C 273 -11.35 -31.90 12.80
N PHE C 274 -12.24 -31.57 13.75
CA PHE C 274 -11.87 -31.34 15.10
C PHE C 274 -12.40 -32.52 15.91
N LEU C 275 -11.48 -33.16 16.65
CA LEU C 275 -11.78 -34.42 17.34
C LEU C 275 -11.51 -34.22 18.84
N ASP C 276 -12.57 -34.22 19.64
CA ASP C 276 -12.52 -33.91 21.02
C ASP C 276 -13.71 -34.55 21.72
N GLY C 277 -13.77 -35.90 21.63
CA GLY C 277 -14.88 -36.63 22.29
C GLY C 277 -16.26 -36.20 21.80
N GLU C 278 -17.11 -35.82 22.74
CA GLU C 278 -18.45 -35.38 22.37
C GLU C 278 -18.41 -34.09 21.55
N ASN C 279 -17.34 -33.32 21.74
CA ASN C 279 -17.15 -32.02 21.08
C ASN C 279 -16.41 -32.24 19.77
N SER C 280 -16.93 -33.09 18.86
CA SER C 280 -16.22 -33.39 17.62
C SER C 280 -17.04 -32.97 16.41
N TRP C 281 -16.36 -32.34 15.47
CA TRP C 281 -16.94 -31.84 14.28
C TRP C 281 -16.17 -32.28 13.05
N LEU C 282 -16.91 -32.71 12.05
CA LEU C 282 -16.38 -33.19 10.77
C LEU C 282 -16.89 -32.25 9.71
N GLY C 283 -15.96 -31.75 8.90
CA GLY C 283 -16.40 -31.08 7.63
C GLY C 283 -16.41 -32.07 6.47
N ARG C 284 -17.26 -31.79 5.50
CA ARG C 284 -17.13 -32.47 4.19
C ARG C 284 -17.90 -31.69 3.15
N THR C 285 -17.67 -32.05 1.89
CA THR C 285 -18.49 -31.57 0.81
C THR C 285 -19.90 -32.13 0.94
N ILE C 286 -20.92 -31.42 0.51
CA ILE C 286 -22.27 -32.01 0.55
C ILE C 286 -22.37 -33.13 -0.48
N SER C 287 -21.98 -32.84 -1.70
CA SER C 287 -21.87 -33.89 -2.71
C SER C 287 -20.92 -34.99 -2.22
N LYS C 288 -21.33 -36.25 -2.45
N LYS C 288 -21.33 -36.23 -2.46
CA LYS C 288 -20.42 -37.33 -2.24
CA LYS C 288 -20.47 -37.39 -2.27
C LYS C 288 -19.51 -37.58 -3.45
C LYS C 288 -19.45 -37.51 -3.41
N ASP C 289 -19.83 -36.99 -4.59
CA ASP C 289 -19.07 -37.23 -5.82
C ASP C 289 -18.05 -36.11 -6.07
N SER C 290 -18.41 -34.87 -5.73
N SER C 290 -18.43 -34.85 -5.78
CA SER C 290 -17.78 -33.69 -6.37
CA SER C 290 -17.74 -33.68 -6.35
C SER C 290 -17.61 -32.56 -5.33
C SER C 290 -17.58 -32.57 -5.28
N ARG C 291 -16.73 -31.61 -5.61
CA ARG C 291 -16.44 -30.56 -4.70
C ARG C 291 -17.54 -29.49 -4.80
N SER C 292 -18.69 -29.86 -4.32
CA SER C 292 -19.91 -29.07 -4.35
CA SER C 292 -19.82 -28.96 -4.32
C SER C 292 -20.48 -29.03 -2.94
N GLY C 293 -20.83 -27.85 -2.47
CA GLY C 293 -21.35 -27.65 -1.13
C GLY C 293 -20.30 -27.92 -0.07
N TYR C 294 -20.67 -27.53 1.16
CA TYR C 294 -19.82 -27.80 2.32
C TYR C 294 -20.71 -27.78 3.55
N GLU C 295 -20.53 -28.79 4.42
CA GLU C 295 -21.30 -28.95 5.64
C GLU C 295 -20.36 -29.25 6.81
N MET C 296 -20.75 -28.74 7.95
CA MET C 296 -20.19 -29.15 9.24
C MET C 296 -21.20 -30.07 9.94
N LEU C 297 -20.71 -31.22 10.39
CA LEU C 297 -21.50 -32.20 11.13
C LEU C 297 -20.88 -32.45 12.49
N LYS C 298 -21.72 -32.33 13.53
CA LYS C 298 -21.23 -32.61 14.89
C LYS C 298 -21.45 -34.11 15.12
N VAL C 299 -20.34 -34.83 15.29
CA VAL C 299 -20.31 -36.29 15.34
C VAL C 299 -19.57 -36.72 16.59
N PRO C 300 -20.29 -36.78 17.70
CA PRO C 300 -19.72 -37.15 18.98
C PRO C 300 -18.94 -38.46 18.82
N ASN C 301 -17.72 -38.47 19.37
CA ASN C 301 -16.87 -39.66 19.38
C ASN C 301 -16.53 -40.17 17.99
N ALA C 302 -16.51 -39.29 16.99
CA ALA C 302 -16.05 -39.69 15.61
C ALA C 302 -14.69 -40.38 15.63
N GLU C 303 -13.79 -40.00 16.54
CA GLU C 303 -12.45 -40.51 16.58
C GLU C 303 -12.38 -41.94 17.07
N THR C 304 -13.40 -42.42 17.79
CA THR C 304 -13.31 -43.68 18.53
C THR C 304 -14.46 -44.64 18.25
N ASP C 305 -15.59 -44.18 17.70
CA ASP C 305 -16.78 -44.98 17.63
C ASP C 305 -17.20 -45.18 16.18
N ILE C 306 -17.11 -46.44 15.70
CA ILE C 306 -17.44 -46.71 14.31
C ILE C 306 -18.92 -46.47 14.02
N GLN C 307 -19.78 -46.43 15.03
CA GLN C 307 -21.22 -46.21 14.85
C GLN C 307 -21.61 -44.72 15.04
N SER C 308 -20.64 -43.87 15.26
CA SER C 308 -20.94 -42.45 15.54
C SER C 308 -21.56 -41.82 14.30
N GLY C 309 -22.64 -41.08 14.52
CA GLY C 309 -23.26 -40.30 13.46
C GLY C 309 -23.56 -38.86 13.92
N PRO C 310 -24.08 -38.02 13.03
CA PRO C 310 -24.28 -36.62 13.34
C PRO C 310 -25.43 -36.34 14.29
N ILE C 311 -25.24 -35.34 15.14
CA ILE C 311 -26.31 -34.85 16.02
C ILE C 311 -26.73 -33.47 15.65
N SER C 312 -25.94 -32.78 14.84
CA SER C 312 -26.30 -31.46 14.39
CA SER C 312 -26.23 -31.41 14.43
C SER C 312 -25.52 -31.19 13.10
N ASN C 313 -25.95 -30.18 12.36
CA ASN C 313 -25.38 -29.86 11.09
C ASN C 313 -25.46 -28.37 10.87
N GLN C 314 -24.46 -27.87 10.16
CA GLN C 314 -24.53 -26.47 9.64
C GLN C 314 -24.04 -26.43 8.19
N VAL C 315 -24.90 -25.95 7.26
CA VAL C 315 -24.47 -25.81 5.91
C VAL C 315 -23.60 -24.54 5.79
N ILE C 316 -22.42 -24.68 5.27
CA ILE C 316 -21.44 -23.59 5.12
C ILE C 316 -21.50 -23.04 3.69
N VAL C 317 -21.64 -23.93 2.72
CA VAL C 317 -21.79 -23.62 1.29
C VAL C 317 -22.88 -24.52 0.74
N ASN C 318 -23.95 -23.93 0.22
CA ASN C 318 -25.04 -24.78 -0.29
C ASN C 318 -24.53 -25.68 -1.44
N ASN C 319 -25.32 -26.72 -1.74
CA ASN C 319 -24.89 -27.72 -2.75
C ASN C 319 -25.27 -27.28 -4.18
N GLN C 320 -25.59 -25.99 -4.41
CA GLN C 320 -25.69 -25.41 -5.74
C GLN C 320 -24.43 -24.59 -6.07
N ASN C 321 -23.47 -24.60 -5.14
CA ASN C 321 -22.22 -23.84 -5.27
C ASN C 321 -20.99 -24.72 -5.06
N TRP C 322 -19.90 -24.30 -5.69
CA TRP C 322 -18.65 -25.03 -5.69
C TRP C 322 -17.91 -24.77 -4.40
N SER C 323 -17.29 -25.82 -3.87
CA SER C 323 -16.39 -25.69 -2.76
C SER C 323 -15.00 -26.09 -3.24
N GLY C 324 -14.30 -26.91 -2.46
CA GLY C 324 -12.86 -27.16 -2.70
C GLY C 324 -12.21 -27.69 -1.46
N TYR C 325 -10.92 -27.40 -1.27
CA TYR C 325 -10.19 -27.80 -0.12
C TYR C 325 -10.80 -27.14 1.13
N SER C 326 -10.53 -27.75 2.28
CA SER C 326 -10.88 -27.16 3.55
C SER C 326 -9.80 -27.56 4.52
N GLY C 327 -9.58 -26.73 5.53
CA GLY C 327 -8.55 -27.00 6.45
C GLY C 327 -8.79 -26.29 7.77
N ALA C 328 -8.03 -26.72 8.76
CA ALA C 328 -8.06 -26.25 10.12
C ALA C 328 -7.01 -25.18 10.39
N PHE C 329 -7.43 -24.26 11.27
CA PHE C 329 -6.49 -23.33 11.96
C PHE C 329 -7.13 -22.85 13.24
N ILE C 330 -6.25 -22.36 14.14
CA ILE C 330 -6.73 -21.80 15.38
C ILE C 330 -5.92 -20.54 15.67
N ASP C 331 -6.61 -19.54 16.20
CA ASP C 331 -5.95 -18.35 16.77
C ASP C 331 -5.52 -18.73 18.19
N TYR C 332 -4.33 -19.37 18.25
CA TYR C 332 -3.73 -19.82 19.51
C TYR C 332 -3.37 -18.69 20.46
N TRP C 333 -3.44 -17.46 19.98
CA TRP C 333 -3.06 -16.25 20.77
C TRP C 333 -4.31 -15.42 21.17
N ALA C 334 -5.49 -16.03 20.99
CA ALA C 334 -6.74 -15.37 21.47
C ALA C 334 -6.77 -15.25 22.99
N ASN C 335 -7.56 -14.30 23.49
CA ASN C 335 -7.72 -14.04 24.90
C ASN C 335 -8.90 -14.89 25.37
N LYS C 336 -8.68 -16.18 25.42
CA LYS C 336 -9.63 -17.17 25.93
C LYS C 336 -8.85 -18.26 26.65
N GLU C 337 -9.56 -19.03 27.50
CA GLU C 337 -9.00 -20.07 28.28
C GLU C 337 -8.99 -21.37 27.47
N CYS C 338 -9.64 -21.37 26.34
CA CYS C 338 -9.62 -22.53 25.46
C CYS C 338 -9.19 -22.09 24.04
N PHE C 339 -8.75 -23.08 23.22
CA PHE C 339 -8.40 -22.82 21.86
C PHE C 339 -9.63 -23.06 20.98
N ASN C 340 -10.06 -22.05 20.26
CA ASN C 340 -11.32 -22.15 19.54
C ASN C 340 -11.10 -22.64 18.12
N PRO C 341 -11.69 -23.78 17.74
CA PRO C 341 -11.57 -24.25 16.35
C PRO C 341 -12.02 -23.25 15.29
N CYS C 342 -11.22 -23.14 14.23
CA CYS C 342 -11.58 -22.41 13.01
C CYS C 342 -11.32 -23.28 11.80
N PHE C 343 -11.97 -22.93 10.73
CA PHE C 343 -11.66 -23.61 9.47
C PHE C 343 -11.88 -22.65 8.33
N TYR C 344 -11.42 -23.05 7.13
CA TYR C 344 -11.69 -22.33 5.91
C TYR C 344 -12.21 -23.33 4.87
N VAL C 345 -12.90 -22.80 3.87
CA VAL C 345 -13.25 -23.51 2.70
C VAL C 345 -12.67 -22.71 1.51
N GLU C 346 -12.00 -23.41 0.62
CA GLU C 346 -11.57 -22.91 -0.66
C GLU C 346 -12.76 -23.02 -1.61
N LEU C 347 -13.17 -21.92 -2.23
CA LEU C 347 -14.31 -21.87 -3.14
C LEU C 347 -13.81 -21.76 -4.55
N ILE C 348 -13.61 -22.94 -5.18
CA ILE C 348 -12.93 -23.02 -6.45
CA ILE C 348 -12.92 -23.01 -6.44
C ILE C 348 -13.89 -22.58 -7.54
N ARG C 349 -13.39 -21.71 -8.41
CA ARG C 349 -14.15 -21.27 -9.58
C ARG C 349 -13.31 -21.58 -10.84
N GLY C 350 -13.99 -21.75 -11.97
CA GLY C 350 -13.37 -22.07 -13.24
C GLY C 350 -13.17 -23.57 -13.41
N ARG C 351 -12.06 -23.93 -14.06
CA ARG C 351 -11.89 -25.30 -14.53
C ARG C 351 -11.59 -26.21 -13.32
N PRO C 352 -11.97 -27.50 -13.41
CA PRO C 352 -12.70 -28.08 -14.55
C PRO C 352 -14.21 -27.99 -14.54
N LYS C 353 -14.80 -27.59 -13.43
CA LYS C 353 -16.27 -27.68 -13.27
C LYS C 353 -16.95 -26.62 -14.13
N GLU C 354 -16.23 -25.50 -14.36
CA GLU C 354 -16.78 -24.34 -15.12
C GLU C 354 -15.86 -24.12 -16.31
N SER C 355 -16.16 -24.78 -17.40
CA SER C 355 -15.21 -24.82 -18.53
C SER C 355 -15.47 -23.72 -19.53
N SER C 356 -16.35 -22.76 -19.21
CA SER C 356 -16.58 -21.64 -20.09
C SER C 356 -15.52 -20.54 -19.91
N VAL C 357 -14.65 -20.73 -18.94
CA VAL C 357 -13.44 -19.91 -18.78
C VAL C 357 -12.20 -20.79 -18.91
N LEU C 358 -11.05 -20.12 -19.10
CA LEU C 358 -9.79 -20.78 -19.34
C LEU C 358 -8.95 -20.98 -18.08
N TRP C 359 -9.39 -20.44 -16.94
CA TRP C 359 -8.63 -20.33 -15.73
C TRP C 359 -9.26 -21.20 -14.62
N THR C 360 -8.52 -21.39 -13.54
CA THR C 360 -8.95 -21.96 -12.34
C THR C 360 -8.43 -21.08 -11.21
N SER C 361 -9.34 -20.66 -10.34
CA SER C 361 -8.93 -19.86 -9.18
C SER C 361 -9.89 -20.12 -8.04
N ASN C 362 -9.82 -19.35 -6.93
CA ASN C 362 -10.64 -19.61 -5.84
C ASN C 362 -10.85 -18.29 -5.07
N SER C 363 -11.83 -18.31 -4.18
CA SER C 363 -11.93 -17.36 -3.10
C SER C 363 -11.95 -18.13 -1.77
N ILE C 364 -12.02 -17.38 -0.63
CA ILE C 364 -11.91 -17.99 0.69
CA ILE C 364 -11.89 -17.98 0.69
C ILE C 364 -13.06 -17.55 1.56
N VAL C 365 -13.54 -18.51 2.36
CA VAL C 365 -14.38 -18.20 3.47
C VAL C 365 -13.81 -18.91 4.69
N ALA C 366 -13.90 -18.27 5.86
CA ALA C 366 -13.41 -18.86 7.11
C ALA C 366 -14.41 -18.62 8.23
N LEU C 367 -14.58 -19.63 9.09
CA LEU C 367 -15.45 -19.58 10.25
C LEU C 367 -14.76 -20.11 11.49
N CYS C 368 -15.27 -19.74 12.68
CA CYS C 368 -14.80 -20.26 13.92
C CYS C 368 -15.98 -20.71 14.78
N GLY C 369 -15.64 -21.46 15.83
CA GLY C 369 -16.61 -22.01 16.71
C GLY C 369 -17.35 -20.93 17.50
N SER C 370 -18.62 -21.24 17.83
CA SER C 370 -19.40 -20.55 18.81
C SER C 370 -20.00 -21.59 19.75
N LYS C 371 -20.11 -21.23 21.02
CA LYS C 371 -20.95 -22.05 21.95
C LYS C 371 -22.43 -21.78 21.77
N LYS C 372 -22.78 -20.63 21.16
CA LYS C 372 -24.15 -20.27 20.98
C LYS C 372 -24.72 -21.08 19.82
N ARG C 373 -26.02 -20.95 19.63
N ARG C 373 -26.03 -20.94 19.59
CA ARG C 373 -26.72 -21.60 18.53
CA ARG C 373 -26.74 -21.66 18.53
C ARG C 373 -27.03 -20.50 17.51
C ARG C 373 -27.10 -20.69 17.39
N LEU C 374 -26.10 -20.30 16.60
CA LEU C 374 -26.23 -19.23 15.64
C LEU C 374 -26.92 -19.75 14.42
N GLY C 375 -27.72 -18.87 13.81
CA GLY C 375 -28.23 -19.15 12.49
C GLY C 375 -27.15 -19.16 11.44
N SER C 376 -27.50 -19.71 10.29
CA SER C 376 -26.47 -19.77 9.24
C SER C 376 -27.06 -19.44 7.89
N TRP C 377 -26.20 -19.12 6.92
CA TRP C 377 -26.53 -19.12 5.49
C TRP C 377 -25.28 -19.56 4.75
N SER C 378 -25.44 -19.73 3.45
CA SER C 378 -24.42 -20.17 2.52
C SER C 378 -23.45 -19.04 2.21
N TRP C 379 -22.19 -19.36 2.35
CA TRP C 379 -21.08 -18.42 2.09
C TRP C 379 -20.38 -18.80 0.80
N HIS C 380 -21.17 -18.92 -0.28
CA HIS C 380 -20.58 -19.28 -1.54
C HIS C 380 -19.75 -18.12 -2.11
N ASP C 381 -19.02 -18.42 -3.19
CA ASP C 381 -18.07 -17.47 -3.78
C ASP C 381 -18.78 -16.17 -4.19
N GLY C 382 -19.84 -16.27 -4.98
CA GLY C 382 -20.67 -15.10 -5.34
C GLY C 382 -20.40 -14.48 -6.70
N ALA C 383 -19.38 -14.96 -7.42
CA ALA C 383 -19.10 -14.42 -8.72
C ALA C 383 -20.06 -15.05 -9.75
N GLU C 384 -20.41 -14.27 -10.76
N GLU C 384 -20.41 -14.28 -10.74
CA GLU C 384 -21.17 -14.73 -11.91
CA GLU C 384 -21.12 -14.75 -11.89
C GLU C 384 -20.22 -15.10 -13.04
C GLU C 384 -20.11 -15.12 -12.98
N ILE C 385 -20.14 -16.41 -13.33
CA ILE C 385 -19.20 -16.87 -14.35
C ILE C 385 -19.50 -16.21 -15.68
N ILE C 386 -20.77 -15.84 -15.97
CA ILE C 386 -21.12 -15.24 -17.27
C ILE C 386 -20.36 -13.95 -17.50
N TYR C 387 -20.01 -13.26 -16.40
CA TYR C 387 -19.31 -11.99 -16.56
C TYR C 387 -17.88 -12.21 -17.06
N PHE C 388 -17.36 -13.43 -16.91
CA PHE C 388 -16.02 -13.74 -17.33
C PHE C 388 -15.98 -14.37 -18.73
N GLU C 389 -17.15 -14.56 -19.32
CA GLU C 389 -17.24 -15.17 -20.69
C GLU C 389 -17.10 -14.06 -21.70
N ARG D 1 22.16 -2.23 16.09
CA ARG D 1 22.77 -2.13 14.72
C ARG D 1 24.25 -1.73 14.87
N THR D 2 25.10 -2.31 14.01
CA THR D 2 26.51 -2.04 14.01
C THR D 2 26.97 -2.16 12.57
N PHE D 3 28.19 -1.65 12.31
CA PHE D 3 28.69 -1.82 10.98
C PHE D 3 28.96 -3.31 10.72
N LEU D 4 28.60 -3.79 9.54
CA LEU D 4 28.95 -5.09 9.03
C LEU D 4 30.46 -5.20 8.83
N ASN D 5 31.01 -6.30 9.34
CA ASN D 5 32.39 -6.66 9.18
C ASN D 5 32.43 -8.00 8.45
N LEU D 6 33.25 -8.10 7.43
CA LEU D 6 33.23 -9.25 6.57
C LEU D 6 34.06 -10.38 7.19
N THR D 7 33.73 -10.79 8.41
CA THR D 7 34.58 -11.65 9.21
C THR D 7 34.41 -13.12 8.79
N LYS D 8 33.34 -13.48 8.14
CA LYS D 8 32.97 -14.89 7.97
C LYS D 8 33.49 -15.39 6.64
N PRO D 9 33.74 -16.72 6.52
CA PRO D 9 34.07 -17.31 5.23
C PRO D 9 32.83 -17.56 4.39
N LEU D 10 33.02 -17.79 3.09
CA LEU D 10 31.90 -18.25 2.32
C LEU D 10 31.42 -19.62 2.79
N CYS D 11 30.10 -19.86 2.69
CA CYS D 11 29.52 -21.18 2.93
C CYS D 11 29.93 -22.10 1.76
N GLU D 12 30.10 -23.37 2.08
CA GLU D 12 30.20 -24.39 1.05
C GLU D 12 28.92 -24.42 0.22
N VAL D 13 29.05 -24.54 -1.09
CA VAL D 13 27.95 -24.60 -2.02
C VAL D 13 28.08 -25.83 -2.90
N ASN D 14 27.07 -26.68 -2.88
CA ASN D 14 27.03 -27.83 -3.78
C ASN D 14 25.89 -27.74 -4.80
N SER D 15 24.85 -26.95 -4.52
CA SER D 15 23.75 -26.70 -5.45
C SER D 15 23.10 -25.38 -5.04
N TRP D 16 22.09 -24.96 -5.77
CA TRP D 16 21.45 -23.70 -5.58
C TRP D 16 19.94 -23.87 -5.35
N HIS D 17 19.40 -23.20 -4.33
CA HIS D 17 17.97 -23.29 -3.99
C HIS D 17 17.32 -21.99 -4.40
N ILE D 18 16.01 -22.08 -4.74
CA ILE D 18 15.28 -20.91 -5.12
C ILE D 18 15.08 -19.96 -3.93
N LEU D 19 15.33 -18.70 -4.17
CA LEU D 19 15.12 -17.65 -3.13
C LEU D 19 13.89 -16.80 -3.44
N SER D 20 13.79 -16.29 -4.67
CA SER D 20 12.69 -15.44 -5.01
C SER D 20 12.51 -15.46 -6.52
N LYS D 21 11.31 -15.07 -6.95
CA LYS D 21 11.02 -14.89 -8.37
C LYS D 21 9.81 -13.95 -8.42
N ASP D 22 9.86 -12.90 -9.25
CA ASP D 22 8.79 -11.91 -9.21
C ASP D 22 7.78 -12.10 -10.33
N ASN D 23 8.11 -12.85 -11.36
CA ASN D 23 7.04 -13.06 -12.37
C ASN D 23 6.47 -11.73 -12.90
N ALA D 24 7.32 -10.76 -13.11
CA ALA D 24 6.88 -9.39 -13.35
C ALA D 24 6.16 -9.24 -14.70
N ILE D 25 6.70 -9.88 -15.71
CA ILE D 25 6.18 -9.72 -17.09
C ILE D 25 4.84 -10.44 -17.18
N ARG D 26 4.73 -11.63 -16.59
CA ARG D 26 3.43 -12.30 -16.54
C ARG D 26 2.38 -11.41 -15.87
N ILE D 27 2.69 -10.88 -14.69
CA ILE D 27 1.78 -10.09 -13.90
C ILE D 27 1.48 -8.79 -14.63
N GLY D 28 2.54 -8.17 -15.16
CA GLY D 28 2.46 -6.90 -15.87
C GLY D 28 1.77 -6.92 -17.20
N GLU D 29 1.35 -8.07 -17.69
CA GLU D 29 0.53 -8.16 -18.83
C GLU D 29 -0.80 -7.47 -18.58
N ASP D 30 -1.24 -7.45 -17.31
CA ASP D 30 -2.57 -6.91 -16.96
C ASP D 30 -2.45 -5.96 -15.77
N ALA D 31 -1.55 -6.12 -14.83
CA ALA D 31 -1.50 -5.26 -13.66
C ALA D 31 -0.49 -4.15 -13.96
N HIS D 32 -0.50 -3.16 -13.14
CA HIS D 32 0.30 -1.93 -13.50
C HIS D 32 1.75 -2.16 -13.00
N ILE D 33 2.61 -2.71 -13.82
CA ILE D 33 3.98 -3.05 -13.41
C ILE D 33 4.91 -2.13 -14.20
N LEU D 34 5.90 -1.57 -13.55
CA LEU D 34 6.86 -0.69 -14.21
C LEU D 34 7.73 -1.49 -15.16
N VAL D 35 8.07 -0.89 -16.31
CA VAL D 35 9.16 -1.35 -17.12
C VAL D 35 10.49 -1.10 -16.41
N THR D 36 11.36 -2.10 -16.45
CA THR D 36 12.65 -2.05 -15.79
C THR D 36 13.72 -2.69 -16.69
N ARG D 37 14.96 -2.59 -16.24
CA ARG D 37 16.05 -3.44 -16.60
C ARG D 37 17.13 -3.23 -15.54
N GLU D 38 18.24 -3.97 -15.65
CA GLU D 38 19.36 -3.88 -14.73
C GLU D 38 18.92 -4.09 -13.27
N PRO D 39 18.26 -5.23 -12.96
CA PRO D 39 17.81 -5.54 -11.62
C PRO D 39 18.93 -6.08 -10.77
N TYR D 40 18.73 -6.13 -9.47
CA TYR D 40 19.60 -6.84 -8.57
C TYR D 40 18.85 -7.06 -7.27
N LEU D 41 19.50 -7.67 -6.28
CA LEU D 41 18.98 -7.73 -4.94
C LEU D 41 20.06 -7.25 -4.00
N SER D 42 19.61 -6.76 -2.87
CA SER D 42 20.50 -6.30 -1.80
C SER D 42 19.79 -6.51 -0.47
N CYS D 43 20.54 -6.89 0.59
CA CYS D 43 19.99 -7.26 1.86
C CYS D 43 20.46 -6.24 2.92
N ASP D 44 19.87 -6.36 4.08
CA ASP D 44 20.14 -5.57 5.20
C ASP D 44 19.72 -6.35 6.45
N PRO D 45 19.90 -5.83 7.67
CA PRO D 45 19.54 -6.58 8.85
C PRO D 45 18.12 -7.16 8.88
N GLN D 46 17.19 -6.57 8.15
CA GLN D 46 15.77 -7.02 8.23
C GLN D 46 15.44 -8.04 7.15
N GLY D 47 16.21 -8.07 6.07
CA GLY D 47 15.88 -9.04 5.00
C GLY D 47 16.52 -8.64 3.69
N CYS D 48 15.89 -9.01 2.57
N CYS D 48 15.75 -8.81 2.62
CA CYS D 48 16.42 -8.64 1.26
CA CYS D 48 16.31 -8.56 1.36
C CYS D 48 15.32 -7.92 0.48
C CYS D 48 15.27 -7.87 0.48
N ARG D 49 15.75 -7.05 -0.46
CA ARG D 49 14.91 -6.31 -1.36
C ARG D 49 15.38 -6.45 -2.80
N MET D 50 14.43 -6.34 -3.74
CA MET D 50 14.75 -6.23 -5.12
C MET D 50 14.96 -4.77 -5.48
N PHE D 51 15.80 -4.55 -6.50
CA PHE D 51 16.21 -3.26 -7.03
C PHE D 51 16.20 -3.34 -8.54
N ALA D 52 15.90 -2.24 -9.24
CA ALA D 52 16.07 -2.20 -10.68
C ALA D 52 15.99 -0.74 -11.17
N LEU D 53 16.38 -0.54 -12.41
CA LEU D 53 16.19 0.78 -13.00
C LEU D 53 14.86 0.85 -13.75
N SER D 54 13.90 1.61 -13.19
CA SER D 54 12.61 1.85 -13.86
C SER D 54 12.89 2.63 -15.15
N GLN D 55 11.97 2.52 -16.11
CA GLN D 55 11.92 3.35 -17.27
C GLN D 55 10.83 4.43 -17.14
N GLY D 56 10.21 4.53 -15.96
CA GLY D 56 9.21 5.62 -15.79
C GLY D 56 8.00 5.45 -16.65
N THR D 57 7.51 4.19 -16.71
CA THR D 57 6.27 3.84 -17.49
C THR D 57 5.86 2.45 -17.02
N THR D 58 4.57 2.14 -17.20
CA THR D 58 4.20 0.75 -17.04
C THR D 58 4.41 -0.04 -18.33
N LEU D 59 4.44 -1.36 -18.18
CA LEU D 59 4.70 -2.29 -19.27
C LEU D 59 3.59 -2.24 -20.34
N ARG D 60 2.32 -2.19 -19.94
CA ARG D 60 1.23 -2.08 -20.89
C ARG D 60 0.98 -0.63 -21.35
N GLY D 61 1.66 0.32 -20.75
CA GLY D 61 1.54 1.71 -21.10
C GLY D 61 2.07 2.02 -22.50
N ARG D 62 1.53 3.09 -23.10
CA ARG D 62 2.03 3.50 -24.44
C ARG D 62 3.49 3.93 -24.33
N HIS D 63 3.90 4.43 -23.18
CA HIS D 63 5.29 4.87 -23.00
C HIS D 63 6.29 3.73 -22.90
N ALA D 64 5.85 2.47 -22.85
CA ALA D 64 6.75 1.36 -22.91
C ALA D 64 7.43 1.29 -24.30
N ASN D 65 6.79 1.90 -25.28
CA ASN D 65 7.36 1.95 -26.65
C ASN D 65 8.72 2.69 -26.57
N GLY D 66 9.79 2.02 -26.98
CA GLY D 66 11.10 2.67 -27.09
C GLY D 66 11.98 2.38 -25.90
N THR D 67 11.56 1.51 -24.97
CA THR D 67 12.30 1.27 -23.73
C THR D 67 13.51 0.35 -23.91
N ILE D 68 13.87 0.00 -25.17
CA ILE D 68 15.25 -0.55 -25.39
C ILE D 68 16.29 0.50 -25.03
N HIS D 69 15.90 1.77 -25.10
CA HIS D 69 16.84 2.88 -24.96
C HIS D 69 17.37 2.90 -23.54
N ASP D 70 18.68 3.13 -23.37
CA ASP D 70 19.29 2.91 -22.08
C ASP D 70 19.15 4.12 -21.13
N ARG D 71 19.29 5.34 -21.65
CA ARG D 71 19.54 6.44 -20.77
C ARG D 71 18.54 7.55 -21.09
N SER D 72 17.71 7.90 -20.14
CA SER D 72 16.71 8.96 -20.30
C SER D 72 16.55 9.63 -18.94
N PRO D 73 15.92 10.83 -18.93
CA PRO D 73 15.64 11.52 -17.68
C PRO D 73 14.47 10.90 -16.90
N PHE D 74 13.92 9.80 -17.42
CA PHE D 74 12.72 9.21 -16.84
C PHE D 74 13.02 7.93 -16.09
N ARG D 75 14.31 7.60 -15.91
CA ARG D 75 14.70 6.43 -15.22
C ARG D 75 15.09 6.78 -13.78
N ALA D 76 14.95 5.76 -12.95
CA ALA D 76 15.27 5.83 -11.54
C ALA D 76 15.57 4.47 -10.97
N LEU D 77 16.41 4.44 -9.92
CA LEU D 77 16.57 3.21 -9.17
C LEU D 77 15.43 3.09 -8.19
N ILE D 78 14.73 1.99 -8.28
CA ILE D 78 13.60 1.63 -7.43
C ILE D 78 13.95 0.34 -6.67
N SER D 79 13.38 0.23 -5.47
CA SER D 79 13.50 -0.93 -4.68
C SER D 79 12.12 -1.34 -4.19
N TRP D 80 11.98 -2.60 -3.87
CA TRP D 80 10.70 -3.11 -3.42
C TRP D 80 10.89 -4.41 -2.63
N GLU D 81 9.82 -4.81 -1.95
CA GLU D 81 9.82 -6.02 -1.18
C GLU D 81 10.11 -7.24 -2.04
N MET D 82 11.06 -8.07 -1.58
CA MET D 82 11.50 -9.23 -2.38
C MET D 82 10.32 -10.11 -2.74
N GLY D 83 10.24 -10.41 -4.03
CA GLY D 83 9.26 -11.35 -4.57
C GLY D 83 8.02 -10.68 -5.13
N GLN D 84 7.65 -9.47 -4.68
CA GLN D 84 6.64 -8.73 -5.38
C GLN D 84 7.16 -8.30 -6.75
N ALA D 85 6.24 -8.00 -7.67
CA ALA D 85 6.61 -7.32 -8.90
C ALA D 85 6.60 -5.82 -8.70
N PRO D 86 7.44 -5.08 -9.47
CA PRO D 86 7.55 -3.64 -9.22
C PRO D 86 6.43 -2.84 -9.87
N SER D 87 5.56 -2.27 -9.06
CA SER D 87 4.45 -1.45 -9.53
C SER D 87 4.69 0.00 -9.11
N PRO D 88 3.92 0.98 -9.63
CA PRO D 88 4.02 2.34 -9.13
C PRO D 88 3.58 2.47 -7.64
N TYR D 89 3.00 1.41 -7.07
CA TYR D 89 2.35 1.49 -5.81
C TYR D 89 3.20 0.90 -4.69
N ASN D 90 4.17 0.06 -5.02
CA ASN D 90 4.92 -0.66 -4.01
C ASN D 90 6.44 -0.42 -4.12
N THR D 91 6.91 0.58 -4.89
CA THR D 91 8.33 0.79 -5.16
C THR D 91 8.83 2.11 -4.54
N ARG D 92 10.00 2.01 -3.92
CA ARG D 92 10.66 3.12 -3.33
C ARG D 92 11.67 3.66 -4.36
N VAL D 93 11.64 4.98 -4.57
CA VAL D 93 12.64 5.59 -5.42
C VAL D 93 13.91 5.84 -4.57
N GLU D 94 15.00 5.19 -4.93
CA GLU D 94 16.28 5.28 -4.22
C GLU D 94 17.08 6.51 -4.68
N CYS D 95 16.98 6.83 -5.95
N CYS D 95 17.14 6.70 -5.99
CA CYS D 95 17.79 7.91 -6.54
CA CYS D 95 18.01 7.68 -6.66
C CYS D 95 17.45 7.91 -8.02
C CYS D 95 17.32 7.98 -7.98
N ILE D 96 17.73 9.04 -8.70
CA ILE D 96 17.25 9.27 -10.10
C ILE D 96 18.44 9.01 -11.06
N GLY D 97 18.25 8.26 -12.12
CA GLY D 97 19.31 8.05 -13.10
C GLY D 97 19.21 6.69 -13.75
N TRP D 98 20.26 6.33 -14.52
CA TRP D 98 20.25 5.27 -15.50
C TRP D 98 21.43 4.31 -15.34
N SER D 99 22.08 4.37 -14.16
CA SER D 99 23.12 3.38 -13.72
C SER D 99 23.16 3.46 -12.20
N SER D 100 23.28 2.33 -11.52
CA SER D 100 23.21 2.39 -10.07
C SER D 100 24.03 1.30 -9.39
N THR D 101 24.17 1.49 -8.07
CA THR D 101 24.53 0.48 -7.13
C THR D 101 23.87 0.83 -5.80
N SER D 102 23.87 -0.11 -4.86
CA SER D 102 23.36 0.10 -3.54
C SER D 102 23.92 -0.97 -2.62
N CYS D 103 24.08 -0.63 -1.35
CA CYS D 103 24.48 -1.60 -0.38
C CYS D 103 24.20 -1.05 1.03
N HIS D 104 24.02 -1.96 1.96
CA HIS D 104 23.82 -1.59 3.34
C HIS D 104 25.06 -1.85 4.15
N ASP D 105 25.44 -0.94 5.02
CA ASP D 105 26.68 -1.06 5.75
C ASP D 105 26.48 -1.63 7.14
N GLY D 106 25.26 -2.05 7.43
CA GLY D 106 24.88 -2.53 8.75
C GLY D 106 24.09 -1.51 9.54
N MET D 107 24.33 -0.23 9.25
CA MET D 107 23.59 0.90 9.85
C MET D 107 22.52 1.46 8.91
N SER D 108 22.87 1.86 7.70
CA SER D 108 21.99 2.45 6.71
C SER D 108 22.38 2.02 5.33
N ARG D 109 21.48 2.28 4.37
CA ARG D 109 21.72 1.97 3.00
C ARG D 109 22.34 3.15 2.23
N MET D 110 23.35 2.85 1.43
CA MET D 110 23.92 3.76 0.48
C MET D 110 23.36 3.38 -0.89
N SER D 111 22.88 4.36 -1.67
CA SER D 111 22.47 4.11 -3.02
C SER D 111 23.10 5.16 -3.90
N ILE D 112 23.55 4.75 -5.08
CA ILE D 112 24.23 5.71 -5.96
C ILE D 112 23.57 5.59 -7.30
N CYS D 113 23.20 6.72 -7.91
N CYS D 113 23.29 6.72 -7.95
CA CYS D 113 22.63 6.75 -9.30
CA CYS D 113 22.86 6.67 -9.30
C CYS D 113 23.43 7.77 -10.15
C CYS D 113 23.56 7.75 -10.13
N MET D 114 23.74 7.44 -11.40
CA MET D 114 24.32 8.39 -12.37
C MET D 114 23.18 8.86 -13.27
N SER D 115 23.19 10.14 -13.65
CA SER D 115 22.26 10.67 -14.58
C SER D 115 22.97 11.72 -15.45
N GLY D 116 22.26 12.24 -16.44
CA GLY D 116 22.75 13.29 -17.25
C GLY D 116 23.05 12.84 -18.66
N PRO D 117 23.57 13.79 -19.46
CA PRO D 117 23.90 13.54 -20.86
C PRO D 117 25.24 12.76 -20.86
N ASN D 118 25.51 12.14 -21.99
CA ASN D 118 26.67 11.24 -22.10
C ASN D 118 27.97 11.98 -21.81
N ASN D 119 28.05 13.29 -22.15
CA ASN D 119 29.28 14.00 -22.04
C ASN D 119 29.37 14.77 -20.70
N ASN D 120 28.40 14.59 -19.80
CA ASN D 120 28.35 15.47 -18.63
C ASN D 120 27.52 14.82 -17.50
N ALA D 121 27.70 13.51 -17.32
CA ALA D 121 26.95 12.77 -16.36
C ALA D 121 27.53 13.02 -14.96
N SER D 122 26.72 12.68 -13.93
CA SER D 122 27.11 12.87 -12.56
C SER D 122 26.47 11.79 -11.69
N ALA D 123 27.18 11.40 -10.65
CA ALA D 123 26.62 10.48 -9.65
C ALA D 123 26.12 11.32 -8.48
N VAL D 124 25.01 10.87 -7.90
CA VAL D 124 24.56 11.36 -6.59
C VAL D 124 24.53 10.15 -5.64
N VAL D 125 25.18 10.32 -4.49
CA VAL D 125 25.38 9.33 -3.52
C VAL D 125 24.48 9.61 -2.33
N TRP D 126 23.56 8.69 -2.06
CA TRP D 126 22.56 8.77 -0.99
C TRP D 126 22.96 7.85 0.17
N TYR D 127 22.63 8.28 1.38
CA TYR D 127 22.85 7.42 2.53
C TYR D 127 21.73 7.67 3.50
N GLY D 128 21.10 6.58 3.97
CA GLY D 128 19.95 6.72 4.86
C GLY D 128 18.80 7.45 4.23
N GLY D 129 18.71 7.42 2.91
CA GLY D 129 17.59 8.05 2.21
C GLY D 129 17.78 9.53 1.93
N ARG D 130 19.00 10.04 2.15
N ARG D 130 19.00 10.04 2.14
CA ARG D 130 19.28 11.48 1.96
CA ARG D 130 19.30 11.45 1.92
C ARG D 130 20.50 11.63 1.07
C ARG D 130 20.51 11.61 1.02
N PRO D 131 20.56 12.63 0.15
CA PRO D 131 21.75 12.79 -0.69
C PRO D 131 22.91 13.38 0.14
N ILE D 132 24.08 12.78 -0.08
CA ILE D 132 25.28 13.15 0.68
C ILE D 132 26.31 13.81 -0.23
N THR D 133 26.64 13.20 -1.36
CA THR D 133 27.83 13.55 -2.14
C THR D 133 27.38 13.56 -3.61
N GLU D 134 28.05 14.35 -4.45
CA GLU D 134 27.87 14.30 -5.89
C GLU D 134 29.25 14.19 -6.53
N ILE D 135 29.32 13.43 -7.61
CA ILE D 135 30.58 13.17 -8.33
C ILE D 135 30.37 13.47 -9.81
N PRO D 136 31.05 14.48 -10.35
CA PRO D 136 30.99 14.74 -11.78
C PRO D 136 31.85 13.75 -12.59
N SER D 137 31.39 13.47 -13.79
CA SER D 137 32.17 12.71 -14.78
C SER D 137 33.60 13.25 -14.85
N TRP D 138 34.53 12.30 -14.87
CA TRP D 138 35.93 12.62 -15.03
C TRP D 138 36.42 12.42 -16.47
N ALA D 139 35.73 11.66 -17.31
CA ALA D 139 36.15 11.41 -18.68
C ALA D 139 35.11 11.79 -19.74
N GLY D 140 33.99 12.38 -19.36
CA GLY D 140 33.08 12.89 -20.31
C GLY D 140 32.43 11.86 -21.19
N ASN D 141 32.24 10.61 -20.67
CA ASN D 141 31.65 9.59 -21.51
C ASN D 141 30.96 8.53 -20.65
N ILE D 142 29.73 8.86 -20.23
CA ILE D 142 28.79 7.98 -19.55
C ILE D 142 29.40 7.40 -18.26
N LEU D 143 29.65 8.28 -17.28
CA LEU D 143 29.99 7.83 -15.94
C LEU D 143 28.91 6.84 -15.50
N ARG D 144 29.36 5.69 -15.00
CA ARG D 144 28.49 4.55 -14.77
C ARG D 144 29.08 3.61 -13.71
N THR D 145 28.25 2.66 -13.24
CA THR D 145 28.67 1.81 -12.15
C THR D 145 28.06 0.40 -12.25
N GLN D 146 28.01 -0.29 -11.10
CA GLN D 146 27.98 -1.73 -11.05
C GLN D 146 26.69 -2.39 -11.61
N GLU D 147 25.52 -1.80 -11.36
CA GLU D 147 24.22 -2.42 -11.64
C GLU D 147 24.00 -3.69 -10.81
N SER D 148 24.71 -3.82 -9.68
CA SER D 148 24.34 -4.77 -8.59
C SER D 148 24.97 -4.25 -7.32
N GLU D 149 24.79 -4.95 -6.22
CA GLU D 149 25.10 -4.38 -4.96
C GLU D 149 26.60 -4.20 -4.74
N CYS D 150 26.92 -3.15 -4.00
CA CYS D 150 28.24 -2.96 -3.39
C CYS D 150 28.30 -3.76 -2.09
N VAL D 151 29.45 -3.69 -1.41
CA VAL D 151 29.71 -4.45 -0.19
C VAL D 151 30.46 -3.59 0.79
N CYS D 152 30.16 -3.70 2.06
CA CYS D 152 30.76 -2.84 3.05
C CYS D 152 31.51 -3.62 4.14
N HIS D 153 32.51 -3.00 4.73
CA HIS D 153 33.30 -3.58 5.78
C HIS D 153 33.72 -2.44 6.71
N LYS D 154 33.33 -2.55 7.97
CA LYS D 154 33.67 -1.55 9.00
C LYS D 154 33.27 -0.15 8.54
N GLY D 155 32.16 -0.09 7.81
CA GLY D 155 31.61 1.19 7.39
C GLY D 155 32.12 1.64 6.03
N VAL D 156 33.12 0.94 5.49
CA VAL D 156 33.71 1.36 4.20
C VAL D 156 33.10 0.53 3.13
N CYS D 157 32.53 1.20 2.12
CA CYS D 157 31.84 0.53 1.01
C CYS D 157 32.56 0.92 -0.27
N PRO D 158 33.45 0.08 -0.85
CA PRO D 158 34.04 0.40 -2.16
C PRO D 158 33.00 0.27 -3.26
N VAL D 159 33.13 1.11 -4.31
CA VAL D 159 32.27 1.03 -5.46
C VAL D 159 33.14 1.17 -6.69
N VAL D 160 32.95 0.31 -7.69
CA VAL D 160 33.68 0.44 -8.92
C VAL D 160 32.85 1.25 -9.90
N MET D 161 33.49 2.21 -10.56
CA MET D 161 32.85 3.10 -11.53
C MET D 161 33.76 3.24 -12.76
N THR D 162 33.15 3.42 -13.91
CA THR D 162 33.87 3.58 -15.16
C THR D 162 33.36 4.83 -15.87
N ASP D 163 34.24 5.52 -16.57
CA ASP D 163 33.87 6.62 -17.43
C ASP D 163 34.80 6.58 -18.62
N GLY D 164 34.26 6.66 -19.83
CA GLY D 164 35.05 6.47 -21.04
C GLY D 164 34.36 5.48 -21.97
N PRO D 165 35.06 5.14 -23.07
CA PRO D 165 34.52 4.25 -24.08
C PRO D 165 34.08 2.88 -23.54
N ALA D 166 33.06 2.34 -24.15
CA ALA D 166 32.65 0.99 -23.83
C ALA D 166 33.40 -0.02 -24.67
N ASN D 167 34.10 0.48 -25.68
CA ASN D 167 34.72 -0.36 -26.74
C ASN D 167 36.20 -0.06 -26.90
N ASN D 168 36.83 0.51 -25.87
CA ASN D 168 38.22 0.88 -25.90
C ASN D 168 38.60 1.09 -24.42
N ARG D 169 39.87 1.37 -24.18
CA ARG D 169 40.36 1.68 -22.89
C ARG D 169 39.54 2.80 -22.28
N ALA D 170 39.19 2.64 -21.02
CA ALA D 170 38.33 3.63 -20.29
C ALA D 170 38.99 3.93 -18.96
N ALA D 171 38.43 4.88 -18.22
CA ALA D 171 39.01 5.36 -16.90
C ALA D 171 38.12 4.80 -15.81
N THR D 172 38.58 3.69 -15.23
CA THR D 172 37.89 3.08 -14.11
C THR D 172 38.52 3.56 -12.79
N LYS D 173 37.65 3.77 -11.78
CA LYS D 173 38.08 4.13 -10.48
CA LYS D 173 38.05 4.14 -10.48
C LYS D 173 37.33 3.30 -9.44
N ILE D 174 37.98 3.15 -8.30
CA ILE D 174 37.35 2.56 -7.17
C ILE D 174 37.26 3.68 -6.15
N ILE D 175 36.02 3.94 -5.70
CA ILE D 175 35.71 5.02 -4.78
C ILE D 175 35.24 4.39 -3.48
N TYR D 176 35.91 4.75 -2.38
CA TYR D 176 35.61 4.13 -1.12
C TYR D 176 34.77 5.12 -0.29
N PHE D 177 33.56 4.71 0.06
CA PHE D 177 32.63 5.55 0.77
C PHE D 177 32.47 5.10 2.21
N LYS D 178 32.20 6.06 3.09
CA LYS D 178 31.73 5.80 4.43
C LYS D 178 30.65 6.83 4.75
N GLU D 179 29.44 6.35 5.11
CA GLU D 179 28.27 7.23 5.36
C GLU D 179 28.01 8.17 4.18
N GLY D 180 28.26 7.64 2.97
CA GLY D 180 28.04 8.37 1.72
C GLY D 180 29.12 9.38 1.37
N LYS D 181 30.15 9.49 2.22
N LYS D 181 30.16 9.50 2.21
CA LYS D 181 31.24 10.44 1.99
CA LYS D 181 31.23 10.49 1.99
C LYS D 181 32.46 9.73 1.41
C LYS D 181 32.48 9.77 1.48
N ILE D 182 33.16 10.42 0.51
CA ILE D 182 34.31 9.83 -0.13
C ILE D 182 35.49 9.77 0.84
N GLN D 183 36.01 8.58 1.08
CA GLN D 183 37.23 8.40 1.91
C GLN D 183 38.49 8.36 1.06
N LYS D 184 38.40 7.86 -0.15
CA LYS D 184 39.54 7.67 -1.02
C LYS D 184 39.05 7.33 -2.42
N ILE D 185 39.81 7.79 -3.42
CA ILE D 185 39.59 7.45 -4.81
C ILE D 185 40.89 6.83 -5.38
N GLU D 186 40.78 5.65 -6.01
CA GLU D 186 41.88 5.00 -6.70
C GLU D 186 41.58 4.83 -8.18
N GLU D 187 42.59 5.05 -9.01
CA GLU D 187 42.56 4.63 -10.37
C GLU D 187 42.73 3.10 -10.41
N LEU D 188 41.99 2.46 -11.30
CA LEU D 188 42.18 1.01 -11.55
C LEU D 188 43.64 0.74 -11.85
N ALA D 189 44.17 -0.27 -11.16
CA ALA D 189 45.52 -0.79 -11.45
C ALA D 189 45.45 -2.27 -11.82
N GLY D 190 46.59 -2.82 -12.26
CA GLY D 190 46.71 -4.26 -12.54
C GLY D 190 46.36 -4.63 -13.98
N ASN D 191 46.04 -5.91 -14.21
CA ASN D 191 46.09 -6.48 -15.54
C ASN D 191 44.72 -6.52 -16.20
N ALA D 192 43.61 -6.19 -15.50
CA ALA D 192 42.32 -6.08 -16.20
C ALA D 192 42.41 -4.91 -17.20
N GLN D 193 41.98 -5.13 -18.45
CA GLN D 193 42.16 -4.12 -19.51
C GLN D 193 40.95 -3.22 -19.69
N HIS D 194 39.77 -3.68 -19.21
CA HIS D 194 38.49 -2.92 -19.35
C HIS D 194 37.56 -3.45 -18.26
N ILE D 195 36.85 -2.56 -17.56
CA ILE D 195 36.00 -2.96 -16.49
C ILE D 195 34.64 -2.29 -16.69
N GLU D 196 33.60 -3.10 -16.64
CA GLU D 196 32.21 -2.66 -16.59
C GLU D 196 31.46 -3.52 -15.57
N GLU D 197 30.47 -2.91 -14.93
CA GLU D 197 29.36 -3.63 -14.28
C GLU D 197 29.83 -4.71 -13.33
N CYS D 198 30.64 -4.36 -12.34
CA CYS D 198 31.22 -5.30 -11.43
C CYS D 198 30.13 -5.92 -10.52
N SER D 199 30.26 -7.22 -10.30
CA SER D 199 29.45 -7.97 -9.37
C SER D 199 30.30 -8.35 -8.18
N CYS D 200 30.02 -7.86 -6.97
CA CYS D 200 30.97 -7.92 -5.90
C CYS D 200 30.37 -8.69 -4.69
N TYR D 201 31.23 -9.35 -3.91
CA TYR D 201 30.81 -9.91 -2.66
C TYR D 201 32.00 -9.92 -1.74
N GLY D 202 31.73 -10.12 -0.45
CA GLY D 202 32.76 -10.11 0.54
C GLY D 202 32.81 -11.41 1.30
N ALA D 203 34.02 -11.80 1.74
CA ALA D 203 34.26 -12.96 2.61
C ALA D 203 35.65 -12.87 3.16
N GLY D 204 35.79 -13.22 4.45
CA GLY D 204 37.12 -13.25 5.08
C GLY D 204 37.92 -12.01 4.85
N GLY D 205 37.28 -10.84 5.00
CA GLY D 205 37.89 -9.55 4.97
C GLY D 205 38.28 -9.07 3.58
N VAL D 206 37.90 -9.79 2.55
CA VAL D 206 38.28 -9.48 1.17
C VAL D 206 37.02 -9.24 0.37
N ILE D 207 36.99 -8.21 -0.51
CA ILE D 207 35.96 -8.01 -1.43
C ILE D 207 36.42 -8.36 -2.84
N LYS D 208 35.66 -9.18 -3.54
CA LYS D 208 36.00 -9.65 -4.87
C LYS D 208 34.92 -9.15 -5.79
N CYS D 209 35.31 -8.54 -6.90
CA CYS D 209 34.44 -7.99 -7.90
C CYS D 209 34.71 -8.66 -9.22
N ILE D 210 33.71 -9.29 -9.85
CA ILE D 210 33.86 -10.05 -11.07
C ILE D 210 33.07 -9.25 -12.11
N CYS D 211 33.76 -8.79 -13.14
CA CYS D 211 33.24 -7.75 -13.93
C CYS D 211 33.06 -8.20 -15.38
N ARG D 212 32.89 -7.22 -16.25
CA ARG D 212 32.62 -7.37 -17.70
C ARG D 212 33.65 -6.56 -18.49
N ASP D 213 34.51 -7.26 -19.22
CA ASP D 213 35.50 -6.59 -20.15
C ASP D 213 34.77 -6.44 -21.44
N ASN D 214 34.32 -5.23 -21.75
CA ASN D 214 33.49 -5.02 -22.94
C ASN D 214 34.37 -4.70 -24.14
N TRP D 215 35.70 -4.69 -23.98
CA TRP D 215 36.61 -4.30 -25.05
C TRP D 215 37.21 -5.56 -25.72
N LYS D 216 37.80 -6.42 -24.92
CA LYS D 216 38.52 -7.56 -25.44
C LYS D 216 38.02 -8.89 -24.88
N GLY D 217 38.14 -9.08 -23.58
CA GLY D 217 38.07 -10.42 -22.98
C GLY D 217 36.67 -11.04 -22.92
N ALA D 218 36.59 -12.34 -23.24
CA ALA D 218 35.45 -13.20 -22.96
C ALA D 218 35.67 -13.92 -21.62
N ASN D 219 36.88 -13.89 -21.09
CA ASN D 219 37.10 -14.17 -19.69
C ASN D 219 36.78 -12.88 -18.92
N ARG D 220 36.35 -13.05 -17.67
CA ARG D 220 35.92 -11.91 -16.88
C ARG D 220 37.05 -11.38 -16.01
N PRO D 221 37.23 -10.04 -15.96
CA PRO D 221 38.13 -9.42 -15.00
C PRO D 221 37.71 -9.65 -13.56
N VAL D 222 38.69 -9.71 -12.66
CA VAL D 222 38.45 -9.88 -11.27
C VAL D 222 39.26 -8.82 -10.55
N ILE D 223 38.58 -7.95 -9.79
CA ILE D 223 39.19 -6.94 -8.96
C ILE D 223 39.16 -7.44 -7.51
N THR D 224 40.30 -7.43 -6.83
CA THR D 224 40.33 -7.90 -5.42
C THR D 224 40.62 -6.69 -4.54
N ILE D 225 39.71 -6.39 -3.64
CA ILE D 225 39.74 -5.12 -2.82
C ILE D 225 39.99 -5.44 -1.35
N ASP D 226 40.93 -4.72 -0.79
CA ASP D 226 41.26 -4.72 0.64
C ASP D 226 40.52 -3.48 1.17
N PRO D 227 39.36 -3.64 1.86
CA PRO D 227 38.54 -2.50 2.25
C PRO D 227 39.11 -1.80 3.49
N GLU D 228 40.10 -2.36 4.14
CA GLU D 228 40.75 -1.67 5.29
C GLU D 228 41.89 -0.76 4.82
N MET D 229 42.75 -1.30 3.97
CA MET D 229 43.85 -0.49 3.40
C MET D 229 43.30 0.40 2.28
N MET D 230 42.15 0.00 1.76
N MET D 230 42.14 -0.02 1.73
CA MET D 230 41.54 0.70 0.61
CA MET D 230 41.48 0.67 0.60
C MET D 230 42.48 0.63 -0.59
C MET D 230 42.38 0.59 -0.64
N THR D 231 42.90 -0.61 -0.89
CA THR D 231 43.72 -0.87 -2.08
C THR D 231 43.19 -2.07 -2.84
N HIS D 232 43.65 -2.24 -4.06
CA HIS D 232 43.18 -3.34 -4.85
C HIS D 232 44.24 -3.85 -5.81
N THR D 233 43.93 -4.99 -6.44
CA THR D 233 44.66 -5.56 -7.56
C THR D 233 43.61 -5.98 -8.59
N SER D 234 44.04 -6.22 -9.83
CA SER D 234 43.12 -6.72 -10.84
C SER D 234 43.86 -7.67 -11.77
N LYS D 235 43.09 -8.64 -12.25
CA LYS D 235 43.55 -9.60 -13.34
C LYS D 235 42.30 -10.22 -13.96
N TYR D 236 42.41 -11.35 -14.63
CA TYR D 236 41.28 -12.04 -15.16
C TYR D 236 41.10 -13.36 -14.41
N LEU D 237 39.86 -13.84 -14.38
CA LEU D 237 39.59 -15.21 -14.06
CA LEU D 237 39.59 -15.22 -14.03
C LEU D 237 40.52 -16.14 -14.82
N CYS D 238 41.24 -17.04 -14.15
CA CYS D 238 42.23 -17.93 -14.79
C CYS D 238 41.56 -18.96 -15.70
N SER D 239 40.42 -19.47 -15.26
CA SER D 239 39.81 -20.68 -15.82
C SER D 239 39.61 -20.55 -17.33
N LYS D 240 39.83 -21.67 -17.99
CA LYS D 240 39.47 -21.83 -19.42
C LYS D 240 37.95 -21.76 -19.66
N VAL D 241 37.15 -21.88 -18.61
CA VAL D 241 35.73 -21.81 -18.76
C VAL D 241 35.39 -20.34 -18.90
N LEU D 242 35.06 -19.91 -20.14
CA LEU D 242 34.83 -18.49 -20.37
C LEU D 242 33.39 -18.14 -19.98
N THR D 243 33.16 -16.98 -19.37
CA THR D 243 31.84 -16.70 -18.82
C THR D 243 31.24 -15.37 -19.22
N ASP D 244 31.84 -14.65 -20.20
CA ASP D 244 31.18 -13.51 -20.74
C ASP D 244 30.32 -13.99 -21.92
N THR D 245 29.52 -13.10 -22.48
CA THR D 245 28.77 -13.34 -23.68
C THR D 245 28.79 -12.09 -24.54
N SER D 246 29.13 -12.22 -25.84
CA SER D 246 29.51 -13.42 -26.54
C SER D 246 30.93 -13.90 -26.22
N ARG D 247 31.20 -15.17 -26.53
CA ARG D 247 32.48 -15.79 -26.23
C ARG D 247 32.73 -16.85 -27.26
N PRO D 248 34.01 -17.18 -27.49
CA PRO D 248 34.37 -18.31 -28.35
C PRO D 248 34.21 -19.58 -27.51
N ASN D 249 34.47 -20.74 -28.16
CA ASN D 249 34.58 -21.98 -27.40
C ASN D 249 35.68 -21.83 -26.33
N ASP D 250 35.51 -22.52 -25.23
CA ASP D 250 36.48 -22.50 -24.18
C ASP D 250 37.78 -23.07 -24.75
N PRO D 251 38.92 -22.38 -24.53
CA PRO D 251 40.21 -22.88 -25.00
C PRO D 251 40.78 -23.99 -24.12
N THR D 252 41.89 -24.56 -24.57
CA THR D 252 42.57 -25.53 -23.75
C THR D 252 42.95 -24.95 -22.38
N ASN D 253 43.49 -23.72 -22.33
CA ASN D 253 43.81 -23.08 -21.13
C ASN D 253 43.25 -21.64 -21.12
N GLY D 254 42.92 -21.14 -19.93
CA GLY D 254 42.59 -19.77 -19.79
C GLY D 254 43.84 -18.93 -19.64
N ASN D 255 43.62 -17.69 -19.22
CA ASN D 255 44.72 -16.76 -19.01
C ASN D 255 44.34 -15.82 -17.88
N CYS D 256 45.21 -15.87 -16.85
N CYS D 256 45.08 -15.81 -16.77
CA CYS D 256 45.00 -15.12 -15.63
CA CYS D 256 44.60 -14.85 -15.75
C CYS D 256 45.35 -13.64 -15.78
C CYS D 256 45.10 -13.44 -16.02
N ASP D 257 46.15 -13.28 -16.80
CA ASP D 257 46.74 -11.93 -16.84
C ASP D 257 46.45 -11.18 -18.14
N ALA D 258 45.58 -11.70 -18.99
CA ALA D 258 45.24 -11.04 -20.22
C ALA D 258 43.93 -11.58 -20.73
N PRO D 259 43.23 -10.78 -21.57
CA PRO D 259 41.97 -11.24 -22.10
C PRO D 259 42.10 -12.39 -23.09
N ILE D 260 41.13 -13.27 -23.06
CA ILE D 260 40.94 -14.26 -24.10
C ILE D 260 39.86 -13.68 -25.01
N THR D 261 40.20 -13.44 -26.27
CA THR D 261 39.33 -12.71 -27.16
C THR D 261 38.56 -13.69 -28.02
N GLY D 262 37.60 -13.09 -28.69
CA GLY D 262 36.80 -13.80 -29.67
C GLY D 262 35.33 -13.78 -29.26
N GLY D 263 34.54 -14.51 -30.07
CA GLY D 263 33.14 -14.56 -29.92
C GLY D 263 32.39 -13.49 -30.71
N SER D 264 31.12 -13.73 -30.97
CA SER D 264 30.31 -12.91 -31.83
C SER D 264 28.84 -13.08 -31.47
N PRO D 265 28.01 -12.05 -31.51
CA PRO D 265 28.28 -10.73 -32.07
C PRO D 265 28.39 -9.64 -31.02
N ASP D 266 28.26 -10.02 -29.74
CA ASP D 266 28.16 -8.98 -28.66
C ASP D 266 29.38 -8.94 -27.77
N PRO D 267 29.77 -7.74 -27.32
CA PRO D 267 31.01 -7.59 -26.54
C PRO D 267 31.01 -7.95 -25.07
N GLY D 268 29.83 -8.20 -24.50
CA GLY D 268 29.79 -8.50 -23.07
C GLY D 268 28.38 -8.52 -22.52
N VAL D 269 28.30 -9.05 -21.31
CA VAL D 269 27.12 -9.02 -20.50
C VAL D 269 27.58 -8.94 -19.05
N LYS D 270 26.80 -8.26 -18.17
CA LYS D 270 27.14 -8.28 -16.77
C LYS D 270 26.99 -9.73 -16.22
N GLY D 271 27.98 -10.20 -15.43
CA GLY D 271 27.93 -11.51 -14.80
C GLY D 271 28.64 -11.53 -13.49
N PHE D 272 28.99 -12.74 -13.01
CA PHE D 272 29.45 -12.88 -11.63
C PHE D 272 30.10 -14.23 -11.47
N ALA D 273 30.81 -14.37 -10.36
CA ALA D 273 31.29 -15.62 -9.90
C ALA D 273 31.58 -15.54 -8.41
N PHE D 274 31.57 -16.73 -7.75
CA PHE D 274 32.07 -16.84 -6.36
C PHE D 274 33.35 -17.67 -6.43
N LEU D 275 34.41 -17.13 -5.83
CA LEU D 275 35.75 -17.66 -5.99
C LEU D 275 36.30 -18.00 -4.61
N ASP D 276 36.45 -19.27 -4.31
CA ASP D 276 36.79 -19.71 -3.00
C ASP D 276 37.45 -21.10 -3.11
N GLY D 277 38.60 -21.15 -3.80
CA GLY D 277 39.33 -22.40 -4.03
C GLY D 277 38.45 -23.47 -4.65
N GLU D 278 38.51 -24.75 -4.10
N GLU D 278 38.55 -24.69 -4.01
CA GLU D 278 37.48 -25.75 -4.70
CA GLU D 278 37.58 -25.74 -4.43
C GLU D 278 36.01 -25.12 -4.82
C GLU D 278 36.14 -25.14 -4.73
N ASN D 279 35.72 -24.28 -3.69
CA ASN D 279 34.27 -23.89 -3.53
C ASN D 279 33.98 -22.75 -4.49
N SER D 280 34.27 -22.95 -5.78
CA SER D 280 34.17 -21.83 -6.73
C SER D 280 33.07 -22.16 -7.75
N TRP D 281 32.20 -21.16 -7.99
CA TRP D 281 31.12 -21.28 -8.92
C TRP D 281 31.11 -20.13 -9.92
N LEU D 282 30.93 -20.49 -11.19
CA LEU D 282 30.85 -19.55 -12.28
C LEU D 282 29.46 -19.60 -12.89
N GLY D 283 28.84 -18.42 -13.05
CA GLY D 283 27.62 -18.34 -13.86
C GLY D 283 27.98 -17.98 -15.28
N ARG D 284 27.13 -18.42 -16.23
CA ARG D 284 27.21 -17.88 -17.59
C ARG D 284 25.94 -18.21 -18.33
N THR D 285 25.70 -17.50 -19.41
CA THR D 285 24.62 -17.87 -20.33
C THR D 285 24.93 -19.21 -20.97
N ILE D 286 23.92 -20.00 -21.27
CA ILE D 286 24.19 -21.27 -21.88
C ILE D 286 24.68 -21.04 -23.31
N SER D 287 24.00 -20.17 -24.03
CA SER D 287 24.48 -19.82 -25.38
C SER D 287 25.81 -19.09 -25.24
N LYS D 288 26.70 -19.31 -26.19
N LYS D 288 26.71 -19.30 -26.21
CA LYS D 288 28.00 -18.59 -26.20
CA LYS D 288 28.00 -18.58 -26.22
C LYS D 288 27.84 -17.31 -27.02
C LYS D 288 27.82 -17.29 -27.00
N ASP D 289 26.73 -17.18 -27.76
CA ASP D 289 26.50 -16.01 -28.62
C ASP D 289 25.49 -15.02 -28.02
N SER D 290 24.38 -15.50 -27.48
N SER D 290 24.38 -15.52 -27.49
CA SER D 290 23.25 -14.68 -27.10
CA SER D 290 23.27 -14.64 -27.09
C SER D 290 22.93 -14.84 -25.60
C SER D 290 22.91 -14.84 -25.62
N ARG D 291 22.14 -13.89 -25.08
CA ARG D 291 21.72 -13.89 -23.73
C ARG D 291 20.54 -14.86 -23.56
N SER D 292 20.89 -16.15 -23.71
N SER D 292 20.85 -16.15 -23.71
CA SER D 292 19.96 -17.29 -23.70
CA SER D 292 19.84 -17.18 -23.56
C SER D 292 20.44 -18.34 -22.70
C SER D 292 20.38 -18.36 -22.78
N GLY D 293 19.49 -18.80 -21.88
CA GLY D 293 19.81 -19.79 -20.86
C GLY D 293 20.70 -19.23 -19.79
N TYR D 294 20.82 -19.97 -18.69
CA TYR D 294 21.76 -19.59 -17.68
C TYR D 294 22.14 -20.86 -16.92
N GLU D 295 23.44 -21.02 -16.67
CA GLU D 295 23.95 -22.21 -15.99
C GLU D 295 24.94 -21.81 -14.91
N MET D 296 24.96 -22.57 -13.80
CA MET D 296 25.97 -22.44 -12.77
C MET D 296 26.94 -23.62 -12.90
N LEU D 297 28.24 -23.36 -12.91
CA LEU D 297 29.24 -24.39 -13.07
C LEU D 297 30.16 -24.34 -11.87
N LYS D 298 30.42 -25.49 -11.26
CA LYS D 298 31.33 -25.53 -10.16
C LYS D 298 32.70 -25.81 -10.75
N VAL D 299 33.59 -24.84 -10.60
CA VAL D 299 34.89 -24.88 -11.26
C VAL D 299 35.97 -24.66 -10.22
N PRO D 300 36.41 -25.75 -9.60
CA PRO D 300 37.41 -25.64 -8.55
C PRO D 300 38.62 -24.82 -9.06
N ASN D 301 39.07 -23.91 -8.21
CA ASN D 301 40.25 -23.08 -8.44
C ASN D 301 40.12 -22.23 -9.70
N ALA D 302 38.90 -21.93 -10.11
CA ALA D 302 38.70 -21.05 -11.34
C ALA D 302 39.55 -19.78 -11.22
N GLU D 303 39.77 -19.28 -10.01
CA GLU D 303 40.51 -18.03 -9.85
C GLU D 303 41.99 -18.16 -10.14
N THR D 304 42.56 -19.36 -9.98
CA THR D 304 44.06 -19.55 -9.94
C THR D 304 44.58 -20.51 -11.02
N ASP D 305 43.75 -21.41 -11.53
CA ASP D 305 44.20 -22.47 -12.34
C ASP D 305 43.66 -22.35 -13.77
N ILE D 306 44.56 -22.11 -14.74
CA ILE D 306 44.12 -21.92 -16.11
C ILE D 306 43.59 -23.21 -16.76
N GLN D 307 43.75 -24.37 -16.11
CA GLN D 307 43.25 -25.61 -16.68
C GLN D 307 41.97 -26.04 -15.99
N SER D 308 41.49 -25.24 -15.04
CA SER D 308 40.31 -25.64 -14.30
C SER D 308 39.04 -25.70 -15.19
N GLY D 309 38.26 -26.80 -15.02
CA GLY D 309 37.03 -26.97 -15.70
C GLY D 309 35.93 -27.43 -14.75
N PRO D 310 34.72 -27.58 -15.25
CA PRO D 310 33.58 -27.83 -14.36
C PRO D 310 33.53 -29.25 -13.80
N ILE D 311 33.10 -29.37 -12.53
CA ILE D 311 32.86 -30.70 -11.95
C ILE D 311 31.40 -30.92 -11.65
N SER D 312 30.58 -29.88 -11.77
CA SER D 312 29.18 -30.02 -11.64
C SER D 312 28.50 -28.82 -12.26
N ASN D 313 27.22 -28.96 -12.55
CA ASN D 313 26.48 -27.92 -13.17
C ASN D 313 25.03 -27.92 -12.71
N GLN D 314 24.43 -26.74 -12.72
CA GLN D 314 22.99 -26.65 -12.52
C GLN D 314 22.40 -25.66 -13.53
N VAL D 315 21.42 -26.12 -14.31
CA VAL D 315 20.77 -25.22 -15.23
C VAL D 315 19.79 -24.38 -14.41
N ILE D 316 19.89 -23.07 -14.58
CA ILE D 316 19.02 -22.11 -13.87
C ILE D 316 17.87 -21.67 -14.80
N VAL D 317 18.22 -21.41 -16.06
CA VAL D 317 17.28 -21.02 -17.10
C VAL D 317 17.60 -21.85 -18.32
N ASN D 318 16.61 -22.58 -18.87
CA ASN D 318 16.98 -23.44 -19.99
C ASN D 318 17.32 -22.59 -21.25
N ASN D 319 17.99 -23.21 -22.20
CA ASN D 319 18.51 -22.44 -23.33
C ASN D 319 17.42 -22.19 -24.39
N GLN D 320 16.15 -22.46 -24.08
CA GLN D 320 15.06 -22.07 -24.94
C GLN D 320 14.40 -20.81 -24.38
N ASN D 321 15.04 -20.19 -23.42
CA ASN D 321 14.47 -18.99 -22.75
C ASN D 321 15.54 -17.92 -22.60
N TRP D 322 15.09 -16.67 -22.60
CA TRP D 322 15.98 -15.54 -22.52
C TRP D 322 16.48 -15.32 -21.10
N SER D 323 17.78 -14.97 -20.98
CA SER D 323 18.36 -14.56 -19.70
C SER D 323 18.73 -13.07 -19.85
N GLY D 324 19.93 -12.70 -19.45
CA GLY D 324 20.24 -11.27 -19.27
C GLY D 324 21.37 -11.14 -18.30
N TYR D 325 21.44 -10.00 -17.66
CA TYR D 325 22.41 -9.75 -16.61
C TYR D 325 22.28 -10.76 -15.49
N SER D 326 23.41 -10.92 -14.77
CA SER D 326 23.39 -11.68 -13.57
C SER D 326 24.37 -11.04 -12.59
N GLY D 327 24.15 -11.25 -11.30
CA GLY D 327 24.96 -10.57 -10.29
C GLY D 327 24.91 -11.27 -8.97
N ALA D 328 25.89 -10.94 -8.15
CA ALA D 328 26.09 -11.50 -6.81
C ALA D 328 25.41 -10.63 -5.74
N PHE D 329 24.90 -11.29 -4.71
CA PHE D 329 24.56 -10.67 -3.48
C PHE D 329 24.63 -11.70 -2.38
N ILE D 330 24.76 -11.25 -1.14
CA ILE D 330 24.75 -12.12 0.03
C ILE D 330 23.93 -11.48 1.14
N ASP D 331 23.16 -12.30 1.82
CA ASP D 331 22.54 -11.87 3.00
C ASP D 331 23.57 -11.95 4.14
N TYR D 332 24.36 -10.87 4.29
CA TYR D 332 25.40 -10.81 5.29
C TYR D 332 24.91 -10.83 6.73
N TRP D 333 23.58 -10.72 6.94
CA TRP D 333 22.97 -10.64 8.27
C TRP D 333 22.22 -11.92 8.59
N ALA D 334 22.42 -12.98 7.78
CA ALA D 334 21.79 -14.30 8.08
C ALA D 334 22.35 -14.84 9.40
N ASN D 335 21.61 -15.77 10.05
CA ASN D 335 22.01 -16.42 11.30
C ASN D 335 22.79 -17.66 10.90
N LYS D 336 23.97 -17.47 10.32
CA LYS D 336 24.85 -18.54 9.87
CA LYS D 336 24.85 -18.61 10.03
C LYS D 336 26.27 -18.19 10.29
N GLU D 337 27.17 -19.18 10.37
CA GLU D 337 28.56 -18.91 10.71
C GLU D 337 29.37 -18.62 9.43
N CYS D 338 28.73 -18.71 8.27
CA CYS D 338 29.35 -18.41 7.01
C CYS D 338 28.43 -17.50 6.22
N PHE D 339 29.00 -16.83 5.23
CA PHE D 339 28.24 -16.03 4.33
C PHE D 339 27.83 -16.87 3.11
N ASN D 340 26.53 -16.97 2.84
CA ASN D 340 26.06 -17.89 1.85
C ASN D 340 25.87 -17.20 0.51
N PRO D 341 26.62 -17.59 -0.55
CA PRO D 341 26.41 -16.98 -1.86
C PRO D 341 24.98 -16.97 -2.39
N CYS D 342 24.55 -15.83 -2.96
CA CYS D 342 23.31 -15.77 -3.71
C CYS D 342 23.59 -15.09 -5.06
N PHE D 343 22.70 -15.27 -6.00
CA PHE D 343 22.77 -14.54 -7.26
C PHE D 343 21.39 -14.35 -7.82
N TYR D 344 21.29 -13.45 -8.79
CA TYR D 344 20.07 -13.26 -9.54
C TYR D 344 20.38 -13.36 -11.02
N VAL D 345 19.33 -13.64 -11.80
CA VAL D 345 19.37 -13.59 -13.24
C VAL D 345 18.24 -12.65 -13.67
N GLU D 346 18.61 -11.69 -14.51
CA GLU D 346 17.70 -10.79 -15.15
C GLU D 346 17.15 -11.54 -16.36
N LEU D 347 15.82 -11.68 -16.46
CA LEU D 347 15.17 -12.43 -17.56
C LEU D 347 14.57 -11.38 -18.50
N ILE D 348 15.31 -11.04 -19.58
CA ILE D 348 14.95 -9.93 -20.44
C ILE D 348 13.91 -10.39 -21.43
N ARG D 349 12.85 -9.62 -21.53
CA ARG D 349 11.82 -9.87 -22.50
C ARG D 349 11.71 -8.66 -23.43
N GLY D 350 11.20 -8.90 -24.65
CA GLY D 350 11.04 -7.84 -25.59
C GLY D 350 12.32 -7.57 -26.36
N ARG D 351 12.53 -6.30 -26.75
N ARG D 351 12.54 -6.30 -26.74
CA ARG D 351 13.58 -5.98 -27.73
CA ARG D 351 13.59 -5.98 -27.72
C ARG D 351 14.96 -6.14 -27.12
C ARG D 351 14.98 -6.11 -27.11
N PRO D 352 16.00 -6.47 -27.92
CA PRO D 352 15.87 -6.71 -29.35
C PRO D 352 15.49 -8.11 -29.77
N LYS D 353 15.58 -9.08 -28.86
CA LYS D 353 15.39 -10.46 -29.32
C LYS D 353 13.95 -10.78 -29.70
N GLU D 354 12.97 -10.08 -29.09
CA GLU D 354 11.57 -10.29 -29.35
C GLU D 354 11.00 -8.99 -29.92
N SER D 355 11.08 -8.89 -31.24
N SER D 355 11.08 -8.81 -31.23
CA SER D 355 10.80 -7.66 -31.94
CA SER D 355 10.71 -7.51 -31.76
C SER D 355 9.29 -7.44 -32.20
C SER D 355 9.26 -7.46 -32.26
N SER D 356 8.41 -8.40 -31.81
CA SER D 356 6.97 -8.27 -32.03
C SER D 356 6.31 -7.32 -31.02
N VAL D 357 7.07 -6.84 -30.06
CA VAL D 357 6.63 -5.80 -29.11
C VAL D 357 7.56 -4.61 -29.22
N LEU D 358 7.10 -3.48 -28.72
CA LEU D 358 7.85 -2.20 -28.85
C LEU D 358 8.74 -1.92 -27.63
N TRP D 359 8.69 -2.78 -26.61
CA TRP D 359 9.30 -2.50 -25.34
C TRP D 359 10.41 -3.52 -25.05
N THR D 360 11.16 -3.16 -24.01
CA THR D 360 12.15 -4.04 -23.41
C THR D 360 11.94 -3.96 -21.91
N SER D 361 11.79 -5.11 -21.27
CA SER D 361 11.75 -5.17 -19.81
C SER D 361 12.37 -6.48 -19.32
N ASN D 362 12.12 -6.79 -18.06
CA ASN D 362 12.66 -8.01 -17.51
C ASN D 362 11.83 -8.47 -16.31
N SER D 363 12.01 -9.74 -15.95
CA SER D 363 11.66 -10.19 -14.59
C SER D 363 12.93 -10.69 -13.88
N ILE D 364 12.80 -11.13 -12.63
CA ILE D 364 13.92 -11.53 -11.79
C ILE D 364 13.71 -12.95 -11.27
N VAL D 365 14.77 -13.73 -11.24
CA VAL D 365 14.87 -14.91 -10.36
C VAL D 365 16.14 -14.77 -9.54
N ALA D 366 16.09 -15.26 -8.33
CA ALA D 366 17.25 -15.26 -7.42
C ALA D 366 17.32 -16.61 -6.71
N LEU D 367 18.58 -17.06 -6.50
CA LEU D 367 18.86 -18.35 -5.85
C LEU D 367 20.04 -18.17 -4.89
N CYS D 368 20.12 -19.02 -3.87
CA CYS D 368 21.22 -18.99 -2.95
C CYS D 368 21.80 -20.39 -2.82
N GLY D 369 23.00 -20.47 -2.21
CA GLY D 369 23.68 -21.75 -2.12
C GLY D 369 22.96 -22.71 -1.17
N SER D 370 23.18 -23.99 -1.43
CA SER D 370 22.85 -25.06 -0.52
C SER D 370 24.03 -26.04 -0.43
N LYS D 371 24.32 -26.55 0.76
CA LYS D 371 25.29 -27.65 0.89
C LYS D 371 24.72 -28.97 0.40
N LYS D 372 23.39 -29.08 0.34
CA LYS D 372 22.76 -30.27 -0.15
C LYS D 372 22.86 -30.36 -1.67
N ARG D 373 22.43 -31.53 -2.17
CA ARG D 373 22.38 -31.79 -3.63
C ARG D 373 20.91 -31.69 -4.06
N LEU D 374 20.45 -30.48 -4.35
CA LEU D 374 19.08 -30.24 -4.66
C LEU D 374 18.85 -30.42 -6.15
N GLY D 375 17.68 -30.90 -6.49
CA GLY D 375 17.22 -30.93 -7.83
C GLY D 375 16.98 -29.57 -8.39
N SER D 376 16.96 -29.51 -9.71
CA SER D 376 16.76 -28.25 -10.30
C SER D 376 15.71 -28.28 -11.41
N TRP D 377 15.09 -27.13 -11.67
N TRP D 377 15.41 -27.03 -11.77
CA TRP D 377 14.43 -26.90 -12.95
CA TRP D 377 14.34 -26.61 -12.59
C TRP D 377 14.63 -25.44 -13.39
C TRP D 377 14.77 -25.40 -13.42
N SER D 378 14.17 -25.17 -14.60
CA SER D 378 14.34 -23.90 -15.27
C SER D 378 13.37 -22.86 -14.64
N TRP D 379 13.91 -21.73 -14.27
CA TRP D 379 13.16 -20.59 -13.73
C TRP D 379 13.08 -19.45 -14.74
N HIS D 380 12.61 -19.78 -15.93
CA HIS D 380 12.45 -18.80 -17.04
C HIS D 380 11.31 -17.82 -16.68
N ASP D 381 11.26 -16.74 -17.45
CA ASP D 381 10.34 -15.66 -17.18
C ASP D 381 8.89 -16.12 -17.10
N GLY D 382 8.42 -16.86 -18.11
CA GLY D 382 7.10 -17.49 -18.14
C GLY D 382 5.99 -16.72 -18.83
N ALA D 383 6.29 -15.53 -19.38
CA ALA D 383 5.29 -14.79 -20.12
C ALA D 383 5.24 -15.25 -21.58
N GLU D 384 4.05 -15.13 -22.15
N GLU D 384 4.03 -15.23 -22.13
CA GLU D 384 3.74 -15.48 -23.51
CA GLU D 384 3.81 -15.49 -23.51
C GLU D 384 3.78 -14.20 -24.32
C GLU D 384 3.88 -14.15 -24.22
N ILE D 385 4.84 -14.03 -25.15
CA ILE D 385 4.97 -12.79 -25.88
C ILE D 385 3.74 -12.56 -26.76
N ILE D 386 3.04 -13.62 -27.22
CA ILE D 386 1.87 -13.45 -28.10
C ILE D 386 0.78 -12.62 -27.41
N TYR D 387 0.71 -12.72 -26.06
CA TYR D 387 -0.33 -12.00 -25.39
C TYR D 387 -0.13 -10.49 -25.43
N PHE D 388 1.12 -10.09 -25.74
CA PHE D 388 1.51 -8.68 -25.81
C PHE D 388 1.44 -8.15 -27.24
N GLU D 389 1.12 -9.02 -28.18
CA GLU D 389 0.98 -8.60 -29.59
C GLU D 389 -0.43 -8.10 -29.81
#